data_6E9Z
#
_entry.id   6E9Z
#
_entity_poly.entity_id   1
_entity_poly.type   'polypeptide(L)'
_entity_poly.pdbx_seq_one_letter_code
;PEDELKRVEKLVKEAEALLIVAKIKGSKRDLEKALRTAEEAAREAVKVLVQALLEGDPEVALRAVELVVRVAELLLRIAK
ESGSREALLRALIVAEEAAKLAKMVLELAEKQGDPEVALRAVELVVRVAELLLRIAKESGSEEALERALRVAEEAARLAK
RVLELAEEQGDPLVAKMAVELVKRVAELLERIARESGSEEAKERAERVREEARELQERVKELRER
;
_entity_poly.pdbx_strand_id   B,A,C,F,D,H,G,E,I
#
# COMPACT_ATOMS: atom_id res chain seq x y z
N PRO A 1 -12.77 14.52 -16.94
CA PRO A 1 -12.16 15.57 -16.11
C PRO A 1 -10.97 16.25 -16.77
N GLU A 2 -10.19 16.97 -15.96
CA GLU A 2 -9.12 17.81 -16.51
C GLU A 2 -8.02 16.95 -17.11
N ASP A 3 -7.51 15.99 -16.36
CA ASP A 3 -6.42 15.15 -16.84
C ASP A 3 -6.83 14.28 -18.02
N GLU A 4 -8.12 14.01 -18.17
CA GLU A 4 -8.58 13.23 -19.32
C GLU A 4 -8.68 14.09 -20.56
N LEU A 5 -8.92 15.40 -20.41
CA LEU A 5 -8.91 16.30 -21.55
C LEU A 5 -7.49 16.59 -22.00
N LYS A 6 -6.54 16.64 -21.07
CA LYS A 6 -5.16 16.90 -21.44
C LYS A 6 -4.62 15.80 -22.35
N ARG A 7 -5.16 14.58 -22.24
CA ARG A 7 -4.79 13.55 -23.19
C ARG A 7 -5.35 13.83 -24.57
N VAL A 8 -6.52 14.46 -24.63
CA VAL A 8 -7.14 14.73 -25.92
C VAL A 8 -6.50 15.94 -26.58
N GLU A 9 -6.22 16.98 -25.79
CA GLU A 9 -5.47 18.11 -26.31
C GLU A 9 -4.10 17.68 -26.78
N LYS A 10 -3.51 16.72 -26.08
CA LYS A 10 -2.23 16.15 -26.51
C LYS A 10 -2.38 15.46 -27.86
N LEU A 11 -3.38 14.58 -28.00
CA LEU A 11 -3.61 13.91 -29.27
C LEU A 11 -3.86 14.89 -30.40
N VAL A 12 -4.63 15.94 -30.12
CA VAL A 12 -4.80 17.01 -31.10
C VAL A 12 -3.47 17.67 -31.37
N LYS A 13 -2.79 18.09 -30.30
CA LYS A 13 -1.53 18.81 -30.44
C LYS A 13 -0.46 17.97 -31.12
N GLU A 14 -0.54 16.64 -30.98
CA GLU A 14 0.36 15.74 -31.68
C GLU A 14 -0.02 15.54 -33.13
N ALA A 15 -1.08 16.19 -33.62
CA ALA A 15 -1.54 16.03 -34.99
C ALA A 15 -1.27 17.23 -35.87
N GLU A 16 -1.30 18.46 -35.35
CA GLU A 16 -0.81 19.56 -36.15
C GLU A 16 0.66 19.39 -36.45
N ALA A 17 1.41 18.83 -35.50
CA ALA A 17 2.83 18.56 -35.73
C ALA A 17 3.02 17.64 -36.93
N LEU A 18 2.34 16.49 -36.91
CA LEU A 18 2.39 15.58 -38.04
C LEU A 18 1.91 16.20 -39.33
N LEU A 19 1.10 17.26 -39.24
CA LEU A 19 0.63 17.93 -40.45
C LEU A 19 1.69 18.87 -41.01
N ILE A 20 2.28 19.72 -40.16
CA ILE A 20 3.23 20.70 -40.66
C ILE A 20 4.47 20.01 -41.20
N VAL A 21 4.92 18.93 -40.56
CA VAL A 21 6.05 18.19 -41.09
C VAL A 21 5.66 17.52 -42.40
N ALA A 22 4.38 17.21 -42.57
CA ALA A 22 3.90 16.66 -43.82
C ALA A 22 3.72 17.73 -44.89
N LYS A 23 3.51 18.97 -44.49
CA LYS A 23 3.47 20.07 -45.46
C LYS A 23 4.87 20.47 -45.87
N ILE A 24 5.82 20.39 -44.94
CA ILE A 24 7.22 20.60 -45.26
C ILE A 24 7.73 19.48 -46.15
N LYS A 25 7.73 18.25 -45.63
CA LYS A 25 8.35 17.12 -46.29
C LYS A 25 7.51 16.56 -47.43
N GLY A 26 6.24 16.92 -47.54
CA GLY A 26 5.39 16.34 -48.54
C GLY A 26 5.03 14.90 -48.32
N SER A 27 5.42 14.30 -47.20
CA SER A 27 5.14 12.89 -46.96
C SER A 27 3.65 12.65 -46.80
N LYS A 28 3.21 11.47 -47.23
CA LYS A 28 1.86 11.00 -47.04
C LYS A 28 1.76 9.92 -45.98
N ARG A 29 2.88 9.42 -45.46
CA ARG A 29 2.85 8.55 -44.30
C ARG A 29 2.30 9.28 -43.09
N ASP A 30 2.47 10.60 -43.04
CA ASP A 30 2.18 11.37 -41.84
C ASP A 30 0.74 11.88 -41.81
N LEU A 31 0.21 12.33 -42.93
CA LEU A 31 -1.22 12.63 -43.02
C LEU A 31 -2.04 11.42 -42.60
N GLU A 32 -1.70 10.26 -43.16
CA GLU A 32 -2.34 9.01 -42.79
C GLU A 32 -2.13 8.66 -41.32
N LYS A 33 -1.14 9.28 -40.67
CA LYS A 33 -0.98 9.17 -39.23
C LYS A 33 -1.57 10.36 -38.48
N ALA A 34 -1.77 11.49 -39.15
CA ALA A 34 -2.42 12.64 -38.53
C ALA A 34 -3.92 12.46 -38.53
N LEU A 35 -4.48 12.14 -39.69
CA LEU A 35 -5.89 11.83 -39.82
C LEU A 35 -6.31 10.76 -38.82
N ARG A 36 -5.64 9.61 -38.87
CA ARG A 36 -5.91 8.54 -37.92
C ARG A 36 -5.61 8.93 -36.48
N THR A 37 -4.84 10.00 -36.26
CA THR A 37 -4.62 10.50 -34.91
C THR A 37 -5.66 11.52 -34.51
N ALA A 38 -6.17 12.31 -35.45
CA ALA A 38 -7.23 13.25 -35.11
C ALA A 38 -8.53 12.52 -34.82
N GLU A 39 -8.82 11.46 -35.57
CA GLU A 39 -10.01 10.66 -35.33
C GLU A 39 -10.04 10.09 -33.92
N GLU A 40 -8.87 9.72 -33.39
CA GLU A 40 -8.79 9.32 -31.99
C GLU A 40 -9.31 10.41 -31.07
N ALA A 41 -8.83 11.64 -31.27
CA ALA A 41 -9.24 12.74 -30.40
C ALA A 41 -10.72 13.03 -30.53
N ALA A 42 -11.29 12.80 -31.71
CA ALA A 42 -12.72 12.93 -31.89
C ALA A 42 -13.49 11.78 -31.26
N ARG A 43 -12.84 10.66 -31.00
CA ARG A 43 -13.44 9.52 -30.33
C ARG A 43 -13.11 9.45 -28.86
N GLU A 44 -11.97 10.00 -28.45
CA GLU A 44 -11.64 10.09 -27.04
C GLU A 44 -12.31 11.28 -26.36
N ALA A 45 -12.83 12.22 -27.14
CA ALA A 45 -13.54 13.35 -26.56
C ALA A 45 -14.98 12.98 -26.20
N VAL A 46 -15.63 12.18 -27.02
CA VAL A 46 -16.96 11.72 -26.68
C VAL A 46 -16.94 10.84 -25.44
N LYS A 47 -15.84 10.10 -25.23
CA LYS A 47 -15.71 9.31 -24.02
C LYS A 47 -15.66 10.18 -22.79
N VAL A 48 -15.24 11.44 -22.94
CA VAL A 48 -15.22 12.38 -21.84
C VAL A 48 -16.61 12.94 -21.59
N LEU A 49 -17.14 13.61 -22.61
CA LEU A 49 -18.47 14.20 -22.57
C LEU A 49 -19.50 13.22 -22.07
N VAL A 50 -19.47 11.98 -22.55
CA VAL A 50 -20.46 11.00 -22.14
C VAL A 50 -20.34 10.68 -20.67
N GLN A 51 -19.13 10.74 -20.11
CA GLN A 51 -19.00 10.60 -18.67
C GLN A 51 -19.52 11.82 -17.94
N ALA A 52 -19.45 12.99 -18.58
CA ALA A 52 -19.80 14.24 -17.94
C ALA A 52 -21.27 14.61 -18.12
N LEU A 53 -21.94 14.06 -19.12
CA LEU A 53 -23.37 14.25 -19.23
C LEU A 53 -24.14 13.43 -18.21
N LEU A 54 -23.53 12.37 -17.69
CA LEU A 54 -24.16 11.60 -16.63
C LEU A 54 -24.08 12.34 -15.32
N GLU A 55 -22.88 12.76 -14.94
CA GLU A 55 -22.74 13.75 -13.89
C GLU A 55 -23.35 15.07 -14.35
N GLY A 56 -23.52 15.98 -13.39
CA GLY A 56 -24.01 17.31 -13.68
C GLY A 56 -22.87 18.28 -13.86
N ASP A 57 -21.99 17.99 -14.82
CA ASP A 57 -20.78 18.78 -15.07
C ASP A 57 -20.79 19.24 -16.52
N PRO A 58 -21.57 20.27 -16.85
CA PRO A 58 -21.56 20.77 -18.22
C PRO A 58 -20.37 21.67 -18.51
N GLU A 59 -19.79 22.28 -17.48
CA GLU A 59 -18.59 23.09 -17.68
C GLU A 59 -17.45 22.28 -18.25
N VAL A 60 -17.43 20.97 -17.96
CA VAL A 60 -16.45 20.09 -18.57
C VAL A 60 -16.90 19.66 -19.96
N ALA A 61 -18.21 19.53 -20.16
CA ALA A 61 -18.72 19.10 -21.46
C ALA A 61 -18.35 20.09 -22.54
N LEU A 62 -18.55 21.37 -22.28
CA LEU A 62 -18.26 22.40 -23.26
C LEU A 62 -16.77 22.47 -23.57
N ARG A 63 -15.93 22.09 -22.62
CA ARG A 63 -14.50 22.01 -22.85
C ARG A 63 -14.10 20.75 -23.59
N ALA A 64 -15.05 19.87 -23.90
CA ALA A 64 -14.83 18.73 -24.78
C ALA A 64 -15.35 18.96 -26.17
N VAL A 65 -16.54 19.55 -26.28
CA VAL A 65 -17.08 19.86 -27.59
C VAL A 65 -16.23 20.91 -28.26
N GLU A 66 -15.66 21.83 -27.48
CA GLU A 66 -14.72 22.79 -28.02
C GLU A 66 -13.48 22.11 -28.60
N LEU A 67 -13.16 20.90 -28.14
CA LEU A 67 -12.05 20.16 -28.74
C LEU A 67 -12.48 19.49 -30.02
N VAL A 68 -13.68 18.93 -30.03
CA VAL A 68 -14.16 18.19 -31.18
C VAL A 68 -14.31 19.12 -32.38
N VAL A 69 -14.60 20.39 -32.12
CA VAL A 69 -14.64 21.38 -33.19
C VAL A 69 -13.24 21.69 -33.68
N ARG A 70 -12.26 21.71 -32.78
CA ARG A 70 -10.89 21.94 -33.21
C ARG A 70 -10.34 20.78 -34.01
N VAL A 71 -10.97 19.61 -33.93
CA VAL A 71 -10.59 18.48 -34.77
C VAL A 71 -11.21 18.61 -36.14
N ALA A 72 -12.41 19.17 -36.23
CA ALA A 72 -13.05 19.36 -37.52
C ALA A 72 -12.37 20.47 -38.30
N GLU A 73 -11.91 21.51 -37.62
CA GLU A 73 -11.03 22.49 -38.24
C GLU A 73 -9.75 21.84 -38.72
N LEU A 74 -9.19 20.95 -37.91
CA LEU A 74 -7.96 20.26 -38.26
C LEU A 74 -8.14 19.39 -39.49
N LEU A 75 -9.19 18.56 -39.48
CA LEU A 75 -9.44 17.64 -40.57
C LEU A 75 -9.83 18.34 -41.86
N LEU A 76 -10.13 19.62 -41.80
CA LEU A 76 -10.25 20.43 -43.00
C LEU A 76 -8.90 20.88 -43.53
N ARG A 77 -7.94 21.15 -42.63
CA ARG A 77 -6.61 21.55 -43.07
C ARG A 77 -5.83 20.42 -43.68
N ILE A 78 -6.31 19.18 -43.54
CA ILE A 78 -5.70 18.04 -44.20
C ILE A 78 -6.22 17.89 -45.61
N ALA A 79 -7.54 17.99 -45.77
CA ALA A 79 -8.14 17.85 -47.09
C ALA A 79 -7.62 18.89 -48.07
N LYS A 80 -7.35 20.11 -47.59
CA LYS A 80 -6.73 21.10 -48.46
C LYS A 80 -5.35 20.67 -48.90
N GLU A 81 -4.65 19.93 -48.03
CA GLU A 81 -3.30 19.47 -48.34
C GLU A 81 -3.35 18.26 -49.28
N SER A 82 -3.98 17.18 -48.83
CA SER A 82 -4.01 15.95 -49.62
C SER A 82 -4.88 16.11 -50.85
N GLY A 83 -5.99 16.83 -50.73
CA GLY A 83 -7.02 16.82 -51.74
C GLY A 83 -7.91 15.61 -51.69
N SER A 84 -7.83 14.81 -50.63
CA SER A 84 -8.61 13.60 -50.53
C SER A 84 -10.07 13.92 -50.25
N ARG A 85 -10.90 12.89 -50.38
CA ARG A 85 -12.31 12.95 -50.03
C ARG A 85 -12.64 12.04 -48.85
N GLU A 86 -11.68 11.29 -48.32
CA GLU A 86 -11.91 10.46 -47.15
C GLU A 86 -11.55 11.17 -45.85
N ALA A 87 -10.83 12.29 -45.93
CA ALA A 87 -10.59 13.15 -44.78
C ALA A 87 -11.61 14.27 -44.70
N LEU A 88 -11.92 14.89 -45.82
CA LEU A 88 -12.96 15.91 -45.87
C LEU A 88 -14.28 15.34 -45.40
N LEU A 89 -14.59 14.13 -45.84
CA LEU A 89 -15.83 13.47 -45.51
C LEU A 89 -15.82 12.87 -44.11
N ARG A 90 -14.69 12.94 -43.42
CA ARG A 90 -14.62 12.66 -42.00
C ARG A 90 -14.92 13.88 -41.16
N ALA A 91 -14.61 15.07 -41.66
CA ALA A 91 -14.85 16.28 -40.91
C ALA A 91 -16.32 16.62 -40.82
N LEU A 92 -17.10 16.27 -41.84
CA LEU A 92 -18.53 16.47 -41.79
C LEU A 92 -19.20 15.53 -40.81
N ILE A 93 -18.51 14.47 -40.41
CA ILE A 93 -19.02 13.57 -39.39
C ILE A 93 -18.71 14.12 -38.01
N VAL A 94 -17.47 14.58 -37.81
CA VAL A 94 -17.11 15.18 -36.54
C VAL A 94 -17.87 16.48 -36.33
N ALA A 95 -18.25 17.16 -37.41
CA ALA A 95 -18.96 18.41 -37.30
C ALA A 95 -20.44 18.20 -36.99
N GLU A 96 -21.08 17.25 -37.66
CA GLU A 96 -22.40 16.79 -37.21
C GLU A 96 -22.33 16.24 -35.80
N GLU A 97 -21.25 15.54 -35.48
CA GLU A 97 -21.09 14.95 -34.16
C GLU A 97 -21.06 16.01 -33.08
N ALA A 98 -20.37 17.12 -33.31
CA ALA A 98 -20.28 18.17 -32.33
C ALA A 98 -21.51 19.07 -32.28
N ALA A 99 -22.43 18.91 -33.22
CA ALA A 99 -23.73 19.58 -33.15
C ALA A 99 -24.75 18.72 -32.45
N LYS A 100 -24.76 17.44 -32.75
CA LYS A 100 -25.60 16.47 -32.07
C LYS A 100 -25.20 16.27 -30.62
N LEU A 101 -24.02 16.75 -30.23
CA LEU A 101 -23.55 16.73 -28.85
C LEU A 101 -23.80 18.03 -28.10
N ALA A 102 -23.69 19.17 -28.77
CA ALA A 102 -24.00 20.43 -28.12
C ALA A 102 -25.46 20.48 -27.71
N LYS A 103 -26.34 19.93 -28.54
CA LYS A 103 -27.74 19.79 -28.17
C LYS A 103 -27.87 18.93 -26.92
N MET A 104 -27.01 17.93 -26.76
CA MET A 104 -27.09 17.03 -25.63
C MET A 104 -26.63 17.68 -24.33
N VAL A 105 -25.93 18.80 -24.42
CA VAL A 105 -25.57 19.58 -23.23
C VAL A 105 -26.66 20.57 -22.89
N LEU A 106 -27.21 21.22 -23.91
CA LEU A 106 -28.39 22.05 -23.73
C LEU A 106 -29.49 21.31 -22.99
N GLU A 107 -29.71 20.05 -23.33
CA GLU A 107 -30.68 19.23 -22.60
C GLU A 107 -30.31 19.11 -21.14
N LEU A 108 -29.02 19.01 -20.85
CA LEU A 108 -28.58 18.90 -19.46
C LEU A 108 -28.80 20.19 -18.69
N ALA A 109 -28.86 21.32 -19.37
CA ALA A 109 -29.08 22.59 -18.69
C ALA A 109 -30.55 22.84 -18.40
N GLU A 110 -31.43 22.31 -19.23
CA GLU A 110 -32.86 22.52 -19.03
C GLU A 110 -33.33 21.91 -17.72
N LYS A 111 -32.79 20.75 -17.36
CA LYS A 111 -33.14 20.15 -16.09
C LYS A 111 -32.43 20.85 -14.94
N GLN A 112 -31.16 21.22 -15.13
CA GLN A 112 -30.44 21.99 -14.12
C GLN A 112 -30.86 23.45 -14.08
N GLY A 113 -31.40 23.99 -15.16
CA GLY A 113 -31.71 25.40 -15.21
C GLY A 113 -30.48 26.28 -15.20
N ASP A 114 -29.71 26.27 -16.29
CA ASP A 114 -28.47 27.04 -16.40
C ASP A 114 -28.43 27.72 -17.76
N PRO A 115 -29.13 28.84 -17.91
CA PRO A 115 -29.15 29.51 -19.23
C PRO A 115 -27.79 29.97 -19.71
N GLU A 116 -26.89 30.39 -18.83
CA GLU A 116 -25.56 30.76 -19.26
C GLU A 116 -24.78 29.56 -19.76
N VAL A 117 -25.12 28.37 -19.28
CA VAL A 117 -24.49 27.16 -19.75
C VAL A 117 -25.21 26.58 -20.96
N ALA A 118 -26.47 26.95 -21.16
CA ALA A 118 -27.20 26.54 -22.34
C ALA A 118 -26.87 27.39 -23.54
N LEU A 119 -26.50 28.65 -23.31
CA LEU A 119 -26.25 29.58 -24.39
C LEU A 119 -24.85 29.39 -24.96
N ARG A 120 -23.89 29.01 -24.12
CA ARG A 120 -22.58 28.68 -24.62
C ARG A 120 -22.63 27.51 -25.60
N ALA A 121 -23.57 26.59 -25.41
CA ALA A 121 -23.70 25.45 -26.30
C ALA A 121 -24.13 25.90 -27.69
N VAL A 122 -25.12 26.77 -27.76
CA VAL A 122 -25.65 27.18 -29.05
C VAL A 122 -24.61 27.96 -29.83
N GLU A 123 -23.70 28.64 -29.14
CA GLU A 123 -22.57 29.26 -29.82
C GLU A 123 -21.69 28.21 -30.49
N LEU A 124 -21.50 27.06 -29.83
CA LEU A 124 -20.69 26.00 -30.42
C LEU A 124 -21.35 25.45 -31.67
N VAL A 125 -22.69 25.38 -31.68
CA VAL A 125 -23.39 24.90 -32.85
C VAL A 125 -23.25 25.90 -33.98
N VAL A 126 -23.14 27.18 -33.66
CA VAL A 126 -22.97 28.19 -34.69
C VAL A 126 -21.54 28.21 -35.20
N ARG A 127 -20.57 27.83 -34.36
CA ARG A 127 -19.23 27.62 -34.87
C ARG A 127 -19.19 26.49 -35.88
N VAL A 128 -20.10 25.53 -35.75
CA VAL A 128 -20.16 24.42 -36.68
C VAL A 128 -20.80 24.83 -37.99
N ALA A 129 -21.94 25.51 -37.91
CA ALA A 129 -22.58 26.00 -39.12
C ALA A 129 -21.70 27.00 -39.85
N GLU A 130 -20.90 27.75 -39.10
CA GLU A 130 -19.94 28.66 -39.71
C GLU A 130 -18.70 27.93 -40.20
N LEU A 131 -18.48 26.71 -39.72
CA LEU A 131 -17.37 25.89 -40.20
C LEU A 131 -17.71 25.20 -41.51
N LEU A 132 -18.93 24.66 -41.61
CA LEU A 132 -19.32 23.92 -42.80
C LEU A 132 -19.37 24.82 -44.02
N LEU A 133 -19.60 26.12 -43.82
CA LEU A 133 -19.38 27.09 -44.88
C LEU A 133 -17.96 27.00 -45.41
N ARG A 134 -16.98 27.09 -44.52
CA ARG A 134 -15.59 27.07 -44.95
C ARG A 134 -15.24 25.75 -45.64
N ILE A 135 -15.96 24.68 -45.32
CA ILE A 135 -15.79 23.43 -46.05
C ILE A 135 -16.48 23.53 -47.40
N ALA A 136 -17.65 24.16 -47.45
CA ALA A 136 -18.43 24.20 -48.67
C ALA A 136 -17.89 25.22 -49.66
N LYS A 137 -17.43 26.36 -49.19
CA LYS A 137 -16.90 27.38 -50.09
C LYS A 137 -15.51 27.00 -50.60
N GLU A 138 -14.67 26.49 -49.71
CA GLU A 138 -13.36 26.00 -50.12
C GLU A 138 -13.49 24.84 -51.10
N SER A 139 -14.07 23.73 -50.64
CA SER A 139 -14.15 22.54 -51.47
C SER A 139 -15.08 22.74 -52.65
N GLY A 140 -16.11 23.56 -52.49
CA GLY A 140 -17.19 23.60 -53.45
C GLY A 140 -18.19 22.48 -53.28
N SER A 141 -18.11 21.73 -52.20
CA SER A 141 -19.00 20.60 -51.99
C SER A 141 -20.42 21.08 -51.72
N GLU A 142 -21.37 20.20 -51.99
CA GLU A 142 -22.79 20.49 -51.81
C GLU A 142 -23.38 19.77 -50.60
N GLU A 143 -22.79 18.64 -50.22
CA GLU A 143 -23.31 17.88 -49.09
C GLU A 143 -23.06 18.58 -47.76
N ALA A 144 -22.18 19.58 -47.73
CA ALA A 144 -21.99 20.38 -46.54
C ALA A 144 -23.09 21.43 -46.40
N LEU A 145 -23.39 22.14 -47.48
CA LEU A 145 -24.44 23.15 -47.45
C LEU A 145 -25.78 22.57 -47.07
N GLU A 146 -26.04 21.33 -47.47
CA GLU A 146 -27.23 20.64 -47.00
C GLU A 146 -27.22 20.47 -45.49
N ARG A 147 -26.02 20.35 -44.91
CA ARG A 147 -25.90 20.17 -43.46
C ARG A 147 -25.85 21.51 -42.74
N ALA A 148 -25.18 22.50 -43.33
CA ALA A 148 -25.09 23.81 -42.69
C ALA A 148 -26.47 24.42 -42.49
N LEU A 149 -27.38 24.17 -43.43
CA LEU A 149 -28.77 24.59 -43.22
C LEU A 149 -29.43 23.74 -42.17
N ARG A 150 -29.11 22.46 -42.13
CA ARG A 150 -29.63 21.57 -41.11
C ARG A 150 -29.15 22.01 -39.73
N VAL A 151 -27.84 22.23 -39.59
CA VAL A 151 -27.29 22.60 -38.30
C VAL A 151 -27.72 24.00 -37.91
N ALA A 152 -27.90 24.89 -38.88
CA ALA A 152 -28.23 26.27 -38.54
C ALA A 152 -29.66 26.37 -38.01
N GLU A 153 -30.62 25.76 -38.70
CA GLU A 153 -31.97 25.70 -38.15
C GLU A 153 -32.02 24.88 -36.88
N GLU A 154 -31.13 23.90 -36.75
CA GLU A 154 -30.99 23.15 -35.51
C GLU A 154 -30.49 24.01 -34.35
N ALA A 155 -30.08 25.26 -34.61
CA ALA A 155 -29.75 26.23 -33.57
C ALA A 155 -30.85 27.25 -33.34
N ALA A 156 -31.48 27.74 -34.40
CA ALA A 156 -32.56 28.71 -34.24
C ALA A 156 -33.72 28.09 -33.49
N ARG A 157 -33.90 26.77 -33.60
CA ARG A 157 -34.86 26.08 -32.77
C ARG A 157 -34.46 26.04 -31.31
N LEU A 158 -33.17 26.23 -31.01
CA LEU A 158 -32.66 26.16 -29.65
C LEU A 158 -32.55 27.51 -28.98
N ALA A 159 -32.24 28.56 -29.72
CA ALA A 159 -32.29 29.90 -29.16
C ALA A 159 -33.67 30.23 -28.66
N LYS A 160 -34.69 29.80 -29.40
CA LYS A 160 -36.06 29.87 -28.90
C LYS A 160 -36.20 29.03 -27.64
N ARG A 161 -35.56 27.86 -27.61
CA ARG A 161 -35.68 26.95 -26.48
C ARG A 161 -34.89 27.45 -25.29
N VAL A 162 -33.82 28.20 -25.52
CA VAL A 162 -33.11 28.85 -24.42
C VAL A 162 -33.94 29.98 -23.85
N LEU A 163 -34.67 30.68 -24.70
CA LEU A 163 -35.48 31.79 -24.24
C LEU A 163 -36.61 31.32 -23.35
N GLU A 164 -37.06 30.08 -23.52
CA GLU A 164 -38.08 29.51 -22.66
C GLU A 164 -37.59 29.24 -21.25
N LEU A 165 -36.29 29.33 -21.00
CA LEU A 165 -35.75 29.18 -19.65
C LEU A 165 -35.58 30.52 -18.96
N ALA A 166 -34.99 31.49 -19.66
CA ALA A 166 -34.92 32.85 -19.16
C ALA A 166 -36.29 33.37 -18.74
N GLU A 167 -37.28 33.21 -19.63
CA GLU A 167 -38.64 33.59 -19.29
C GLU A 167 -39.19 32.77 -18.13
N GLU A 168 -38.66 31.58 -17.88
CA GLU A 168 -39.11 30.75 -16.78
C GLU A 168 -38.46 31.14 -15.46
N GLN A 169 -37.22 31.59 -15.50
CA GLN A 169 -36.45 31.89 -14.28
C GLN A 169 -36.41 33.37 -13.97
N GLY A 170 -37.00 34.23 -14.78
CA GLY A 170 -36.96 35.65 -14.53
C GLY A 170 -35.55 36.19 -14.63
N ASP A 171 -34.85 35.82 -15.70
CA ASP A 171 -33.51 36.33 -16.02
C ASP A 171 -33.63 37.04 -17.36
N PRO A 172 -34.13 38.29 -17.37
CA PRO A 172 -34.49 38.92 -18.64
C PRO A 172 -33.33 39.15 -19.59
N LEU A 173 -32.10 39.07 -19.11
CA LEU A 173 -30.95 39.51 -19.88
C LEU A 173 -30.35 38.40 -20.72
N VAL A 174 -30.39 37.16 -20.26
CA VAL A 174 -29.90 36.08 -21.09
C VAL A 174 -30.82 35.87 -22.28
N ALA A 175 -32.10 36.19 -22.11
CA ALA A 175 -33.02 36.24 -23.24
C ALA A 175 -32.52 37.20 -24.31
N LYS A 176 -32.29 38.46 -23.92
CA LYS A 176 -31.61 39.41 -24.81
C LYS A 176 -30.33 38.83 -25.36
N MET A 177 -29.57 38.12 -24.52
CA MET A 177 -28.31 37.53 -24.93
C MET A 177 -28.54 36.34 -25.86
N ALA A 178 -29.80 35.89 -25.98
CA ALA A 178 -30.21 34.83 -26.89
C ALA A 178 -31.02 35.34 -28.07
N VAL A 179 -31.83 36.37 -27.88
CA VAL A 179 -32.54 36.98 -28.99
C VAL A 179 -31.56 37.52 -30.01
N GLU A 180 -30.53 38.22 -29.56
CA GLU A 180 -29.47 38.69 -30.43
C GLU A 180 -28.65 37.56 -31.03
N LEU A 181 -28.76 36.35 -30.48
CA LEU A 181 -28.10 35.21 -31.10
C LEU A 181 -28.79 34.83 -32.40
N VAL A 182 -30.13 34.85 -32.41
CA VAL A 182 -30.86 34.51 -33.61
C VAL A 182 -30.55 35.48 -34.73
N LYS A 183 -30.19 36.72 -34.40
CA LYS A 183 -29.69 37.64 -35.41
C LYS A 183 -28.39 37.12 -36.01
N ARG A 184 -27.54 36.51 -35.20
CA ARG A 184 -26.32 35.92 -35.72
C ARG A 184 -26.59 34.65 -36.51
N VAL A 185 -27.76 34.04 -36.31
CA VAL A 185 -28.18 32.92 -37.15
C VAL A 185 -28.73 33.43 -38.48
N ALA A 186 -29.66 34.37 -38.41
CA ALA A 186 -30.29 34.87 -39.62
C ALA A 186 -29.27 35.51 -40.56
N GLU A 187 -28.26 36.17 -40.00
CA GLU A 187 -27.16 36.66 -40.83
C GLU A 187 -26.42 35.51 -41.48
N LEU A 188 -26.37 34.36 -40.83
CA LEU A 188 -25.63 33.23 -41.38
C LEU A 188 -26.40 32.62 -42.55
N LEU A 189 -27.67 32.31 -42.34
CA LEU A 189 -28.48 31.70 -43.37
C LEU A 189 -28.56 32.56 -44.62
N GLU A 190 -28.57 33.88 -44.46
CA GLU A 190 -28.46 34.76 -45.61
C GLU A 190 -27.18 34.52 -46.37
N ARG A 191 -26.09 34.24 -45.64
CA ARG A 191 -24.80 33.99 -46.30
C ARG A 191 -24.85 32.72 -47.11
N ILE A 192 -25.72 31.78 -46.71
CA ILE A 192 -25.93 30.55 -47.47
C ILE A 192 -26.81 30.76 -48.69
N ALA A 193 -27.48 31.91 -48.80
CA ALA A 193 -28.16 32.30 -50.03
C ALA A 193 -27.26 33.10 -50.95
N ARG A 194 -26.46 34.02 -50.39
CA ARG A 194 -25.57 34.83 -51.20
C ARG A 194 -24.61 33.95 -52.00
N GLU A 195 -23.79 33.17 -51.30
CA GLU A 195 -23.09 32.05 -51.91
C GLU A 195 -24.00 30.85 -51.87
N SER A 196 -23.87 29.97 -52.88
CA SER A 196 -24.81 28.88 -53.09
C SER A 196 -26.21 29.43 -53.38
N GLY A 197 -26.30 30.19 -54.47
CA GLY A 197 -27.53 30.83 -54.85
C GLY A 197 -28.68 29.88 -55.04
N SER A 198 -29.76 30.10 -54.30
CA SER A 198 -30.95 29.26 -54.36
C SER A 198 -32.08 30.00 -53.65
N GLU A 199 -33.19 29.30 -53.44
CA GLU A 199 -34.35 29.85 -52.77
C GLU A 199 -34.57 29.30 -51.38
N GLU A 200 -34.20 28.04 -51.14
CA GLU A 200 -34.32 27.48 -49.79
C GLU A 200 -33.47 28.26 -48.78
N ALA A 201 -32.26 28.64 -49.18
CA ALA A 201 -31.43 29.48 -48.32
C ALA A 201 -32.13 30.80 -48.03
N LYS A 202 -32.56 31.51 -49.07
CA LYS A 202 -33.26 32.77 -48.87
C LYS A 202 -34.58 32.55 -48.12
N GLU A 203 -35.27 31.46 -48.44
CA GLU A 203 -36.53 31.15 -47.77
C GLU A 203 -36.29 30.86 -46.30
N ARG A 204 -35.48 29.84 -46.00
CA ARG A 204 -35.23 29.45 -44.62
C ARG A 204 -34.59 30.59 -43.84
N ALA A 205 -33.72 31.37 -44.48
CA ALA A 205 -33.21 32.58 -43.84
C ALA A 205 -34.32 33.57 -43.54
N GLU A 206 -35.35 33.60 -44.39
CA GLU A 206 -36.46 34.52 -44.18
C GLU A 206 -37.43 33.99 -43.13
N ARG A 207 -37.53 32.67 -42.97
CA ARG A 207 -38.35 32.12 -41.91
C ARG A 207 -37.79 32.46 -40.54
N VAL A 208 -36.47 32.59 -40.44
CA VAL A 208 -35.82 32.84 -39.17
C VAL A 208 -35.84 34.31 -38.81
N ARG A 209 -35.69 35.20 -39.80
CA ARG A 209 -35.77 36.62 -39.53
C ARG A 209 -37.14 37.02 -39.02
N GLU A 210 -38.18 36.27 -39.38
CA GLU A 210 -39.48 36.47 -38.76
C GLU A 210 -39.53 35.86 -37.37
N GLU A 211 -38.81 34.76 -37.17
CA GLU A 211 -38.73 34.17 -35.84
C GLU A 211 -37.83 34.96 -34.90
N ALA A 212 -36.94 35.79 -35.49
CA ALA A 212 -36.33 36.92 -34.76
C ALA A 212 -37.37 37.96 -34.39
N ARG A 213 -38.15 38.43 -35.38
CA ARG A 213 -39.17 39.43 -35.10
C ARG A 213 -40.28 38.87 -34.23
N GLU A 214 -40.49 37.54 -34.24
CA GLU A 214 -41.37 36.94 -33.25
C GLU A 214 -40.84 37.17 -31.85
N LEU A 215 -39.51 37.15 -31.70
CA LEU A 215 -38.86 37.39 -30.42
C LEU A 215 -38.64 38.89 -30.27
N GLN A 216 -39.77 39.58 -30.15
CA GLN A 216 -39.88 41.03 -30.06
C GLN A 216 -39.67 41.44 -28.60
N GLU A 217 -40.10 42.65 -28.24
CA GLU A 217 -40.23 43.11 -26.85
C GLU A 217 -41.18 42.27 -26.00
N ARG A 218 -41.72 41.17 -26.54
CA ARG A 218 -42.11 40.00 -25.76
C ARG A 218 -41.17 39.78 -24.58
N VAL A 219 -39.86 39.80 -24.84
CA VAL A 219 -38.89 39.69 -23.77
C VAL A 219 -39.02 40.86 -22.79
N LYS A 220 -39.31 42.06 -23.30
CA LYS A 220 -39.47 43.23 -22.43
C LYS A 220 -40.72 43.14 -21.55
N GLU A 221 -41.67 42.25 -21.87
CA GLU A 221 -42.87 42.11 -21.07
C GLU A 221 -42.59 41.60 -19.65
N LEU A 222 -41.40 41.06 -19.40
CA LEU A 222 -41.15 40.33 -18.17
C LEU A 222 -40.64 41.23 -17.04
N ARG A 223 -39.73 42.15 -17.32
CA ARG A 223 -39.10 42.97 -16.26
C ARG A 223 -39.88 44.23 -15.95
N GLU A 224 -41.20 44.09 -15.73
CA GLU A 224 -42.07 45.23 -15.45
C GLU A 224 -42.69 45.14 -14.06
N ARG A 225 -42.01 44.49 -13.11
CA ARG A 225 -42.49 44.37 -11.75
C ARG A 225 -41.90 45.45 -10.85
N PRO B 1 3.38 12.74 22.06
CA PRO B 1 4.67 12.99 21.42
C PRO B 1 4.80 14.40 20.86
N GLU B 2 5.80 14.59 20.00
CA GLU B 2 6.14 15.93 19.52
C GLU B 2 5.02 16.49 18.64
N ASP B 3 4.62 15.73 17.62
CA ASP B 3 3.59 16.20 16.70
C ASP B 3 2.25 16.38 17.38
N GLU B 4 2.01 15.70 18.50
CA GLU B 4 0.75 15.88 19.21
C GLU B 4 0.78 17.14 20.06
N LEU B 5 1.96 17.56 20.52
CA LEU B 5 2.07 18.82 21.23
C LEU B 5 1.99 20.00 20.28
N LYS B 6 2.50 19.85 19.05
CA LYS B 6 2.42 20.94 18.09
C LYS B 6 0.98 21.30 17.77
N ARG B 7 0.06 20.34 17.89
CA ARG B 7 -1.35 20.67 17.75
C ARG B 7 -1.85 21.50 18.92
N VAL B 8 -1.29 21.27 20.11
CA VAL B 8 -1.75 21.99 21.29
C VAL B 8 -1.14 23.38 21.32
N GLU B 9 0.14 23.50 20.98
CA GLU B 9 0.75 24.81 20.84
C GLU B 9 0.05 25.62 19.76
N LYS B 10 -0.39 24.95 18.70
CA LYS B 10 -1.18 25.60 17.66
C LYS B 10 -2.49 26.12 18.22
N LEU B 11 -3.23 25.28 18.94
CA LEU B 11 -4.48 25.71 19.54
C LEU B 11 -4.28 26.87 20.50
N VAL B 12 -3.21 26.82 21.28
CA VAL B 12 -2.86 27.96 22.13
C VAL B 12 -2.53 29.15 21.26
N LYS B 13 -1.63 28.95 20.30
CA LYS B 13 -1.18 30.05 19.45
C LYS B 13 -2.32 30.64 18.64
N GLU B 14 -3.33 29.84 18.32
CA GLU B 14 -4.52 30.33 17.65
C GLU B 14 -5.48 31.06 18.58
N ALA B 15 -5.14 31.19 19.86
CA ALA B 15 -6.01 31.84 20.82
C ALA B 15 -5.53 33.20 21.28
N GLU B 16 -4.22 33.44 21.36
CA GLU B 16 -3.76 34.80 21.57
C GLU B 16 -4.15 35.67 20.39
N ALA B 17 -4.14 35.10 19.19
CA ALA B 17 -4.57 35.84 18.00
C ALA B 17 -6.00 36.31 18.15
N LEU B 18 -6.91 35.38 18.45
CA LEU B 18 -8.30 35.73 18.69
C LEU B 18 -8.46 36.71 19.84
N LEU B 19 -7.50 36.78 20.75
CA LEU B 19 -7.58 37.72 21.85
C LEU B 19 -7.17 39.12 21.42
N ILE B 20 -6.03 39.25 20.73
CA ILE B 20 -5.55 40.57 20.38
C ILE B 20 -6.49 41.23 19.38
N VAL B 21 -7.05 40.46 18.45
CA VAL B 21 -8.03 41.04 17.54
C VAL B 21 -9.28 41.43 18.30
N ALA B 22 -9.57 40.74 19.41
CA ALA B 22 -10.69 41.10 20.24
C ALA B 22 -10.39 42.30 21.13
N LYS B 23 -9.12 42.54 21.43
CA LYS B 23 -8.75 43.74 22.16
C LYS B 23 -8.73 44.95 21.24
N ILE B 24 -8.31 44.73 19.99
CA ILE B 24 -8.40 45.76 18.96
C ILE B 24 -9.86 46.09 18.65
N LYS B 25 -10.59 45.10 18.13
CA LYS B 25 -11.92 45.30 17.62
C LYS B 25 -12.97 45.40 18.71
N GLY B 26 -12.66 45.02 19.94
CA GLY B 26 -13.66 45.00 20.99
C GLY B 26 -14.72 43.94 20.86
N SER B 27 -14.60 43.04 19.87
CA SER B 27 -15.63 42.04 19.67
C SER B 27 -15.66 41.05 20.83
N LYS B 28 -16.86 40.54 21.10
CA LYS B 28 -17.06 39.48 22.07
C LYS B 28 -17.36 38.14 21.42
N ARG B 29 -17.56 38.10 20.10
CA ARG B 29 -17.63 36.83 19.42
C ARG B 29 -16.32 36.07 19.52
N ASP B 30 -15.21 36.78 19.66
CA ASP B 30 -13.88 36.18 19.56
C ASP B 30 -13.36 35.69 20.90
N LEU B 31 -13.59 36.44 21.98
CA LEU B 31 -13.31 35.93 23.32
C LEU B 31 -14.03 34.61 23.54
N GLU B 32 -15.32 34.59 23.22
CA GLU B 32 -16.12 33.38 23.30
C GLU B 32 -15.60 32.28 22.40
N LYS B 33 -14.79 32.63 21.39
CA LYS B 33 -14.08 31.64 20.58
C LYS B 33 -12.66 31.42 21.04
N ALA B 34 -12.08 32.36 21.79
CA ALA B 34 -10.74 32.17 22.35
C ALA B 34 -10.80 31.33 23.60
N LEU B 35 -11.69 31.70 24.52
CA LEU B 35 -11.94 30.92 25.73
C LEU B 35 -12.25 29.47 25.38
N ARG B 36 -13.26 29.27 24.54
CA ARG B 36 -13.61 27.93 24.11
C ARG B 36 -12.51 27.27 23.30
N THR B 37 -11.54 28.04 22.79
CA THR B 37 -10.40 27.45 22.12
C THR B 37 -9.25 27.15 23.08
N ALA B 38 -9.10 27.95 24.13
CA ALA B 38 -8.08 27.66 25.12
C ALA B 38 -8.44 26.42 25.92
N GLU B 39 -9.72 26.28 26.26
CA GLU B 39 -10.18 25.10 26.99
C GLU B 39 -9.87 23.82 26.24
N GLU B 40 -9.95 23.85 24.91
CA GLU B 40 -9.52 22.70 24.13
C GLU B 40 -8.07 22.35 24.41
N ALA B 41 -7.18 23.34 24.39
CA ALA B 41 -5.77 23.08 24.62
C ALA B 41 -5.51 22.57 26.02
N ALA B 42 -6.33 22.99 26.98
CA ALA B 42 -6.25 22.46 28.33
C ALA B 42 -6.80 21.05 28.43
N ARG B 43 -7.63 20.64 27.48
CA ARG B 43 -8.17 19.29 27.44
C ARG B 43 -7.43 18.39 26.47
N GLU B 44 -6.82 18.96 25.44
CA GLU B 44 -5.98 18.18 24.54
C GLU B 44 -4.58 17.97 25.10
N ALA B 45 -4.19 18.72 26.13
CA ALA B 45 -2.90 18.52 26.75
C ALA B 45 -2.92 17.35 27.74
N VAL B 46 -4.01 17.20 28.48
CA VAL B 46 -4.12 16.06 29.36
C VAL B 46 -4.17 14.76 28.57
N LYS B 47 -4.73 14.79 27.36
CA LYS B 47 -4.72 13.61 26.51
C LYS B 47 -3.31 13.21 26.13
N VAL B 48 -2.37 14.16 26.14
CA VAL B 48 -0.98 13.87 25.85
C VAL B 48 -0.31 13.28 27.08
N LEU B 49 -0.29 14.07 28.15
CA LEU B 49 0.29 13.66 29.41
C LEU B 49 -0.17 12.28 29.84
N VAL B 50 -1.48 12.02 29.73
CA VAL B 50 -2.01 10.75 30.18
C VAL B 50 -1.46 9.61 29.34
N GLN B 51 -1.18 9.86 28.06
CA GLN B 51 -0.50 8.85 27.26
C GLN B 51 0.95 8.69 27.68
N ALA B 52 1.56 9.76 28.19
CA ALA B 52 2.98 9.76 28.51
C ALA B 52 3.26 9.33 29.93
N LEU B 53 2.29 9.42 30.83
CA LEU B 53 2.47 8.87 32.17
C LEU B 53 2.39 7.35 32.17
N LEU B 54 1.76 6.76 31.16
CA LEU B 54 1.75 5.31 31.05
C LEU B 54 3.09 4.80 30.57
N GLU B 55 3.59 5.35 29.47
CA GLU B 55 4.98 5.19 29.12
C GLU B 55 5.86 5.86 30.16
N GLY B 56 7.15 5.56 30.10
CA GLY B 56 8.12 6.19 30.96
C GLY B 56 8.76 7.39 30.31
N ASP B 57 7.95 8.35 29.91
CA ASP B 57 8.40 9.53 29.16
C ASP B 57 7.97 10.77 29.92
N PRO B 58 8.68 11.13 30.99
CA PRO B 58 8.35 12.35 31.71
C PRO B 58 8.86 13.61 31.04
N GLU B 59 9.90 13.49 30.22
CA GLU B 59 10.41 14.63 29.48
C GLU B 59 9.35 15.20 28.55
N VAL B 60 8.42 14.36 28.09
CA VAL B 60 7.29 14.84 27.31
C VAL B 60 6.19 15.37 28.22
N ALA B 61 6.04 14.78 29.40
CA ALA B 61 5.00 15.21 30.33
C ALA B 61 5.20 16.67 30.73
N LEU B 62 6.43 17.02 31.09
CA LEU B 62 6.71 18.37 31.52
C LEU B 62 6.52 19.38 30.40
N ARG B 63 6.68 18.94 29.15
CA ARG B 63 6.41 19.78 28.01
C ARG B 63 4.93 19.88 27.69
N ALA B 64 4.07 19.17 28.43
CA ALA B 64 2.63 19.32 28.35
C ALA B 64 2.08 20.15 29.49
N VAL B 65 2.57 19.92 30.70
CA VAL B 65 2.14 20.73 31.83
C VAL B 65 2.59 22.16 31.65
N GLU B 66 3.75 22.36 31.02
CA GLU B 66 4.20 23.70 30.69
C GLU B 66 3.25 24.38 29.72
N LEU B 67 2.48 23.62 28.95
CA LEU B 67 1.48 24.22 28.08
C LEU B 67 0.23 24.57 28.87
N VAL B 68 -0.18 23.69 29.77
CA VAL B 68 -1.41 23.89 30.52
C VAL B 68 -1.28 25.11 31.40
N VAL B 69 -0.07 25.43 31.85
CA VAL B 69 0.15 26.66 32.60
C VAL B 69 0.06 27.86 31.69
N ARG B 70 0.53 27.73 30.44
CA ARG B 70 0.41 28.84 29.50
C ARG B 70 -1.03 29.10 29.12
N VAL B 71 -1.92 28.14 29.34
CA VAL B 71 -3.34 28.35 29.11
C VAL B 71 -3.97 29.07 30.30
N ALA B 72 -3.49 28.80 31.50
CA ALA B 72 -4.01 29.48 32.67
C ALA B 72 -3.56 30.94 32.70
N GLU B 73 -2.33 31.20 32.25
CA GLU B 73 -1.92 32.57 32.02
C GLU B 73 -2.80 33.23 30.96
N LEU B 74 -3.12 32.50 29.91
CA LEU B 74 -3.96 33.03 28.84
C LEU B 74 -5.34 33.35 29.34
N LEU B 75 -5.97 32.40 30.02
CA LEU B 75 -7.33 32.57 30.52
C LEU B 75 -7.44 33.64 31.59
N LEU B 76 -6.33 34.09 32.14
CA LEU B 76 -6.31 35.28 32.97
C LEU B 76 -6.31 36.55 32.15
N ARG B 77 -5.65 36.54 30.99
CA ARG B 77 -5.62 37.72 30.14
C ARG B 77 -6.95 37.98 29.47
N ILE B 78 -7.87 37.01 29.51
CA ILE B 78 -9.21 37.21 29.00
C ILE B 78 -10.09 37.87 30.05
N ALA B 79 -10.03 37.36 31.29
CA ALA B 79 -10.85 37.92 32.35
C ALA B 79 -10.55 39.39 32.60
N LYS B 80 -9.29 39.80 32.45
CA LYS B 80 -8.99 41.23 32.54
C LYS B 80 -9.67 42.01 31.44
N GLU B 81 -9.83 41.38 30.27
CA GLU B 81 -10.47 42.05 29.14
C GLU B 81 -11.98 42.07 29.31
N SER B 82 -12.61 40.90 29.39
CA SER B 82 -14.05 40.82 29.48
C SER B 82 -14.56 41.33 30.81
N GLY B 83 -13.83 41.04 31.89
CA GLY B 83 -14.34 41.23 33.22
C GLY B 83 -15.27 40.14 33.69
N SER B 84 -15.35 39.03 32.94
CA SER B 84 -16.26 37.96 33.28
C SER B 84 -15.75 37.18 34.49
N ARG B 85 -16.63 36.34 35.02
CA ARG B 85 -16.32 35.41 36.08
C ARG B 85 -16.39 33.96 35.63
N GLU B 86 -16.77 33.70 34.39
CA GLU B 86 -16.79 32.34 33.85
C GLU B 86 -15.51 31.97 33.13
N ALA B 87 -14.67 32.95 32.82
CA ALA B 87 -13.33 32.70 32.31
C ALA B 87 -12.30 32.68 33.42
N LEU B 88 -12.39 33.63 34.34
CA LEU B 88 -11.51 33.65 35.49
C LEU B 88 -11.65 32.37 36.29
N LEU B 89 -12.88 31.91 36.46
CA LEU B 89 -13.18 30.72 37.22
C LEU B 89 -12.89 29.44 36.45
N ARG B 90 -12.51 29.56 35.18
CA ARG B 90 -11.97 28.46 34.41
C ARG B 90 -10.47 28.34 34.59
N ALA B 91 -9.78 29.44 34.84
CA ALA B 91 -8.34 29.40 35.00
C ALA B 91 -7.93 28.77 36.31
N LEU B 92 -8.75 28.92 37.36
CA LEU B 92 -8.47 28.26 38.61
C LEU B 92 -8.67 26.76 38.53
N ILE B 93 -9.37 26.30 37.49
CA ILE B 93 -9.52 24.87 37.27
C ILE B 93 -8.32 24.34 36.51
N VAL B 94 -7.90 25.06 35.47
CA VAL B 94 -6.71 24.65 34.74
C VAL B 94 -5.47 24.77 35.60
N ALA B 95 -5.48 25.67 36.58
CA ALA B 95 -4.34 25.87 37.45
C ALA B 95 -4.26 24.79 38.52
N GLU B 96 -5.39 24.46 39.15
CA GLU B 96 -5.44 23.26 39.98
C GLU B 96 -5.12 22.02 39.16
N GLU B 97 -5.59 21.99 37.91
CA GLU B 97 -5.36 20.85 37.04
C GLU B 97 -3.87 20.64 36.79
N ALA B 98 -3.13 21.71 36.56
CA ALA B 98 -1.71 21.59 36.31
C ALA B 98 -0.87 21.38 37.55
N ALA B 99 -1.47 21.50 38.73
CA ALA B 99 -0.81 21.14 39.97
C ALA B 99 -1.07 19.70 40.34
N LYS B 100 -2.31 19.26 40.17
CA LYS B 100 -2.69 17.87 40.35
C LYS B 100 -2.07 16.96 39.31
N LEU B 101 -1.51 17.51 38.24
CA LEU B 101 -0.79 16.77 37.21
C LEU B 101 0.71 16.77 37.40
N ALA B 102 1.28 17.88 37.89
CA ALA B 102 2.71 17.89 38.17
C ALA B 102 3.06 16.90 39.26
N LYS B 103 2.19 16.76 40.25
CA LYS B 103 2.35 15.72 41.24
C LYS B 103 2.34 14.34 40.61
N MET B 104 1.55 14.16 39.55
CA MET B 104 1.43 12.88 38.90
C MET B 104 2.66 12.53 38.08
N VAL B 105 3.51 13.50 37.78
CA VAL B 105 4.79 13.25 37.12
C VAL B 105 5.87 12.96 38.15
N LEU B 106 5.88 13.72 39.23
CA LEU B 106 6.73 13.41 40.37
C LEU B 106 6.59 11.97 40.81
N GLU B 107 5.36 11.46 40.85
CA GLU B 107 5.14 10.05 41.17
C GLU B 107 5.83 9.15 40.16
N LEU B 108 5.84 9.55 38.89
CA LEU B 108 6.49 8.74 37.87
C LEU B 108 8.01 8.73 38.03
N ALA B 109 8.57 9.75 38.66
CA ALA B 109 10.01 9.80 38.84
C ALA B 109 10.45 8.99 40.04
N GLU B 110 9.60 8.85 41.05
CA GLU B 110 9.98 8.09 42.24
C GLU B 110 10.22 6.64 41.92
N LYS B 111 9.43 6.07 41.00
CA LYS B 111 9.66 4.70 40.59
C LYS B 111 10.84 4.60 39.64
N GLN B 112 10.97 5.56 38.72
CA GLN B 112 12.12 5.61 37.83
C GLN B 112 13.39 6.10 38.52
N GLY B 113 13.26 6.86 39.60
CA GLY B 113 14.42 7.44 40.23
C GLY B 113 15.09 8.50 39.38
N ASP B 114 14.43 9.64 39.20
CA ASP B 114 14.95 10.74 38.37
C ASP B 114 14.75 12.05 39.11
N PRO B 115 15.64 12.37 40.04
CA PRO B 115 15.45 13.63 40.81
C PRO B 115 15.50 14.88 39.97
N GLU B 116 16.30 14.91 38.90
CA GLU B 116 16.29 16.08 38.04
C GLU B 116 14.96 16.23 37.31
N VAL B 117 14.27 15.11 37.09
CA VAL B 117 12.96 15.15 36.46
C VAL B 117 11.85 15.35 37.48
N ALA B 118 12.12 15.04 38.75
CA ALA B 118 11.16 15.30 39.81
C ALA B 118 11.18 16.74 40.27
N LEU B 119 12.34 17.38 40.15
CA LEU B 119 12.49 18.75 40.63
C LEU B 119 11.95 19.75 39.64
N ARG B 120 12.04 19.45 38.35
CA ARG B 120 11.41 20.31 37.36
C ARG B 120 9.90 20.38 37.57
N ALA B 121 9.30 19.31 38.07
CA ALA B 121 7.86 19.30 38.30
C ALA B 121 7.49 20.28 39.40
N VAL B 122 8.23 20.27 40.50
CA VAL B 122 7.89 21.11 41.63
C VAL B 122 8.04 22.58 41.27
N GLU B 123 8.94 22.89 40.34
CA GLU B 123 9.01 24.25 39.82
C GLU B 123 7.72 24.63 39.11
N LEU B 124 7.12 23.69 38.37
CA LEU B 124 5.87 23.98 37.69
C LEU B 124 4.76 24.24 38.68
N VAL B 125 4.77 23.54 39.81
CA VAL B 125 3.76 23.77 40.83
C VAL B 125 3.95 25.13 41.46
N VAL B 126 5.19 25.61 41.53
CA VAL B 126 5.44 26.93 42.09
C VAL B 126 5.10 28.01 41.09
N ARG B 127 5.19 27.73 39.79
CA ARG B 127 4.66 28.65 38.81
C ARG B 127 3.17 28.81 38.95
N VAL B 128 2.49 27.79 39.44
CA VAL B 128 1.05 27.85 39.64
C VAL B 128 0.71 28.64 40.88
N ALA B 129 1.38 28.37 41.99
CA ALA B 129 1.15 29.13 43.20
C ALA B 129 1.53 30.59 43.00
N GLU B 130 2.52 30.85 42.17
CA GLU B 130 2.89 32.22 41.83
C GLU B 130 1.94 32.82 40.80
N LEU B 131 1.17 31.98 40.11
CA LEU B 131 0.17 32.46 39.17
C LEU B 131 -1.11 32.87 39.88
N LEU B 132 -1.56 32.05 40.84
CA LEU B 132 -2.81 32.32 41.53
C LEU B 132 -2.72 33.60 42.35
N LEU B 133 -1.53 34.00 42.76
CA LEU B 133 -1.32 35.34 43.28
C LEU B 133 -1.77 36.39 42.27
N ARG B 134 -1.26 36.30 41.05
CA ARG B 134 -1.59 37.29 40.04
C ARG B 134 -3.08 37.29 39.73
N ILE B 135 -3.75 36.16 39.94
CA ILE B 135 -5.20 36.13 39.83
C ILE B 135 -5.84 36.78 41.05
N ALA B 136 -5.27 36.54 42.24
CA ALA B 136 -5.88 37.03 43.46
C ALA B 136 -5.61 38.51 43.69
N LYS B 137 -4.42 38.98 43.34
CA LYS B 137 -4.10 40.39 43.54
C LYS B 137 -4.77 41.26 42.49
N GLU B 138 -4.76 40.80 41.23
CA GLU B 138 -5.46 41.50 40.17
C GLU B 138 -6.96 41.55 40.44
N SER B 139 -7.60 40.38 40.47
CA SER B 139 -9.04 40.31 40.62
C SER B 139 -9.49 40.77 42.00
N GLY B 140 -8.65 40.56 43.01
CA GLY B 140 -9.09 40.70 44.38
C GLY B 140 -9.88 39.52 44.90
N SER B 141 -9.91 38.42 44.16
CA SER B 141 -10.67 37.26 44.58
C SER B 141 -10.04 36.59 45.79
N GLU B 142 -10.87 35.86 46.52
CA GLU B 142 -10.45 35.16 47.73
C GLU B 142 -10.35 33.66 47.52
N GLU B 143 -11.11 33.12 46.57
CA GLU B 143 -11.08 31.68 46.33
C GLU B 143 -9.78 31.22 45.69
N ALA B 144 -8.99 32.15 45.16
CA ALA B 144 -7.66 31.81 44.65
C ALA B 144 -6.65 31.69 45.79
N LEU B 145 -6.65 32.65 46.70
CA LEU B 145 -5.73 32.61 47.83
C LEU B 145 -5.93 31.37 48.68
N GLU B 146 -7.17 30.90 48.79
CA GLU B 146 -7.42 29.63 49.44
C GLU B 146 -6.72 28.49 48.71
N ARG B 147 -6.56 28.62 47.39
CA ARG B 147 -5.92 27.58 46.60
C ARG B 147 -4.40 27.77 46.55
N ALA B 148 -3.95 29.01 46.48
CA ALA B 148 -2.51 29.27 46.44
C ALA B 148 -1.82 28.74 47.68
N LEU B 149 -2.49 28.82 48.82
CA LEU B 149 -1.95 28.19 50.02
C LEU B 149 -2.03 26.67 49.92
N ARG B 150 -3.10 26.17 49.32
CA ARG B 150 -3.23 24.74 49.09
C ARG B 150 -2.14 24.24 48.17
N VAL B 151 -1.95 24.92 47.04
CA VAL B 151 -0.96 24.48 46.07
C VAL B 151 0.44 24.68 46.61
N ALA B 152 0.66 25.72 47.40
CA ALA B 152 2.00 26.01 47.88
C ALA B 152 2.47 24.97 48.88
N GLU B 153 1.63 24.66 49.88
CA GLU B 153 1.96 23.57 50.79
C GLU B 153 1.98 22.24 50.06
N GLU B 154 1.20 22.10 49.00
CA GLU B 154 1.26 20.92 48.14
C GLU B 154 2.59 20.79 47.41
N ALA B 155 3.46 21.81 47.46
CA ALA B 155 4.81 21.74 46.95
C ALA B 155 5.85 21.53 48.04
N ALA B 156 5.70 22.21 49.18
CA ALA B 156 6.66 22.03 50.26
C ALA B 156 6.62 20.61 50.80
N ARG B 157 5.48 19.94 50.67
CA ARG B 157 5.41 18.52 50.97
C ARG B 157 6.17 17.68 49.95
N LEU B 158 6.42 18.21 48.76
CA LEU B 158 7.09 17.48 47.69
C LEU B 158 8.59 17.74 47.63
N ALA B 159 9.02 18.96 47.93
CA ALA B 159 10.45 19.21 48.05
C ALA B 159 11.08 18.32 49.10
N LYS B 160 10.37 18.11 50.21
CA LYS B 160 10.78 17.10 51.17
C LYS B 160 10.80 15.72 50.53
N ARG B 161 9.80 15.44 49.69
CA ARG B 161 9.67 14.14 49.06
C ARG B 161 10.72 13.94 47.97
N VAL B 162 11.15 15.02 47.33
CA VAL B 162 12.24 14.94 46.38
C VAL B 162 13.56 14.69 47.11
N LEU B 163 13.70 15.27 48.30
CA LEU B 163 14.92 15.09 49.06
C LEU B 163 15.10 13.65 49.51
N GLU B 164 14.00 12.93 49.68
CA GLU B 164 14.06 11.52 50.05
C GLU B 164 14.58 10.64 48.92
N LEU B 165 14.73 11.17 47.71
CA LEU B 165 15.31 10.43 46.61
C LEU B 165 16.81 10.70 46.47
N ALA B 166 17.19 11.98 46.52
CA ALA B 166 18.59 12.34 46.56
C ALA B 166 19.33 11.62 47.67
N GLU B 167 18.77 11.66 48.88
CA GLU B 167 19.34 10.93 50.00
C GLU B 167 19.34 9.43 49.76
N GLU B 168 18.46 8.93 48.90
CA GLU B 168 18.40 7.50 48.60
C GLU B 168 19.43 7.10 47.55
N GLN B 169 19.71 7.98 46.60
CA GLN B 169 20.59 7.66 45.47
C GLN B 169 21.99 8.21 45.64
N GLY B 170 22.27 8.92 46.72
CA GLY B 170 23.60 9.48 46.92
C GLY B 170 23.92 10.52 45.88
N ASP B 171 22.98 11.44 45.66
CA ASP B 171 23.15 12.60 44.78
C ASP B 171 23.01 13.83 45.66
N PRO B 172 24.06 14.22 46.38
CA PRO B 172 23.90 15.25 47.42
C PRO B 172 23.50 16.60 46.90
N LEU B 173 23.63 16.86 45.61
CA LEU B 173 23.50 18.20 45.06
C LEU B 173 22.08 18.54 44.65
N VAL B 174 21.31 17.56 44.19
CA VAL B 174 19.92 17.85 43.87
C VAL B 174 19.15 18.12 45.15
N ALA B 175 19.57 17.52 46.25
CA ALA B 175 19.04 17.86 47.56
C ALA B 175 19.22 19.35 47.84
N LYS B 176 20.46 19.83 47.77
CA LYS B 176 20.72 21.27 47.81
C LYS B 176 19.86 22.01 46.81
N MET B 177 19.70 21.46 45.61
CA MET B 177 18.91 22.09 44.57
C MET B 177 17.42 22.01 44.90
N ALA B 178 17.05 21.24 45.92
CA ALA B 178 15.68 21.14 46.43
C ALA B 178 15.50 21.82 47.78
N VAL B 179 16.51 21.79 48.64
CA VAL B 179 16.44 22.52 49.90
C VAL B 179 16.26 24.01 49.64
N GLU B 180 17.04 24.55 48.71
CA GLU B 180 16.89 25.94 48.31
C GLU B 180 15.57 26.20 47.60
N LEU B 181 14.87 25.16 47.16
CA LEU B 181 13.55 25.34 46.58
C LEU B 181 12.56 25.72 47.67
N VAL B 182 12.64 25.06 48.83
CA VAL B 182 11.74 25.36 49.92
C VAL B 182 11.90 26.80 50.38
N LYS B 183 13.09 27.37 50.22
CA LYS B 183 13.26 28.79 50.46
C LYS B 183 12.43 29.61 49.50
N ARG B 184 12.32 29.16 48.26
CA ARG B 184 11.48 29.84 47.29
C ARG B 184 10.00 29.63 47.58
N VAL B 185 9.66 28.59 48.34
CA VAL B 185 8.30 28.41 48.81
C VAL B 185 8.01 29.31 49.99
N ALA B 186 8.88 29.27 51.00
CA ALA B 186 8.67 30.06 52.21
C ALA B 186 8.62 31.55 51.89
N GLU B 187 9.42 32.01 50.94
CA GLU B 187 9.31 33.38 50.47
C GLU B 187 7.95 33.64 49.85
N LEU B 188 7.35 32.62 49.24
CA LEU B 188 6.07 32.82 48.59
C LEU B 188 4.95 32.94 49.61
N LEU B 189 4.89 31.99 50.54
CA LEU B 189 3.85 32.00 51.56
C LEU B 189 3.88 33.27 52.38
N GLU B 190 5.06 33.82 52.65
CA GLU B 190 5.15 35.13 53.29
C GLU B 190 4.45 36.18 52.44
N ARG B 191 4.56 36.09 51.12
CA ARG B 191 3.93 37.07 50.25
C ARG B 191 2.42 36.97 50.35
N ILE B 192 1.91 35.78 50.69
CA ILE B 192 0.48 35.59 50.92
C ILE B 192 0.03 36.11 52.27
N ALA B 193 0.96 36.43 53.17
CA ALA B 193 0.64 37.14 54.40
C ALA B 193 0.75 38.64 54.23
N ARG B 194 1.77 39.12 53.51
CA ARG B 194 1.94 40.55 53.30
C ARG B 194 0.71 41.15 52.62
N GLU B 195 0.41 40.68 51.41
CA GLU B 195 -0.89 40.90 50.82
C GLU B 195 -1.83 39.81 51.29
N SER B 196 -3.11 40.14 51.41
CA SER B 196 -4.09 39.26 52.06
C SER B 196 -3.71 39.04 53.52
N GLY B 197 -3.68 40.13 54.27
CA GLY B 197 -3.28 40.10 55.66
C GLY B 197 -4.12 39.18 56.51
N SER B 198 -3.47 38.22 57.16
CA SER B 198 -4.13 37.24 58.01
C SER B 198 -3.06 36.55 58.84
N GLU B 199 -3.46 35.49 59.53
CA GLU B 199 -2.57 34.71 60.37
C GLU B 199 -2.24 33.34 59.80
N GLU B 200 -3.18 32.73 59.06
CA GLU B 200 -2.89 31.44 58.43
C GLU B 200 -1.73 31.55 57.44
N ALA B 201 -1.70 32.64 56.67
CA ALA B 201 -0.57 32.87 55.77
C ALA B 201 0.73 32.98 56.56
N LYS B 202 0.76 33.85 57.57
CA LYS B 202 1.96 33.99 58.39
C LYS B 202 2.25 32.69 59.14
N GLU B 203 1.21 32.01 59.61
CA GLU B 203 1.41 30.75 60.33
C GLU B 203 1.98 29.69 59.39
N ARG B 204 1.24 29.39 58.32
CA ARG B 204 1.68 28.34 57.39
C ARG B 204 3.01 28.69 56.76
N ALA B 205 3.26 29.97 56.49
CA ALA B 205 4.58 30.39 56.05
C ALA B 205 5.64 30.12 57.11
N GLU B 206 5.25 30.21 58.39
CA GLU B 206 6.19 29.96 59.47
C GLU B 206 6.39 28.46 59.71
N ARG B 207 5.39 27.65 59.40
CA ARG B 207 5.56 26.21 59.50
C ARG B 207 6.57 25.70 58.49
N VAL B 208 6.65 26.37 57.34
CA VAL B 208 7.53 25.92 56.27
C VAL B 208 8.97 26.41 56.49
N ARG B 209 9.13 27.62 57.02
CA ARG B 209 10.47 28.11 57.31
C ARG B 209 11.16 27.25 58.36
N GLU B 210 10.40 26.61 59.24
CA GLU B 210 10.98 25.62 60.12
C GLU B 210 11.25 24.31 59.41
N GLU B 211 10.41 23.98 58.42
CA GLU B 211 10.65 22.79 57.61
C GLU B 211 11.78 22.99 56.61
N ALA B 212 12.09 24.26 56.31
CA ALA B 212 13.39 24.63 55.72
C ALA B 212 14.53 24.35 56.71
N ARG B 213 14.41 24.89 57.92
CA ARG B 213 15.45 24.69 58.92
C ARG B 213 15.53 23.23 59.36
N GLU B 214 14.44 22.47 59.23
CA GLU B 214 14.53 21.03 59.40
C GLU B 214 15.46 20.43 58.36
N LEU B 215 15.46 20.99 57.16
CA LEU B 215 16.34 20.53 56.08
C LEU B 215 17.65 21.30 56.18
N GLN B 216 18.36 20.99 57.27
CA GLN B 216 19.62 21.59 57.68
C GLN B 216 20.76 20.89 56.94
N GLU B 217 21.98 21.03 57.44
CA GLU B 217 23.14 20.22 57.03
C GLU B 217 22.97 18.71 57.27
N ARG B 218 21.79 18.27 57.72
CA ARG B 218 21.26 16.94 57.42
C ARG B 218 21.69 16.48 56.04
N VAL B 219 21.49 17.33 55.03
CA VAL B 219 21.95 17.01 53.68
C VAL B 219 23.46 16.85 53.64
N LYS B 220 24.20 17.66 54.42
CA LYS B 220 25.66 17.55 54.44
C LYS B 220 26.13 16.26 55.10
N GLU B 221 25.26 15.57 55.85
CA GLU B 221 25.66 14.32 56.49
C GLU B 221 26.01 13.22 55.49
N LEU B 222 25.64 13.37 54.23
CA LEU B 222 25.70 12.26 53.27
C LEU B 222 27.05 12.18 52.55
N ARG B 223 27.61 13.30 52.12
CA ARG B 223 28.83 13.29 51.30
C ARG B 223 30.10 13.31 52.14
N GLU B 224 30.17 12.42 53.14
CA GLU B 224 31.33 12.35 54.04
C GLU B 224 32.06 11.02 53.93
N ARG B 225 32.01 10.37 52.76
CA ARG B 225 32.69 9.10 52.54
C ARG B 225 34.05 9.32 51.89
N PRO C 1 22.63 -7.37 -9.70
CA PRO C 1 22.41 -6.15 -10.47
C PRO C 1 23.26 -4.98 -9.99
N GLU C 2 22.88 -3.77 -10.43
CA GLU C 2 23.72 -2.59 -10.17
C GLU C 2 23.75 -2.26 -8.69
N ASP C 3 22.57 -2.13 -8.08
CA ASP C 3 22.51 -1.77 -6.67
C ASP C 3 23.11 -2.83 -5.76
N GLU C 4 23.18 -4.08 -6.22
CA GLU C 4 23.80 -5.12 -5.41
C GLU C 4 25.32 -5.07 -5.51
N LEU C 5 25.85 -4.58 -6.63
CA LEU C 5 27.29 -4.39 -6.75
C LEU C 5 27.74 -3.17 -5.97
N LYS C 6 26.91 -2.13 -5.89
CA LYS C 6 27.28 -0.95 -5.14
C LYS C 6 27.48 -1.27 -3.66
N ARG C 7 26.81 -2.30 -3.15
CA ARG C 7 27.08 -2.75 -1.80
C ARG C 7 28.45 -3.40 -1.69
N VAL C 8 28.89 -4.07 -2.76
CA VAL C 8 30.16 -4.76 -2.72
C VAL C 8 31.30 -3.79 -2.91
N GLU C 9 31.14 -2.84 -3.84
CA GLU C 9 32.12 -1.77 -3.99
C GLU C 9 32.22 -0.96 -2.71
N LYS C 10 31.10 -0.78 -2.02
CA LYS C 10 31.11 -0.12 -0.72
C LYS C 10 31.94 -0.91 0.29
N LEU C 11 31.67 -2.21 0.41
CA LEU C 11 32.44 -3.05 1.32
C LEU C 11 33.92 -3.03 1.00
N VAL C 12 34.26 -3.08 -0.29
CA VAL C 12 35.65 -2.93 -0.70
C VAL C 12 36.14 -1.55 -0.30
N LYS C 13 35.40 -0.52 -0.69
CA LYS C 13 35.80 0.86 -0.45
C LYS C 13 35.91 1.15 1.05
N GLU C 14 35.11 0.47 1.87
CA GLU C 14 35.22 0.58 3.32
C GLU C 14 36.39 -0.19 3.89
N ALA C 15 37.19 -0.85 3.06
CA ALA C 15 38.32 -1.64 3.54
C ALA C 15 39.67 -1.03 3.25
N GLU C 16 39.84 -0.31 2.13
CA GLU C 16 41.06 0.46 1.98
C GLU C 16 41.15 1.53 3.05
N ALA C 17 40.01 2.09 3.44
CA ALA C 17 39.99 3.07 4.51
C ALA C 17 40.55 2.49 5.80
N LEU C 18 39.99 1.35 6.23
CA LEU C 18 40.50 0.66 7.40
C LEU C 18 41.96 0.26 7.26
N LEU C 19 42.46 0.15 6.04
CA LEU C 19 43.85 -0.19 5.84
C LEU C 19 44.76 1.02 6.02
N ILE C 20 44.42 2.14 5.38
CA ILE C 20 45.29 3.30 5.44
C ILE C 20 45.35 3.85 6.85
N VAL C 21 44.22 3.83 7.57
CA VAL C 21 44.24 4.28 8.96
C VAL C 21 45.06 3.30 9.79
N ALA C 22 45.12 2.04 9.38
CA ALA C 22 45.95 1.06 10.06
C ALA C 22 47.42 1.19 9.69
N LYS C 23 47.71 1.74 8.52
CA LYS C 23 49.09 2.02 8.16
C LYS C 23 49.58 3.29 8.84
N ILE C 24 48.68 4.27 9.01
CA ILE C 24 48.98 5.45 9.78
C ILE C 24 49.16 5.10 11.25
N LYS C 25 48.09 4.61 11.86
CA LYS C 25 48.05 4.39 13.30
C LYS C 25 48.79 3.14 13.75
N GLY C 26 49.14 2.25 12.82
CA GLY C 26 49.77 1.00 13.22
C GLY C 26 48.87 0.03 13.93
N SER C 27 47.57 0.32 14.07
CA SER C 27 46.68 -0.55 14.79
C SER C 27 46.50 -1.88 14.06
N LYS C 28 46.31 -2.94 14.85
CA LYS C 28 45.97 -4.25 14.34
C LYS C 28 44.52 -4.62 14.56
N ARG C 29 43.76 -3.82 15.31
CA ARG C 29 42.33 -4.01 15.38
C ARG C 29 41.68 -3.80 14.02
N ASP C 30 42.28 -2.98 13.17
CA ASP C 30 41.66 -2.55 11.93
C ASP C 30 41.97 -3.47 10.76
N LEU C 31 43.20 -3.96 10.65
CA LEU C 31 43.50 -5.02 9.68
C LEU C 31 42.58 -6.20 9.89
N GLU C 32 42.46 -6.64 11.14
CA GLU C 32 41.54 -7.71 11.51
C GLU C 32 40.09 -7.36 11.20
N LYS C 33 39.78 -6.07 11.03
CA LYS C 33 38.47 -5.64 10.56
C LYS C 33 38.46 -5.36 9.06
N ALA C 34 39.63 -5.12 8.46
CA ALA C 34 39.71 -4.93 7.02
C ALA C 34 39.71 -6.27 6.30
N LEU C 35 40.57 -7.17 6.74
CA LEU C 35 40.61 -8.53 6.23
C LEU C 35 39.22 -9.18 6.30
N ARG C 36 38.65 -9.21 7.50
CA ARG C 36 37.32 -9.74 7.68
C ARG C 36 36.26 -8.95 6.93
N THR C 37 36.56 -7.73 6.50
CA THR C 37 35.63 -6.97 5.68
C THR C 37 35.85 -7.21 4.20
N ALA C 38 37.09 -7.47 3.78
CA ALA C 38 37.35 -7.80 2.39
C ALA C 38 36.79 -9.17 2.05
N GLU C 39 36.92 -10.12 2.97
CA GLU C 39 36.38 -11.46 2.76
C GLU C 39 34.88 -11.42 2.51
N GLU C 40 34.17 -10.52 3.18
CA GLU C 40 32.75 -10.31 2.88
C GLU C 40 32.54 -9.98 1.41
N ALA C 41 33.30 -9.00 0.91
CA ALA C 41 33.13 -8.59 -0.48
C ALA C 41 33.47 -9.70 -1.44
N ALA C 42 34.40 -10.57 -1.07
CA ALA C 42 34.70 -11.74 -1.87
C ALA C 42 33.63 -12.80 -1.78
N ARG C 43 32.81 -12.76 -0.74
CA ARG C 43 31.69 -13.68 -0.58
C ARG C 43 30.36 -13.08 -1.01
N GLU C 44 30.22 -11.76 -0.93
CA GLU C 44 29.03 -11.10 -1.45
C GLU C 44 29.09 -10.89 -2.95
N ALA C 45 30.26 -11.04 -3.56
CA ALA C 45 30.38 -10.93 -5.01
C ALA C 45 29.95 -12.21 -5.71
N VAL C 46 30.30 -13.36 -5.14
CA VAL C 46 29.84 -14.61 -5.71
C VAL C 46 28.33 -14.74 -5.63
N LYS C 47 27.72 -14.15 -4.60
CA LYS C 47 26.27 -14.15 -4.51
C LYS C 47 25.64 -13.37 -5.64
N VAL C 48 26.39 -12.42 -6.23
CA VAL C 48 25.91 -11.66 -7.37
C VAL C 48 26.06 -12.49 -8.64
N LEU C 49 27.30 -12.83 -8.94
CA LEU C 49 27.63 -13.63 -10.12
C LEU C 49 26.76 -14.86 -10.24
N VAL C 50 26.55 -15.57 -9.13
CA VAL C 50 25.77 -16.79 -9.17
C VAL C 50 24.33 -16.49 -9.54
N GLN C 51 23.82 -15.33 -9.16
CA GLN C 51 22.49 -14.94 -9.63
C GLN C 51 22.51 -14.57 -11.10
N ALA C 52 23.64 -14.09 -11.59
CA ALA C 52 23.74 -13.60 -12.96
C ALA C 52 24.17 -14.67 -13.95
N LEU C 53 24.79 -15.75 -13.49
CA LEU C 53 25.07 -16.87 -14.37
C LEU C 53 23.81 -17.67 -14.67
N LEU C 54 22.80 -17.58 -13.82
CA LEU C 54 21.53 -18.23 -14.10
C LEU C 54 20.76 -17.48 -15.17
N GLU C 55 20.58 -16.18 -14.97
CA GLU C 55 20.17 -15.31 -16.06
C GLU C 55 21.26 -15.27 -17.12
N GLY C 56 20.91 -14.72 -18.28
CA GLY C 56 21.86 -14.52 -19.34
C GLY C 56 22.45 -13.14 -19.32
N ASP C 57 23.07 -12.78 -18.20
CA ASP C 57 23.62 -11.44 -17.97
C ASP C 57 25.10 -11.56 -17.64
N PRO C 58 25.95 -11.78 -18.66
CA PRO C 58 27.38 -11.84 -18.40
C PRO C 58 28.01 -10.47 -18.23
N GLU C 59 27.41 -9.43 -18.79
CA GLU C 59 27.92 -8.08 -18.62
C GLU C 59 27.93 -7.68 -17.16
N VAL C 60 27.03 -8.25 -16.35
CA VAL C 60 27.06 -8.02 -14.91
C VAL C 60 28.06 -8.95 -14.25
N ALA C 61 28.24 -10.16 -14.79
CA ALA C 61 29.17 -11.11 -14.21
C ALA C 61 30.58 -10.56 -14.20
N LEU C 62 31.02 -10.02 -15.34
CA LEU C 62 32.36 -9.50 -15.45
C LEU C 62 32.58 -8.30 -14.54
N ARG C 63 31.52 -7.57 -14.23
CA ARG C 63 31.60 -6.48 -13.28
C ARG C 63 31.59 -6.96 -11.84
N ALA C 64 31.45 -8.25 -11.60
CA ALA C 64 31.62 -8.86 -10.29
C ALA C 64 32.97 -9.51 -10.12
N VAL C 65 33.43 -10.23 -11.15
CA VAL C 65 34.74 -10.84 -11.08
C VAL C 65 35.80 -9.76 -11.05
N GLU C 66 35.55 -8.64 -11.72
CA GLU C 66 36.46 -7.51 -11.63
C GLU C 66 36.55 -6.96 -10.22
N LEU C 67 35.53 -7.19 -9.39
CA LEU C 67 35.61 -6.79 -7.99
C LEU C 67 36.40 -7.79 -7.18
N VAL C 68 36.19 -9.07 -7.45
CA VAL C 68 36.84 -10.12 -6.68
C VAL C 68 38.34 -10.07 -6.89
N VAL C 69 38.78 -9.60 -8.06
CA VAL C 69 40.20 -9.40 -8.28
C VAL C 69 40.70 -8.19 -7.50
N ARG C 70 39.88 -7.16 -7.39
CA ARG C 70 40.29 -6.00 -6.59
C ARG C 70 40.37 -6.33 -5.12
N VAL C 71 39.75 -7.41 -4.68
CA VAL C 71 39.87 -7.86 -3.31
C VAL C 71 41.16 -8.66 -3.12
N ALA C 72 41.58 -9.39 -4.14
CA ALA C 72 42.82 -10.13 -4.05
C ALA C 72 44.02 -9.20 -4.10
N GLU C 73 43.92 -8.13 -4.90
CA GLU C 73 44.90 -7.06 -4.82
C GLU C 73 44.92 -6.44 -3.43
N LEU C 74 43.74 -6.22 -2.85
CA LEU C 74 43.63 -5.63 -1.53
C LEU C 74 44.27 -6.52 -0.48
N LEU C 75 43.89 -7.80 -0.48
CA LEU C 75 44.38 -8.74 0.51
C LEU C 75 45.86 -9.01 0.40
N LEU C 76 46.48 -8.61 -0.70
CA LEU C 76 47.93 -8.59 -0.80
C LEU C 76 48.53 -7.37 -0.13
N ARG C 77 47.84 -6.23 -0.19
CA ARG C 77 48.35 -5.02 0.45
C ARG C 77 48.26 -5.10 1.97
N ILE C 78 47.54 -6.08 2.49
CA ILE C 78 47.49 -6.30 3.93
C ILE C 78 48.67 -7.15 4.37
N ALA C 79 48.93 -8.24 3.65
CA ALA C 79 50.03 -9.12 4.02
C ALA C 79 51.37 -8.40 4.00
N LYS C 80 51.56 -7.45 3.08
CA LYS C 80 52.78 -6.65 3.12
C LYS C 80 52.85 -5.82 4.39
N GLU C 81 51.69 -5.40 4.90
CA GLU C 81 51.66 -4.59 6.12
C GLU C 81 51.86 -5.47 7.35
N SER C 82 50.96 -6.42 7.57
CA SER C 82 51.02 -7.26 8.75
C SER C 82 52.21 -8.19 8.71
N GLY C 83 52.53 -8.72 7.54
CA GLY C 83 53.46 -9.83 7.43
C GLY C 83 52.86 -11.16 7.77
N SER C 84 51.54 -11.24 7.90
CA SER C 84 50.88 -12.48 8.27
C SER C 84 50.88 -13.46 7.11
N ARG C 85 50.52 -14.70 7.43
CA ARG C 85 50.32 -15.75 6.45
C ARG C 85 48.87 -16.20 6.37
N GLU C 86 47.98 -15.65 7.19
CA GLU C 86 46.56 -15.97 7.13
C GLU C 86 45.79 -15.01 6.25
N ALA C 87 46.37 -13.87 5.90
CA ALA C 87 45.81 -12.96 4.92
C ALA C 87 46.35 -13.23 3.53
N LEU C 88 47.66 -13.44 3.43
CA LEU C 88 48.26 -13.80 2.15
C LEU C 88 47.65 -15.07 1.61
N LEU C 89 47.43 -16.04 2.48
CA LEU C 89 46.89 -17.33 2.11
C LEU C 89 45.38 -17.28 1.90
N ARG C 90 44.76 -16.14 2.18
CA ARG C 90 43.38 -15.88 1.78
C ARG C 90 43.29 -15.31 0.38
N ALA C 91 44.31 -14.59 -0.06
CA ALA C 91 44.28 -13.99 -1.38
C ALA C 91 44.47 -15.03 -2.48
N LEU C 92 45.21 -16.09 -2.19
CA LEU C 92 45.35 -17.17 -3.16
C LEU C 92 44.07 -17.96 -3.31
N ILE C 93 43.15 -17.81 -2.36
CA ILE C 93 41.84 -18.45 -2.47
C ILE C 93 40.92 -17.59 -3.29
N VAL C 94 40.92 -16.29 -3.02
CA VAL C 94 40.10 -15.37 -3.81
C VAL C 94 40.62 -15.30 -5.23
N ALA C 95 41.91 -15.53 -5.43
CA ALA C 95 42.49 -15.47 -6.77
C ALA C 95 42.19 -16.72 -7.57
N GLU C 96 42.33 -17.90 -6.96
CA GLU C 96 41.78 -19.11 -7.58
C GLU C 96 40.29 -19.00 -7.79
N GLU C 97 39.60 -18.38 -6.83
CA GLU C 97 38.16 -18.22 -6.92
C GLU C 97 37.76 -17.40 -8.14
N ALA C 98 38.48 -16.32 -8.41
CA ALA C 98 38.15 -15.48 -9.55
C ALA C 98 38.63 -16.05 -10.88
N ALA C 99 39.42 -17.12 -10.87
CA ALA C 99 39.76 -17.83 -12.08
C ALA C 99 38.78 -18.95 -12.37
N LYS C 100 38.40 -19.68 -11.33
CA LYS C 100 37.37 -20.70 -11.42
C LYS C 100 36.00 -20.11 -11.71
N LEU C 101 35.83 -18.80 -11.58
CA LEU C 101 34.61 -18.08 -11.91
C LEU C 101 34.63 -17.46 -13.30
N ALA C 102 35.78 -16.96 -13.73
CA ALA C 102 35.87 -16.43 -15.09
C ALA C 102 35.63 -17.51 -16.11
N LYS C 103 36.12 -18.72 -15.84
CA LYS C 103 35.80 -19.86 -16.68
C LYS C 103 34.30 -20.11 -16.72
N MET C 104 33.61 -19.85 -15.60
CA MET C 104 32.18 -20.10 -15.53
C MET C 104 31.37 -19.08 -16.30
N VAL C 105 31.97 -17.95 -16.66
CA VAL C 105 31.33 -16.98 -17.54
C VAL C 105 31.59 -17.30 -18.99
N LEU C 106 32.83 -17.68 -19.30
CA LEU C 106 33.16 -18.20 -20.61
C LEU C 106 32.21 -19.30 -21.04
N GLU C 107 31.88 -20.21 -20.11
CA GLU C 107 30.89 -21.25 -20.41
C GLU C 107 29.54 -20.64 -20.78
N LEU C 108 29.17 -19.55 -20.11
CA LEU C 108 27.90 -18.91 -20.42
C LEU C 108 27.89 -18.26 -21.79
N ALA C 109 29.05 -17.90 -22.32
CA ALA C 109 29.13 -17.29 -23.63
C ALA C 109 29.09 -18.31 -24.74
N GLU C 110 29.58 -19.51 -24.49
CA GLU C 110 29.60 -20.54 -25.52
C GLU C 110 28.19 -20.92 -25.94
N LYS C 111 27.26 -20.97 -24.99
CA LYS C 111 25.88 -21.25 -25.34
C LYS C 111 25.20 -20.04 -25.95
N GLN C 112 25.48 -18.84 -25.42
CA GLN C 112 24.96 -17.62 -26.00
C GLN C 112 25.68 -17.21 -27.28
N GLY C 113 26.92 -17.66 -27.47
CA GLY C 113 27.69 -17.22 -28.61
C GLY C 113 28.05 -15.75 -28.56
N ASP C 114 28.94 -15.38 -27.63
CA ASP C 114 29.36 -13.99 -27.44
C ASP C 114 30.87 -13.94 -27.28
N PRO C 115 31.61 -13.99 -28.39
CA PRO C 115 33.08 -13.99 -28.28
C PRO C 115 33.66 -12.75 -27.63
N GLU C 116 33.05 -11.58 -27.83
CA GLU C 116 33.54 -10.39 -27.16
C GLU C 116 33.33 -10.47 -25.67
N VAL C 117 32.33 -11.23 -25.23
CA VAL C 117 32.08 -11.43 -23.81
C VAL C 117 32.88 -12.62 -23.27
N ALA C 118 33.31 -13.52 -24.13
CA ALA C 118 34.15 -14.61 -23.72
C ALA C 118 35.60 -14.20 -23.60
N LEU C 119 36.01 -13.21 -24.39
CA LEU C 119 37.41 -12.79 -24.41
C LEU C 119 37.72 -11.86 -23.26
N ARG C 120 36.75 -11.06 -22.83
CA ARG C 120 36.95 -10.26 -21.64
C ARG C 120 37.20 -11.12 -20.42
N ALA C 121 36.62 -12.31 -20.37
CA ALA C 121 36.83 -13.21 -19.25
C ALA C 121 38.27 -13.68 -19.19
N VAL C 122 38.83 -14.08 -20.31
CA VAL C 122 40.18 -14.62 -20.33
C VAL C 122 41.18 -13.55 -19.94
N GLU C 123 40.88 -12.29 -20.22
CA GLU C 123 41.72 -11.21 -19.72
C GLU C 123 41.71 -11.17 -18.21
N LEU C 124 40.55 -11.43 -17.59
CA LEU C 124 40.49 -11.43 -16.13
C LEU C 124 41.32 -12.56 -15.55
N VAL C 125 41.36 -13.70 -16.24
CA VAL C 125 42.17 -14.81 -15.77
C VAL C 125 43.64 -14.47 -15.88
N VAL C 126 44.01 -13.65 -16.87
CA VAL C 126 45.40 -13.25 -17.02
C VAL C 126 45.76 -12.17 -16.02
N ARG C 127 44.80 -11.36 -15.58
CA ARG C 127 45.05 -10.48 -14.46
C ARG C 127 45.35 -11.25 -13.19
N VAL C 128 44.80 -12.45 -13.09
CA VAL C 128 45.04 -13.29 -11.92
C VAL C 128 46.41 -13.93 -11.98
N ALA C 129 46.76 -14.51 -13.13
CA ALA C 129 48.08 -15.10 -13.28
C ALA C 129 49.17 -14.03 -13.17
N GLU C 130 48.86 -12.81 -13.59
CA GLU C 130 49.78 -11.70 -13.42
C GLU C 130 49.77 -11.16 -12.00
N LEU C 131 48.74 -11.48 -11.23
CA LEU C 131 48.67 -11.09 -9.84
C LEU C 131 49.47 -12.03 -8.96
N LEU C 132 49.34 -13.33 -9.20
CA LEU C 132 50.02 -14.32 -8.36
C LEU C 132 51.53 -14.20 -8.49
N LEU C 133 52.02 -13.69 -9.62
CA LEU C 133 53.42 -13.28 -9.70
C LEU C 133 53.75 -12.27 -8.61
N ARG C 134 52.98 -11.20 -8.52
CA ARG C 134 53.26 -10.16 -7.55
C ARG C 134 53.16 -10.69 -6.13
N ILE C 135 52.39 -11.74 -5.91
CA ILE C 135 52.38 -12.42 -4.63
C ILE C 135 53.63 -13.26 -4.47
N ALA C 136 54.05 -13.93 -5.54
CA ALA C 136 55.18 -14.85 -5.45
C ALA C 136 56.51 -14.13 -5.43
N LYS C 137 56.65 -13.05 -6.18
CA LYS C 137 57.91 -12.32 -6.20
C LYS C 137 58.08 -11.49 -4.95
N GLU C 138 57.01 -10.83 -4.51
CA GLU C 138 57.04 -10.08 -3.25
C GLU C 138 57.31 -11.01 -2.08
N SER C 139 56.38 -11.94 -1.82
CA SER C 139 56.50 -12.81 -0.66
C SER C 139 57.67 -13.76 -0.79
N GLY C 140 58.01 -14.16 -2.01
CA GLY C 140 58.92 -15.28 -2.21
C GLY C 140 58.27 -16.63 -2.05
N SER C 141 56.94 -16.68 -1.96
CA SER C 141 56.25 -17.93 -1.76
C SER C 141 56.34 -18.80 -3.01
N GLU C 142 56.17 -20.10 -2.80
CA GLU C 142 56.24 -21.09 -3.87
C GLU C 142 54.87 -21.64 -4.22
N GLU C 143 53.94 -21.64 -3.28
CA GLU C 143 52.62 -22.19 -3.54
C GLU C 143 51.81 -21.30 -4.48
N ALA C 144 52.24 -20.07 -4.71
CA ALA C 144 51.60 -19.21 -5.70
C ALA C 144 52.07 -19.56 -7.11
N LEU C 145 53.38 -19.72 -7.29
CA LEU C 145 53.92 -20.07 -8.60
C LEU C 145 53.37 -21.39 -9.09
N GLU C 146 53.11 -22.33 -8.19
CA GLU C 146 52.43 -23.55 -8.58
C GLU C 146 51.04 -23.26 -9.13
N ARG C 147 50.41 -22.19 -8.65
CA ARG C 147 49.07 -21.83 -9.10
C ARG C 147 49.12 -20.93 -10.33
N ALA C 148 50.09 -20.02 -10.39
CA ALA C 148 50.19 -19.14 -11.55
C ALA C 148 50.41 -19.93 -12.83
N LEU C 149 51.14 -21.03 -12.74
CA LEU C 149 51.26 -21.93 -13.89
C LEU C 149 49.94 -22.65 -14.15
N ARG C 150 49.26 -23.02 -13.07
CA ARG C 150 47.95 -23.65 -13.20
C ARG C 150 46.96 -22.70 -13.85
N VAL C 151 46.89 -21.47 -13.35
CA VAL C 151 45.93 -20.51 -13.87
C VAL C 151 46.31 -20.07 -15.27
N ALA C 152 47.61 -20.01 -15.57
CA ALA C 152 48.04 -19.51 -16.87
C ALA C 152 47.71 -20.51 -17.97
N GLU C 153 48.05 -21.78 -17.77
CA GLU C 153 47.63 -22.81 -18.72
C GLU C 153 46.11 -22.96 -18.74
N GLU C 154 45.45 -22.67 -17.62
CA GLU C 154 44.00 -22.64 -17.56
C GLU C 154 43.41 -21.51 -18.41
N ALA C 155 44.24 -20.60 -18.95
CA ALA C 155 43.82 -19.59 -19.90
C ALA C 155 44.19 -19.94 -21.34
N ALA C 156 45.39 -20.47 -21.55
CA ALA C 156 45.80 -20.84 -22.89
C ALA C 156 44.91 -21.94 -23.45
N ARG C 157 44.35 -22.77 -22.57
CA ARG C 157 43.34 -23.72 -22.99
C ARG C 157 42.04 -23.05 -23.39
N LEU C 158 41.80 -21.83 -22.95
CA LEU C 158 40.57 -21.10 -23.22
C LEU C 158 40.66 -20.17 -24.41
N ALA C 159 41.82 -19.56 -24.64
CA ALA C 159 42.01 -18.79 -25.85
C ALA C 159 41.82 -19.66 -27.08
N LYS C 160 42.30 -20.90 -27.01
CA LYS C 160 41.98 -21.88 -28.04
C LYS C 160 40.47 -22.11 -28.10
N ARG C 161 39.83 -22.17 -26.93
CA ARG C 161 38.41 -22.45 -26.86
C ARG C 161 37.58 -21.26 -27.32
N VAL C 162 38.10 -20.05 -27.14
CA VAL C 162 37.44 -18.86 -27.69
C VAL C 162 37.57 -18.84 -29.20
N LEU C 163 38.69 -19.31 -29.72
CA LEU C 163 38.91 -19.31 -31.15
C LEU C 163 37.95 -20.27 -31.85
N GLU C 164 37.51 -21.31 -31.15
CA GLU C 164 36.54 -22.24 -31.70
C GLU C 164 35.15 -21.63 -31.87
N LEU C 165 34.91 -20.44 -31.33
CA LEU C 165 33.65 -19.74 -31.51
C LEU C 165 33.72 -18.76 -32.69
N ALA C 166 34.79 -17.96 -32.72
CA ALA C 166 35.03 -17.09 -33.86
C ALA C 166 35.01 -17.87 -35.17
N GLU C 167 35.75 -18.98 -35.21
CA GLU C 167 35.73 -19.84 -36.38
C GLU C 167 34.34 -20.42 -36.63
N GLU C 168 33.50 -20.52 -35.61
CA GLU C 168 32.16 -21.05 -35.77
C GLU C 168 31.18 -20.00 -36.28
N GLN C 169 31.37 -18.75 -35.89
CA GLN C 169 30.44 -17.68 -36.22
C GLN C 169 30.90 -16.80 -37.37
N GLY C 170 32.07 -17.07 -37.93
CA GLY C 170 32.57 -16.25 -39.02
C GLY C 170 32.85 -14.84 -38.58
N ASP C 171 33.54 -14.70 -37.45
CA ASP C 171 34.00 -13.41 -36.93
C ASP C 171 35.52 -13.48 -36.89
N PRO C 172 36.19 -13.27 -38.04
CA PRO C 172 37.63 -13.56 -38.11
C PRO C 172 38.49 -12.71 -37.21
N LEU C 173 37.97 -11.61 -36.68
CA LEU C 173 38.79 -10.61 -36.01
C LEU C 173 38.92 -10.88 -34.52
N VAL C 174 37.90 -11.43 -33.88
CA VAL C 174 38.04 -11.76 -32.47
C VAL C 174 39.02 -12.92 -32.32
N ALA C 175 39.10 -13.78 -33.32
CA ALA C 175 40.15 -14.79 -33.36
C ALA C 175 41.53 -14.15 -33.28
N LYS C 176 41.82 -13.23 -34.20
CA LYS C 176 43.02 -12.41 -34.10
C LYS C 176 43.13 -11.76 -32.73
N MET C 177 42.01 -11.28 -32.19
CA MET C 177 42.00 -10.64 -30.90
C MET C 177 42.21 -11.66 -29.78
N ALA C 178 42.15 -12.95 -30.10
CA ALA C 178 42.43 -14.05 -29.18
C ALA C 178 43.75 -14.75 -29.46
N VAL C 179 44.15 -14.85 -30.72
CA VAL C 179 45.46 -15.40 -31.05
C VAL C 179 46.55 -14.56 -30.42
N GLU C 180 46.45 -13.25 -30.54
CA GLU C 180 47.39 -12.35 -29.90
C GLU C 180 47.28 -12.38 -28.38
N LEU C 181 46.21 -12.94 -27.84
CA LEU C 181 46.12 -13.12 -26.39
C LEU C 181 47.09 -14.19 -25.93
N VAL C 182 47.18 -15.29 -26.68
CA VAL C 182 48.09 -16.37 -26.32
C VAL C 182 49.53 -15.88 -26.32
N LYS C 183 49.84 -14.88 -27.14
CA LYS C 183 51.15 -14.25 -27.06
C LYS C 183 51.35 -13.59 -25.71
N ARG C 184 50.29 -12.99 -25.16
CA ARG C 184 50.37 -12.40 -23.84
C ARG C 184 50.42 -13.45 -22.74
N VAL C 185 50.01 -14.68 -23.05
CA VAL C 185 50.19 -15.78 -22.13
C VAL C 185 51.62 -16.31 -22.20
N ALA C 186 52.09 -16.60 -23.40
CA ALA C 186 53.42 -17.15 -23.57
C ALA C 186 54.49 -16.21 -23.03
N GLU C 187 54.30 -14.91 -23.18
CA GLU C 187 55.20 -13.95 -22.55
C GLU C 187 55.13 -14.06 -21.04
N LEU C 188 53.98 -14.44 -20.49
CA LEU C 188 53.85 -14.54 -19.04
C LEU C 188 54.59 -15.76 -18.51
N LEU C 189 54.32 -16.92 -19.10
CA LEU C 189 54.95 -18.15 -18.66
C LEU C 189 56.47 -18.08 -18.75
N GLU C 190 56.99 -17.39 -19.75
CA GLU C 190 58.43 -17.14 -19.79
C GLU C 190 58.88 -16.37 -18.57
N ARG C 191 58.05 -15.43 -18.10
CA ARG C 191 58.42 -14.65 -16.92
C ARG C 191 58.48 -15.53 -15.69
N ILE C 192 57.72 -16.62 -15.69
CA ILE C 192 57.76 -17.60 -14.61
C ILE C 192 58.97 -18.51 -14.69
N ALA C 193 59.68 -18.52 -15.82
CA ALA C 193 60.97 -19.18 -15.93
C ALA C 193 62.12 -18.25 -15.58
N ARG C 194 62.06 -17.00 -16.03
CA ARG C 194 63.12 -16.04 -15.73
C ARG C 194 63.30 -15.88 -14.23
N GLU C 195 62.26 -15.42 -13.54
CA GLU C 195 62.18 -15.55 -12.10
C GLU C 195 61.59 -16.91 -11.77
N SER C 196 62.01 -17.47 -10.63
CA SER C 196 61.70 -18.86 -10.29
C SER C 196 62.30 -19.81 -11.32
N GLY C 197 63.62 -19.77 -11.42
CA GLY C 197 64.35 -20.56 -12.39
C GLY C 197 64.10 -22.04 -12.28
N SER C 198 63.63 -22.65 -13.36
CA SER C 198 63.32 -24.07 -13.40
C SER C 198 63.16 -24.47 -14.86
N GLU C 199 62.68 -25.69 -15.09
CA GLU C 199 62.44 -26.22 -16.42
C GLU C 199 60.97 -26.34 -16.77
N GLU C 200 60.11 -26.60 -15.79
CA GLU C 200 58.68 -26.66 -16.06
C GLU C 200 58.15 -25.33 -16.59
N ALA C 201 58.63 -24.23 -16.01
CA ALA C 201 58.26 -22.91 -16.53
C ALA C 201 58.70 -22.75 -17.97
N LYS C 202 59.99 -23.00 -18.23
CA LYS C 202 60.50 -22.91 -19.60
C LYS C 202 59.81 -23.93 -20.50
N GLU C 203 59.58 -25.13 -19.99
CA GLU C 203 58.91 -26.17 -20.78
C GLU C 203 57.48 -25.76 -21.10
N ARG C 204 56.67 -25.53 -20.06
CA ARG C 204 55.27 -25.18 -20.27
C ARG C 204 55.13 -23.89 -21.06
N ALA C 205 56.04 -22.94 -20.84
CA ALA C 205 56.06 -21.74 -21.69
C ALA C 205 56.37 -22.10 -23.13
N GLU C 206 57.17 -23.14 -23.35
CA GLU C 206 57.52 -23.55 -24.71
C GLU C 206 56.39 -24.37 -25.34
N ARG C 207 55.60 -25.08 -24.54
CA ARG C 207 54.45 -25.78 -25.07
C ARG C 207 53.42 -24.81 -25.62
N VAL C 208 53.32 -23.63 -25.02
CA VAL C 208 52.31 -22.66 -25.41
C VAL C 208 52.76 -21.85 -26.61
N ARG C 209 54.05 -21.52 -26.70
CA ARG C 209 54.53 -20.80 -27.87
C ARG C 209 54.37 -21.62 -29.14
N GLU C 210 54.36 -22.95 -29.02
CA GLU C 210 54.00 -23.78 -30.17
C GLU C 210 52.50 -23.79 -30.38
N GLU C 211 51.72 -23.69 -29.32
CA GLU C 211 50.28 -23.60 -29.44
C GLU C 211 49.83 -22.24 -29.92
N ALA C 212 50.70 -21.22 -29.75
CA ALA C 212 50.60 -19.97 -30.53
C ALA C 212 50.86 -20.23 -32.00
N ARG C 213 51.99 -20.87 -32.31
CA ARG C 213 52.32 -21.14 -33.70
C ARG C 213 51.34 -22.14 -34.32
N GLU C 214 50.70 -22.98 -33.50
CA GLU C 214 49.60 -23.78 -34.01
C GLU C 214 48.47 -22.89 -34.49
N LEU C 215 48.26 -21.76 -33.81
CA LEU C 215 47.24 -20.79 -34.20
C LEU C 215 47.86 -19.82 -35.20
N GLN C 216 48.17 -20.38 -36.36
CA GLN C 216 48.82 -19.72 -37.49
C GLN C 216 47.77 -18.99 -38.31
N GLU C 217 48.09 -18.65 -39.56
CA GLU C 217 47.13 -18.19 -40.56
C GLU C 217 46.02 -19.19 -40.88
N ARG C 218 45.96 -20.32 -40.17
CA ARG C 218 44.72 -21.05 -39.91
C ARG C 218 43.55 -20.10 -39.77
N VAL C 219 43.71 -19.07 -38.94
CA VAL C 219 42.68 -18.05 -38.81
C VAL C 219 42.43 -17.34 -40.13
N LYS C 220 43.50 -17.10 -40.92
CA LYS C 220 43.34 -16.44 -42.22
C LYS C 220 42.60 -17.31 -43.23
N GLU C 221 42.49 -18.62 -42.98
CA GLU C 221 41.79 -19.50 -43.92
C GLU C 221 40.30 -19.18 -44.03
N LEU C 222 39.74 -18.40 -43.11
CA LEU C 222 38.29 -18.25 -43.01
C LEU C 222 37.75 -17.11 -43.86
N ARG C 223 38.41 -15.96 -43.87
CA ARG C 223 37.88 -14.78 -44.56
C ARG C 223 38.29 -14.72 -46.03
N GLU C 224 38.10 -15.82 -46.76
CA GLU C 224 38.48 -15.91 -48.17
C GLU C 224 37.28 -16.13 -49.07
N ARG C 225 36.09 -15.67 -48.66
CA ARG C 225 34.87 -15.80 -49.46
C ARG C 225 34.62 -14.55 -50.29
N PRO D 1 -0.98 -27.99 -15.26
CA PRO D 1 -1.28 -26.58 -15.47
C PRO D 1 -0.12 -25.65 -15.13
N GLU D 2 -0.44 -24.36 -15.01
CA GLU D 2 0.61 -23.35 -14.85
C GLU D 2 1.33 -23.50 -13.53
N ASP D 3 0.58 -23.55 -12.43
CA ASP D 3 1.20 -23.66 -11.11
C ASP D 3 1.93 -24.97 -10.92
N GLU D 4 1.57 -26.01 -11.67
CA GLU D 4 2.28 -27.27 -11.57
C GLU D 4 3.60 -27.23 -12.33
N LEU D 5 3.67 -26.43 -13.39
CA LEU D 5 4.93 -26.25 -14.10
C LEU D 5 5.89 -25.37 -13.32
N LYS D 6 5.36 -24.38 -12.59
CA LYS D 6 6.22 -23.51 -11.80
C LYS D 6 6.98 -24.30 -10.75
N ARG D 7 6.41 -25.42 -10.28
CA ARG D 7 7.15 -26.29 -9.38
C ARG D 7 8.30 -26.98 -10.11
N VAL D 8 8.12 -27.29 -11.39
CA VAL D 8 9.15 -28.00 -12.13
C VAL D 8 10.24 -27.03 -12.55
N GLU D 9 9.86 -25.84 -13.00
CA GLU D 9 10.84 -24.82 -13.29
C GLU D 9 11.63 -24.46 -12.05
N LYS D 10 10.97 -24.48 -10.89
CA LYS D 10 11.64 -24.26 -9.62
C LYS D 10 12.67 -25.36 -9.36
N LEU D 11 12.26 -26.62 -9.49
CA LEU D 11 13.18 -27.74 -9.30
C LEU D 11 14.36 -27.66 -10.26
N VAL D 12 14.10 -27.30 -11.51
CA VAL D 12 15.20 -27.07 -12.46
C VAL D 12 16.04 -25.91 -11.98
N LYS D 13 15.39 -24.78 -11.68
CA LYS D 13 16.10 -23.57 -11.28
C LYS D 13 16.88 -23.78 -10.00
N GLU D 14 16.41 -24.66 -9.12
CA GLU D 14 17.15 -25.03 -7.92
C GLU D 14 18.30 -25.97 -8.17
N ALA D 15 18.53 -26.37 -9.43
CA ALA D 15 19.60 -27.29 -9.76
C ALA D 15 20.78 -26.66 -10.47
N GLU D 16 20.58 -25.64 -11.29
CA GLU D 16 21.73 -24.89 -11.78
C GLU D 16 22.46 -24.23 -10.62
N ALA D 17 21.71 -23.78 -9.61
CA ALA D 17 22.33 -23.20 -8.43
C ALA D 17 23.26 -24.19 -7.76
N LEU D 18 22.77 -25.38 -7.46
CA LEU D 18 23.59 -26.43 -6.88
C LEU D 18 24.75 -26.80 -7.79
N LEU D 19 24.66 -26.54 -9.08
CA LEU D 19 25.75 -26.84 -9.98
C LEU D 19 26.84 -25.77 -9.92
N ILE D 20 26.45 -24.51 -10.00
CA ILE D 20 27.45 -23.44 -10.04
C ILE D 20 28.21 -23.37 -8.72
N VAL D 21 27.52 -23.59 -7.60
CA VAL D 21 28.21 -23.62 -6.32
C VAL D 21 29.11 -24.83 -6.25
N ALA D 22 28.77 -25.89 -6.97
CA ALA D 22 29.63 -27.06 -7.04
C ALA D 22 30.79 -26.87 -8.00
N LYS D 23 30.66 -25.98 -8.97
CA LYS D 23 31.78 -25.64 -9.84
C LYS D 23 32.72 -24.68 -9.15
N ILE D 24 32.16 -23.79 -8.33
CA ILE D 24 32.97 -22.91 -7.49
C ILE D 24 33.69 -23.72 -6.43
N LYS D 25 32.92 -24.35 -5.54
CA LYS D 25 33.47 -25.02 -4.38
C LYS D 25 34.10 -26.37 -4.68
N GLY D 26 33.86 -26.93 -5.86
CA GLY D 26 34.36 -28.25 -6.16
C GLY D 26 33.69 -29.38 -5.41
N SER D 27 32.67 -29.10 -4.62
CA SER D 27 32.03 -30.14 -3.83
C SER D 27 31.33 -31.15 -4.72
N LYS D 28 31.30 -32.40 -4.26
CA LYS D 28 30.56 -33.47 -4.89
C LYS D 28 29.31 -33.85 -4.12
N ARG D 29 29.10 -33.30 -2.93
CA ARG D 29 27.82 -33.47 -2.26
C ARG D 29 26.70 -32.82 -3.05
N ASP D 30 27.02 -31.78 -3.83
CA ASP D 30 26.01 -30.95 -4.47
C ASP D 30 25.62 -31.46 -5.85
N LEU D 31 26.58 -31.93 -6.65
CA LEU D 31 26.24 -32.62 -7.88
C LEU D 31 25.31 -33.79 -7.60
N GLU D 32 25.65 -34.61 -6.61
CA GLU D 32 24.82 -35.70 -6.17
C GLU D 32 23.46 -35.23 -5.66
N LYS D 33 23.33 -33.95 -5.31
CA LYS D 33 22.05 -33.34 -5.00
C LYS D 33 21.45 -32.60 -6.18
N ALA D 34 22.27 -32.21 -7.15
CA ALA D 34 21.76 -31.57 -8.37
C ALA D 34 21.21 -32.61 -9.33
N LEU D 35 22.02 -33.63 -9.60
CA LEU D 35 21.58 -34.76 -10.41
C LEU D 35 20.28 -35.34 -9.89
N ARG D 36 20.28 -35.75 -8.62
CA ARG D 36 19.07 -36.27 -8.01
C ARG D 36 17.96 -35.24 -7.94
N THR D 37 18.25 -33.96 -8.10
CA THR D 37 17.21 -32.94 -8.17
C THR D 37 16.73 -32.70 -9.59
N ALA D 38 17.61 -32.85 -10.57
CA ALA D 38 17.18 -32.72 -11.96
C ALA D 38 16.29 -33.89 -12.36
N GLU D 39 16.64 -35.10 -11.90
CA GLU D 39 15.84 -36.28 -12.20
C GLU D 39 14.41 -36.12 -11.70
N GLU D 40 14.22 -35.45 -10.56
CA GLU D 40 12.88 -35.12 -10.10
C GLU D 40 12.12 -34.32 -11.15
N ALA D 41 12.74 -33.27 -11.67
CA ALA D 41 12.07 -32.42 -12.64
C ALA D 41 11.76 -33.18 -13.92
N ALA D 42 12.61 -34.15 -14.27
CA ALA D 42 12.32 -35.01 -15.41
C ALA D 42 11.22 -36.01 -15.12
N ARG D 43 10.95 -36.28 -13.85
CA ARG D 43 9.86 -37.16 -13.45
C ARG D 43 8.61 -36.42 -13.04
N GLU D 44 8.75 -35.19 -12.55
CA GLU D 44 7.59 -34.36 -12.26
C GLU D 44 7.03 -33.68 -13.49
N ALA D 45 7.77 -33.68 -14.60
CA ALA D 45 7.28 -33.10 -15.83
C ALA D 45 6.38 -34.08 -16.58
N VAL D 46 6.74 -35.36 -16.57
CA VAL D 46 5.87 -36.34 -17.18
C VAL D 46 4.54 -36.44 -16.44
N LYS D 47 4.54 -36.20 -15.14
CA LYS D 47 3.29 -36.18 -14.39
C LYS D 47 2.39 -35.06 -14.86
N VAL D 48 2.96 -34.00 -15.42
CA VAL D 48 2.18 -32.90 -15.97
C VAL D 48 1.63 -33.27 -17.33
N LEU D 49 2.54 -33.54 -18.26
CA LEU D 49 2.19 -33.93 -19.62
C LEU D 49 1.15 -35.04 -19.65
N VAL D 50 1.32 -36.05 -18.81
CA VAL D 50 0.39 -37.17 -18.82
C VAL D 50 -0.99 -36.73 -18.37
N GLN D 51 -1.08 -35.73 -17.50
CA GLN D 51 -2.39 -35.16 -17.18
C GLN D 51 -2.94 -34.36 -18.34
N ALA D 52 -2.07 -33.78 -19.15
CA ALA D 52 -2.47 -32.87 -20.21
C ALA D 52 -2.71 -33.58 -21.53
N LEU D 53 -2.15 -34.77 -21.72
CA LEU D 53 -2.48 -35.55 -22.90
C LEU D 53 -3.86 -36.17 -22.79
N LEU D 54 -4.38 -36.33 -21.59
CA LEU D 54 -5.74 -36.83 -21.42
C LEU D 54 -6.74 -35.74 -21.76
N GLU D 55 -6.58 -34.57 -21.15
CA GLU D 55 -7.27 -33.38 -21.64
C GLU D 55 -6.75 -33.04 -23.03
N GLY D 56 -7.46 -32.15 -23.69
CA GLY D 56 -7.05 -31.64 -24.98
C GLY D 56 -6.27 -30.35 -24.86
N ASP D 57 -5.17 -30.39 -24.10
CA ASP D 57 -4.36 -29.21 -23.80
C ASP D 57 -2.93 -29.48 -24.24
N PRO D 58 -2.65 -29.39 -25.54
CA PRO D 58 -1.28 -29.57 -26.00
C PRO D 58 -0.40 -28.35 -25.79
N GLU D 59 -0.99 -27.17 -25.70
CA GLU D 59 -0.23 -25.96 -25.42
C GLU D 59 0.47 -26.05 -24.08
N VAL D 60 -0.08 -26.82 -23.14
CA VAL D 60 0.59 -27.08 -21.89
C VAL D 60 1.61 -28.19 -22.04
N ALA D 61 1.32 -29.17 -22.90
CA ALA D 61 2.23 -30.28 -23.08
C ALA D 61 3.59 -29.82 -23.60
N LEU D 62 3.58 -28.94 -24.60
CA LEU D 62 4.81 -28.45 -25.18
C LEU D 62 5.61 -27.62 -24.19
N ARG D 63 4.93 -26.99 -23.23
CA ARG D 63 5.60 -26.27 -22.17
C ARG D 63 6.12 -27.18 -21.07
N ALA D 64 5.88 -28.49 -21.17
CA ALA D 64 6.48 -29.48 -20.31
C ALA D 64 7.64 -30.20 -20.97
N VAL D 65 7.48 -30.56 -22.23
CA VAL D 65 8.57 -31.20 -22.96
C VAL D 65 9.70 -30.22 -23.12
N GLU D 66 9.39 -28.93 -23.27
CA GLU D 66 10.44 -27.93 -23.31
C GLU D 66 11.21 -27.86 -22.01
N LEU D 67 10.62 -28.31 -20.90
CA LEU D 67 11.36 -28.38 -19.65
C LEU D 67 12.23 -29.61 -19.60
N VAL D 68 11.71 -30.73 -20.08
CA VAL D 68 12.44 -32.00 -20.01
C VAL D 68 13.68 -31.92 -20.86
N VAL D 69 13.66 -31.12 -21.92
CA VAL D 69 14.85 -30.91 -22.72
C VAL D 69 15.83 -30.03 -21.96
N ARG D 70 15.34 -29.06 -21.21
CA ARG D 70 16.24 -28.24 -20.42
C ARG D 70 16.90 -29.01 -19.29
N VAL D 71 16.34 -30.16 -18.93
CA VAL D 71 16.96 -31.04 -17.95
C VAL D 71 18.05 -31.88 -18.60
N ALA D 72 17.85 -32.26 -19.86
CA ALA D 72 18.86 -33.04 -20.55
C ALA D 72 20.06 -32.16 -20.90
N GLU D 73 19.83 -30.90 -21.23
CA GLU D 73 20.92 -29.95 -21.33
C GLU D 73 21.64 -29.80 -20.00
N LEU D 74 20.87 -29.75 -18.91
CA LEU D 74 21.45 -29.61 -17.58
C LEU D 74 22.30 -30.81 -17.22
N LEU D 75 21.75 -32.01 -17.39
CA LEU D 75 22.44 -33.23 -17.04
C LEU D 75 23.66 -33.49 -17.91
N LEU D 76 23.80 -32.78 -19.01
CA LEU D 76 25.05 -32.77 -19.75
C LEU D 76 26.09 -31.85 -19.14
N ARG D 77 25.65 -30.73 -18.56
CA ARG D 77 26.58 -29.82 -17.92
C ARG D 77 27.13 -30.37 -16.62
N ILE D 78 26.55 -31.44 -16.11
CA ILE D 78 27.09 -32.11 -14.94
C ILE D 78 28.18 -33.10 -15.33
N ALA D 79 27.91 -33.90 -16.36
CA ALA D 79 28.89 -34.88 -16.80
C ALA D 79 30.19 -34.24 -17.24
N LYS D 80 30.14 -33.06 -17.84
CA LYS D 80 31.37 -32.34 -18.15
C LYS D 80 32.13 -31.97 -16.89
N GLU D 81 31.39 -31.69 -15.81
CA GLU D 81 32.01 -31.33 -14.55
C GLU D 81 32.57 -32.55 -13.83
N SER D 82 31.70 -33.50 -13.50
CA SER D 82 32.13 -34.68 -12.75
C SER D 82 33.00 -35.58 -13.59
N GLY D 83 32.68 -35.71 -14.87
CA GLY D 83 33.27 -36.76 -15.69
C GLY D 83 32.65 -38.11 -15.49
N SER D 84 31.52 -38.19 -14.79
CA SER D 84 30.88 -39.46 -14.50
C SER D 84 30.21 -40.02 -15.75
N ARG D 85 29.80 -41.28 -15.66
CA ARG D 85 29.03 -41.96 -16.68
C ARG D 85 27.63 -42.31 -16.20
N GLU D 86 27.29 -42.03 -14.94
CA GLU D 86 25.95 -42.27 -14.44
C GLU D 86 25.06 -41.05 -14.55
N ALA D 87 25.63 -39.88 -14.81
CA ALA D 87 24.87 -38.68 -15.13
C ALA D 87 24.70 -38.51 -16.63
N LEU D 88 25.78 -38.72 -17.38
CA LEU D 88 25.71 -38.66 -18.83
C LEU D 88 24.72 -39.68 -19.36
N LEU D 89 24.73 -40.87 -18.78
CA LEU D 89 23.85 -41.96 -19.18
C LEU D 89 22.44 -41.79 -18.65
N ARG D 90 22.20 -40.78 -17.82
CA ARG D 90 20.86 -40.36 -17.44
C ARG D 90 20.28 -39.37 -18.44
N ALA D 91 21.12 -38.58 -19.08
CA ALA D 91 20.63 -37.59 -20.03
C ALA D 91 20.15 -38.22 -21.32
N LEU D 92 20.74 -39.35 -21.72
CA LEU D 92 20.26 -40.05 -22.88
C LEU D 92 18.93 -40.72 -22.63
N ILE D 93 18.54 -40.87 -21.37
CA ILE D 93 17.23 -41.39 -21.03
C ILE D 93 16.21 -40.28 -21.06
N VAL D 94 16.54 -39.13 -20.47
CA VAL D 94 15.64 -38.00 -20.52
C VAL D 94 15.50 -37.49 -21.94
N ALA D 95 16.52 -37.67 -22.77
CA ALA D 95 16.47 -37.20 -24.15
C ALA D 95 15.64 -38.12 -25.02
N GLU D 96 15.81 -39.44 -24.90
CA GLU D 96 14.86 -40.37 -25.49
C GLU D 96 13.47 -40.14 -24.95
N GLU D 97 13.37 -39.84 -23.66
CA GLU D 97 12.08 -39.62 -23.03
C GLU D 97 11.35 -38.44 -23.64
N ALA D 98 12.06 -37.37 -23.92
CA ALA D 98 11.43 -36.19 -24.50
C ALA D 98 11.19 -36.31 -26.00
N ALA D 99 11.71 -37.35 -26.64
CA ALA D 99 11.37 -37.65 -28.02
C ALA D 99 10.18 -38.58 -28.11
N LYS D 100 10.16 -39.61 -27.26
CA LYS D 100 9.03 -40.50 -27.13
C LYS D 100 7.79 -39.81 -26.59
N LEU D 101 7.94 -38.60 -26.03
CA LEU D 101 6.83 -37.78 -25.57
C LEU D 101 6.37 -36.75 -26.58
N ALA D 102 7.28 -36.17 -27.34
CA ALA D 102 6.88 -35.23 -28.37
C ALA D 102 6.03 -35.93 -29.42
N LYS D 103 6.37 -37.17 -29.75
CA LYS D 103 5.52 -37.97 -30.62
C LYS D 103 4.14 -38.15 -30.03
N MET D 104 4.05 -38.24 -28.70
CA MET D 104 2.78 -38.46 -28.04
C MET D 104 1.90 -37.22 -28.04
N VAL D 105 2.47 -36.05 -28.32
CA VAL D 105 1.69 -34.83 -28.50
C VAL D 105 1.25 -34.67 -29.93
N LEU D 106 2.15 -34.97 -30.87
CA LEU D 106 1.79 -35.05 -32.27
C LEU D 106 0.57 -35.93 -32.49
N GLU D 107 0.52 -37.08 -31.80
CA GLU D 107 -0.66 -37.93 -31.88
C GLU D 107 -1.91 -37.21 -31.41
N LEU D 108 -1.77 -36.37 -30.38
CA LEU D 108 -2.91 -35.63 -29.88
C LEU D 108 -3.39 -34.58 -30.85
N ALA D 109 -2.53 -34.10 -31.74
CA ALA D 109 -2.92 -33.09 -32.70
C ALA D 109 -3.62 -33.71 -33.91
N GLU D 110 -3.28 -34.95 -34.25
CA GLU D 110 -3.88 -35.59 -35.41
C GLU D 110 -5.38 -35.77 -35.22
N LYS D 111 -5.80 -36.09 -33.99
CA LYS D 111 -7.22 -36.20 -33.72
C LYS D 111 -7.87 -34.84 -33.60
N GLN D 112 -7.19 -33.89 -32.96
CA GLN D 112 -7.69 -32.52 -32.88
C GLN D 112 -7.53 -31.75 -34.18
N GLY D 113 -6.59 -32.15 -35.03
CA GLY D 113 -6.32 -31.39 -36.23
C GLY D 113 -5.72 -30.03 -35.95
N ASP D 114 -4.47 -30.00 -35.49
CA ASP D 114 -3.78 -28.77 -35.14
C ASP D 114 -2.36 -28.82 -35.69
N PRO D 115 -2.18 -28.53 -36.98
CA PRO D 115 -0.83 -28.61 -37.56
C PRO D 115 0.18 -27.66 -36.95
N GLU D 116 -0.25 -26.48 -36.52
CA GLU D 116 0.68 -25.58 -35.86
C GLU D 116 1.12 -26.13 -34.52
N VAL D 117 0.29 -26.96 -33.89
CA VAL D 117 0.64 -27.60 -32.64
C VAL D 117 1.37 -28.91 -32.87
N ALA D 118 1.22 -29.50 -34.04
CA ALA D 118 1.97 -30.70 -34.38
C ALA D 118 3.37 -30.39 -34.84
N LEU D 119 3.57 -29.21 -35.42
CA LEU D 119 4.86 -28.85 -35.97
C LEU D 119 5.80 -28.36 -34.89
N ARG D 120 5.27 -27.69 -33.86
CA ARG D 120 6.09 -27.32 -32.73
C ARG D 120 6.69 -28.54 -32.05
N ALA D 121 5.98 -29.67 -32.08
CA ALA D 121 6.50 -30.88 -31.45
C ALA D 121 7.72 -31.40 -32.19
N VAL D 122 7.66 -31.42 -33.53
CA VAL D 122 8.76 -31.98 -34.29
C VAL D 122 10.00 -31.12 -34.14
N GLU D 123 9.83 -29.82 -33.90
CA GLU D 123 10.98 -28.98 -33.57
C GLU D 123 11.63 -29.43 -32.27
N LEU D 124 10.82 -29.84 -31.28
CA LEU D 124 11.39 -30.31 -30.03
C LEU D 124 12.17 -31.59 -30.23
N VAL D 125 11.71 -32.45 -31.14
CA VAL D 125 12.45 -33.67 -31.42
C VAL D 125 13.76 -33.36 -32.10
N VAL D 126 13.80 -32.28 -32.88
CA VAL D 126 15.04 -31.90 -33.54
C VAL D 126 15.98 -31.21 -32.58
N ARG D 127 15.45 -30.55 -31.54
CA ARG D 127 16.31 -30.09 -30.48
C ARG D 127 16.98 -31.24 -29.75
N VAL D 128 16.34 -32.40 -29.73
CA VAL D 128 16.90 -33.57 -29.08
C VAL D 128 17.98 -34.19 -29.95
N ALA D 129 17.70 -34.39 -31.23
CA ALA D 129 18.70 -34.93 -32.13
C ALA D 129 19.89 -34.00 -32.25
N GLU D 130 19.65 -32.69 -32.13
CA GLU D 130 20.75 -31.72 -32.11
C GLU D 130 21.44 -31.67 -30.77
N LEU D 131 20.79 -32.18 -29.73
CA LEU D 131 21.40 -32.26 -28.41
C LEU D 131 22.31 -33.47 -28.29
N LEU D 132 21.88 -34.61 -28.79
CA LEU D 132 22.67 -35.83 -28.66
C LEU D 132 23.98 -35.73 -29.43
N LEU D 133 24.01 -34.89 -30.47
CA LEU D 133 25.29 -34.52 -31.08
C LEU D 133 26.23 -33.93 -30.04
N ARG D 134 25.76 -32.91 -29.32
CA ARG D 134 26.60 -32.25 -28.33
C ARG D 134 27.04 -33.22 -27.24
N ILE D 135 26.26 -34.26 -26.98
CA ILE D 135 26.69 -35.31 -26.08
C ILE D 135 27.71 -36.20 -26.75
N ALA D 136 27.53 -36.50 -28.03
CA ALA D 136 28.39 -37.43 -28.73
C ALA D 136 29.72 -36.80 -29.13
N LYS D 137 29.71 -35.54 -29.53
CA LYS D 137 30.94 -34.88 -29.94
C LYS D 137 31.78 -34.50 -28.73
N GLU D 138 31.12 -33.98 -27.69
CA GLU D 138 31.82 -33.68 -26.44
C GLU D 138 32.40 -34.94 -25.83
N SER D 139 31.53 -35.87 -25.43
CA SER D 139 31.98 -37.08 -24.74
C SER D 139 32.79 -37.98 -25.65
N GLY D 140 32.50 -37.98 -26.94
CA GLY D 140 33.02 -38.98 -27.83
C GLY D 140 32.28 -40.30 -27.76
N SER D 141 31.14 -40.34 -27.09
CA SER D 141 30.38 -41.57 -26.94
C SER D 141 29.78 -42.00 -28.27
N GLU D 142 29.50 -43.29 -28.37
CA GLU D 142 28.93 -43.89 -29.57
C GLU D 142 27.46 -44.24 -29.40
N GLU D 143 27.05 -44.52 -28.17
CA GLU D 143 25.66 -44.91 -27.92
C GLU D 143 24.70 -43.75 -28.11
N ALA D 144 25.20 -42.51 -28.15
CA ALA D 144 24.36 -41.37 -28.47
C ALA D 144 24.11 -41.27 -29.97
N LEU D 145 25.17 -41.39 -30.78
CA LEU D 145 25.02 -41.32 -32.22
C LEU D 145 24.09 -42.39 -32.74
N GLU D 146 24.08 -43.56 -32.12
CA GLU D 146 23.10 -44.57 -32.46
C GLU D 146 21.68 -44.08 -32.21
N ARG D 147 21.51 -43.21 -31.21
CA ARG D 147 20.20 -42.67 -30.88
C ARG D 147 19.87 -41.43 -31.70
N ALA D 148 20.87 -40.59 -31.95
CA ALA D 148 20.62 -39.38 -32.74
C ALA D 148 20.12 -39.72 -34.13
N LEU D 149 20.61 -40.83 -34.70
CA LEU D 149 20.07 -41.29 -35.96
C LEU D 149 18.67 -41.86 -35.77
N ARG D 150 18.46 -42.54 -34.65
CA ARG D 150 17.13 -43.05 -34.32
C ARG D 150 16.14 -41.92 -34.16
N VAL D 151 16.50 -40.91 -33.36
CA VAL D 151 15.60 -39.80 -33.10
C VAL D 151 15.41 -38.95 -34.34
N ALA D 152 16.45 -38.82 -35.18
CA ALA D 152 16.36 -37.96 -36.34
C ALA D 152 15.42 -38.54 -37.38
N GLU D 153 15.59 -39.82 -37.72
CA GLU D 153 14.62 -40.46 -38.60
C GLU D 153 13.26 -40.56 -37.96
N GLU D 154 13.20 -40.63 -36.63
CA GLU D 154 11.94 -40.56 -35.90
C GLU D 154 11.24 -39.21 -36.05
N ALA D 155 11.91 -38.21 -36.63
CA ALA D 155 11.30 -36.93 -36.97
C ALA D 155 10.96 -36.81 -38.44
N ALA D 156 11.84 -37.28 -39.33
CA ALA D 156 11.56 -37.22 -40.75
C ALA D 156 10.35 -38.05 -41.11
N ARG D 157 10.07 -39.10 -40.33
CA ARG D 157 8.84 -39.84 -40.48
C ARG D 157 7.62 -39.04 -40.04
N LEU D 158 7.82 -38.00 -39.21
CA LEU D 158 6.73 -37.20 -38.68
C LEU D 158 6.47 -35.94 -39.48
N ALA D 159 7.51 -35.32 -40.04
CA ALA D 159 7.29 -34.21 -40.94
C ALA D 159 6.44 -34.63 -42.13
N LYS D 160 6.67 -35.83 -42.63
CA LYS D 160 5.79 -36.42 -43.62
C LYS D 160 4.39 -36.58 -43.03
N ARG D 161 4.30 -36.98 -41.78
CA ARG D 161 3.02 -37.23 -41.12
C ARG D 161 2.30 -35.94 -40.80
N VAL D 162 3.05 -34.87 -40.57
CA VAL D 162 2.44 -33.54 -40.40
C VAL D 162 1.91 -33.04 -41.73
N LEU D 163 2.60 -33.36 -42.82
CA LEU D 163 2.17 -32.90 -44.13
C LEU D 163 0.86 -33.55 -44.54
N GLU D 164 0.58 -34.74 -44.02
CA GLU D 164 -0.68 -35.42 -44.30
C GLU D 164 -1.87 -34.75 -43.64
N LEU D 165 -1.64 -33.79 -42.74
CA LEU D 165 -2.72 -33.02 -42.12
C LEU D 165 -2.99 -31.73 -42.87
N ALA D 166 -1.92 -30.98 -43.19
CA ALA D 166 -2.04 -29.80 -44.02
C ALA D 166 -2.75 -30.13 -45.32
N GLU D 167 -2.31 -31.18 -46.01
CA GLU D 167 -2.98 -31.63 -47.22
C GLU D 167 -4.41 -32.05 -46.96
N GLU D 168 -4.74 -32.44 -45.72
CA GLU D 168 -6.10 -32.86 -45.38
C GLU D 168 -7.00 -31.67 -45.08
N GLN D 169 -6.45 -30.62 -44.49
CA GLN D 169 -7.23 -29.47 -44.05
C GLN D 169 -7.16 -28.28 -45.00
N GLY D 170 -6.40 -28.39 -46.08
CA GLY D 170 -6.29 -27.28 -47.01
C GLY D 170 -5.60 -26.09 -46.39
N ASP D 171 -4.48 -26.34 -45.72
CA ASP D 171 -3.62 -25.31 -45.14
C ASP D 171 -2.27 -25.43 -45.83
N PRO D 172 -2.14 -24.88 -47.04
CA PRO D 172 -0.95 -25.17 -47.85
C PRO D 172 0.36 -24.69 -47.26
N LEU D 173 0.31 -23.80 -46.27
CA LEU D 173 1.50 -23.10 -45.81
C LEU D 173 2.21 -23.83 -44.69
N VAL D 174 1.48 -24.53 -43.83
CA VAL D 174 2.16 -25.30 -42.79
C VAL D 174 2.89 -26.47 -43.42
N ALA D 175 2.38 -26.97 -44.55
CA ALA D 175 3.12 -27.95 -45.34
C ALA D 175 4.48 -27.42 -45.74
N LYS D 176 4.50 -26.25 -46.40
CA LYS D 176 5.76 -25.54 -46.64
C LYS D 176 6.55 -25.37 -45.36
N MET D 177 5.88 -25.07 -44.26
CA MET D 177 6.54 -24.86 -42.99
C MET D 177 7.02 -26.19 -42.41
N ALA D 178 6.61 -27.31 -43.01
CA ALA D 178 7.06 -28.66 -42.65
C ALA D 178 7.99 -29.27 -43.69
N VAL D 179 7.78 -28.97 -44.97
CA VAL D 179 8.71 -29.44 -46.00
C VAL D 179 10.09 -28.88 -45.74
N GLU D 180 10.18 -27.59 -45.46
CA GLU D 180 11.44 -26.96 -45.09
C GLU D 180 12.00 -27.48 -43.78
N LEU D 181 11.18 -28.16 -42.97
CA LEU D 181 11.69 -28.78 -41.76
C LEU D 181 12.56 -29.98 -42.11
N VAL D 182 12.13 -30.79 -43.08
CA VAL D 182 12.90 -31.94 -43.49
C VAL D 182 14.26 -31.54 -44.02
N LYS D 183 14.36 -30.34 -44.58
CA LYS D 183 15.66 -29.80 -44.95
C LYS D 183 16.53 -29.61 -43.72
N ARG D 184 15.93 -29.19 -42.60
CA ARG D 184 16.66 -29.06 -41.37
C ARG D 184 17.00 -30.40 -40.76
N VAL D 185 16.30 -31.45 -41.15
CA VAL D 185 16.66 -32.80 -40.77
C VAL D 185 17.81 -33.32 -41.61
N ALA D 186 17.66 -33.22 -42.93
CA ALA D 186 18.67 -33.74 -43.84
C ALA D 186 20.01 -33.06 -43.61
N GLU D 187 20.00 -31.77 -43.30
CA GLU D 187 21.23 -31.08 -42.93
C GLU D 187 21.81 -31.68 -41.66
N LEU D 188 20.96 -32.18 -40.76
CA LEU D 188 21.45 -32.73 -39.51
C LEU D 188 22.11 -34.08 -39.73
N LEU D 189 21.42 -34.99 -40.42
CA LEU D 189 21.95 -36.31 -40.67
C LEU D 189 23.28 -36.26 -41.43
N GLU D 190 23.43 -35.30 -42.34
CA GLU D 190 24.73 -35.09 -42.96
C GLU D 190 25.79 -34.77 -41.92
N ARG D 191 25.42 -34.00 -40.89
CA ARG D 191 26.39 -33.65 -39.86
C ARG D 191 26.81 -34.89 -39.07
N ILE D 192 25.95 -35.90 -39.02
CA ILE D 192 26.28 -37.18 -38.40
C ILE D 192 27.15 -38.05 -39.28
N ALA D 193 27.30 -37.71 -40.56
CA ALA D 193 28.27 -38.35 -41.42
C ALA D 193 29.62 -37.61 -41.41
N ARG D 194 29.58 -36.28 -41.41
CA ARG D 194 30.81 -35.50 -41.40
C ARG D 194 31.65 -35.83 -40.17
N GLU D 195 31.11 -35.59 -38.99
CA GLU D 195 31.63 -36.17 -37.77
C GLU D 195 31.01 -37.54 -37.59
N SER D 196 31.77 -38.45 -36.98
CA SER D 196 31.40 -39.87 -36.92
C SER D 196 31.32 -40.45 -38.32
N GLY D 197 32.46 -40.43 -39.01
CA GLY D 197 32.55 -40.88 -40.38
C GLY D 197 32.12 -42.32 -40.56
N SER D 198 31.13 -42.53 -41.42
CA SER D 198 30.60 -43.85 -41.70
C SER D 198 29.75 -43.75 -42.97
N GLU D 199 29.02 -44.82 -43.26
CA GLU D 199 28.15 -44.89 -44.43
C GLU D 199 26.68 -44.85 -44.08
N GLU D 200 26.29 -45.38 -42.92
CA GLU D 200 24.89 -45.31 -42.51
C GLU D 200 24.44 -43.86 -42.35
N ALA D 201 25.29 -43.02 -41.78
CA ALA D 201 24.97 -41.59 -41.69
C ALA D 201 24.78 -40.99 -43.07
N LYS D 202 25.76 -41.18 -43.96
CA LYS D 202 25.63 -40.68 -45.32
C LYS D 202 24.47 -41.33 -46.04
N GLU D 203 24.27 -42.63 -45.82
CA GLU D 203 23.16 -43.33 -46.46
C GLU D 203 21.82 -42.80 -45.97
N ARG D 204 21.59 -42.90 -44.65
CA ARG D 204 20.33 -42.45 -44.08
C ARG D 204 20.08 -40.97 -44.34
N ALA D 205 21.14 -40.16 -44.32
CA ALA D 205 21.01 -38.76 -44.71
C ALA D 205 20.60 -38.65 -46.17
N GLU D 206 21.04 -39.59 -47.01
CA GLU D 206 20.69 -39.56 -48.42
C GLU D 206 19.28 -40.09 -48.67
N ARG D 207 18.81 -40.99 -47.82
CA ARG D 207 17.43 -41.46 -47.93
C ARG D 207 16.45 -40.33 -47.65
N VAL D 208 16.83 -39.40 -46.78
CA VAL D 208 15.93 -38.33 -46.37
C VAL D 208 15.96 -37.19 -47.38
N ARG D 209 17.11 -36.89 -47.96
CA ARG D 209 17.17 -35.84 -48.98
C ARG D 209 16.34 -36.20 -50.19
N GLU D 210 16.15 -37.49 -50.46
CA GLU D 210 15.19 -37.90 -51.48
C GLU D 210 13.77 -37.80 -50.97
N GLU D 211 13.56 -38.03 -49.69
CA GLU D 211 12.24 -37.87 -49.09
C GLU D 211 11.87 -36.40 -48.93
N ALA D 212 12.90 -35.52 -48.90
CA ALA D 212 12.69 -34.09 -49.17
C ALA D 212 12.25 -33.86 -50.62
N ARG D 213 13.00 -34.40 -51.58
CA ARG D 213 12.65 -34.22 -52.97
C ARG D 213 11.35 -34.94 -53.31
N GLU D 214 10.98 -35.98 -52.56
CA GLU D 214 9.64 -36.55 -52.68
C GLU D 214 8.60 -35.50 -52.34
N LEU D 215 8.90 -34.65 -51.36
CA LEU D 215 8.00 -33.57 -50.95
C LEU D 215 8.28 -32.35 -51.82
N GLN D 216 7.96 -32.52 -53.09
CA GLN D 216 8.18 -31.56 -54.16
C GLN D 216 7.01 -30.58 -54.17
N GLU D 217 6.83 -29.85 -55.28
CA GLU D 217 5.62 -29.07 -55.56
C GLU D 217 4.33 -29.89 -55.60
N ARG D 218 4.38 -31.18 -55.28
CA ARG D 218 3.28 -31.91 -54.69
C ARG D 218 2.45 -31.02 -53.76
N VAL D 219 3.13 -30.31 -52.86
CA VAL D 219 2.46 -29.37 -51.99
C VAL D 219 1.79 -28.26 -52.81
N LYS D 220 2.43 -27.81 -53.89
CA LYS D 220 1.85 -26.77 -54.74
C LYS D 220 0.61 -27.24 -55.48
N GLU D 221 0.40 -28.55 -55.59
CA GLU D 221 -0.77 -29.06 -56.29
C GLU D 221 -2.09 -28.68 -55.62
N LEU D 222 -2.05 -28.22 -54.36
CA LEU D 222 -3.26 -28.08 -53.57
C LEU D 222 -3.92 -26.70 -53.73
N ARG D 223 -3.14 -25.63 -53.74
CA ARG D 223 -3.70 -24.27 -53.75
C ARG D 223 -3.96 -23.76 -55.16
N GLU D 224 -4.62 -24.56 -55.99
CA GLU D 224 -4.91 -24.20 -57.38
C GLU D 224 -6.41 -24.08 -57.65
N ARG D 225 -7.19 -23.74 -56.63
CA ARG D 225 -8.64 -23.58 -56.77
C ARG D 225 -9.00 -22.11 -57.01
N PRO E 1 -31.64 -3.86 0.92
CA PRO E 1 -30.57 -3.15 1.63
C PRO E 1 -29.68 -2.33 0.70
N GLU E 2 -28.52 -1.93 1.23
CA GLU E 2 -27.66 -1.01 0.50
C GLU E 2 -27.09 -1.65 -0.76
N ASP E 3 -26.48 -2.82 -0.61
CA ASP E 3 -25.87 -3.49 -1.76
C ASP E 3 -26.89 -3.92 -2.80
N GLU E 4 -28.15 -4.09 -2.40
CA GLU E 4 -29.18 -4.44 -3.36
C GLU E 4 -29.66 -3.22 -4.14
N LEU E 5 -29.58 -2.03 -3.54
CA LEU E 5 -29.90 -0.81 -4.27
C LEU E 5 -28.78 -0.43 -5.22
N LYS E 6 -27.53 -0.71 -4.87
CA LYS E 6 -26.42 -0.40 -5.75
C LYS E 6 -26.52 -1.16 -7.06
N ARG E 7 -27.16 -2.33 -7.05
CA ARG E 7 -27.43 -3.03 -8.30
C ARG E 7 -28.46 -2.29 -9.13
N VAL E 8 -29.42 -1.63 -8.47
CA VAL E 8 -30.48 -0.95 -9.20
C VAL E 8 -29.98 0.38 -9.73
N GLU E 9 -29.21 1.10 -8.90
CA GLU E 9 -28.58 2.32 -9.38
C GLU E 9 -27.63 2.03 -10.53
N LYS E 10 -26.98 0.87 -10.47
CA LYS E 10 -26.13 0.43 -11.58
C LYS E 10 -26.95 0.21 -12.84
N LEU E 11 -28.06 -0.53 -12.74
CA LEU E 11 -28.93 -0.77 -13.88
C LEU E 11 -29.46 0.54 -14.45
N VAL E 12 -29.84 1.47 -13.58
CA VAL E 12 -30.23 2.80 -14.05
C VAL E 12 -29.05 3.48 -14.70
N LYS E 13 -27.91 3.51 -14.00
CA LYS E 13 -26.72 4.19 -14.50
C LYS E 13 -26.23 3.57 -15.80
N GLU E 14 -26.45 2.28 -16.00
CA GLU E 14 -26.12 1.63 -17.26
C GLU E 14 -27.12 1.91 -18.36
N ALA E 15 -28.15 2.71 -18.10
CA ALA E 15 -29.17 3.02 -19.09
C ALA E 15 -29.10 4.43 -19.65
N GLU E 16 -28.70 5.42 -18.85
CA GLU E 16 -28.41 6.72 -19.45
C GLU E 16 -27.26 6.61 -20.43
N ALA E 17 -26.29 5.75 -20.14
CA ALA E 17 -25.18 5.52 -21.05
C ALA E 17 -25.69 5.03 -22.39
N LEU E 18 -26.48 3.96 -22.39
CA LEU E 18 -27.08 3.45 -23.60
C LEU E 18 -27.95 4.48 -24.31
N LEU E 19 -28.44 5.47 -23.57
CA LEU E 19 -29.25 6.51 -24.18
C LEU E 19 -28.39 7.55 -24.89
N ILE E 20 -27.37 8.05 -24.22
CA ILE E 20 -26.56 9.11 -24.81
C ILE E 20 -25.81 8.60 -26.03
N VAL E 21 -25.33 7.36 -25.99
CA VAL E 21 -24.69 6.80 -27.16
C VAL E 21 -25.71 6.60 -28.27
N ALA E 22 -26.97 6.39 -27.91
CA ALA E 22 -28.03 6.29 -28.89
C ALA E 22 -28.47 7.64 -29.42
N LYS E 23 -28.25 8.71 -28.65
CA LYS E 23 -28.51 10.05 -29.15
C LYS E 23 -27.38 10.52 -30.04
N ILE E 24 -26.16 10.12 -29.71
CA ILE E 24 -25.01 10.38 -30.57
C ILE E 24 -25.14 9.59 -31.86
N LYS E 25 -25.13 8.26 -31.75
CA LYS E 25 -25.06 7.38 -32.90
C LYS E 25 -26.39 7.24 -33.63
N GLY E 26 -27.50 7.66 -33.03
CA GLY E 26 -28.79 7.46 -33.65
C GLY E 26 -29.27 6.02 -33.69
N SER E 27 -28.54 5.09 -33.09
CA SER E 27 -28.93 3.70 -33.14
C SER E 27 -30.23 3.46 -32.38
N LYS E 28 -31.00 2.50 -32.87
CA LYS E 28 -32.21 2.03 -32.21
C LYS E 28 -32.02 0.67 -31.56
N ARG E 29 -30.90 0.00 -31.78
CA ARG E 29 -30.59 -1.20 -31.01
C ARG E 29 -30.43 -0.89 -29.54
N ASP E 30 -30.02 0.34 -29.21
CA ASP E 30 -29.62 0.70 -27.86
C ASP E 30 -30.79 1.21 -27.03
N LEU E 31 -31.68 2.03 -27.61
CA LEU E 31 -32.92 2.37 -26.94
C LEU E 31 -33.68 1.12 -26.54
N GLU E 32 -33.83 0.19 -27.48
CA GLU E 32 -34.44 -1.10 -27.22
C GLU E 32 -33.70 -1.89 -26.16
N LYS E 33 -32.43 -1.56 -25.90
CA LYS E 33 -31.69 -2.12 -24.79
C LYS E 33 -31.69 -1.23 -23.56
N ALA E 34 -31.95 0.07 -23.74
CA ALA E 34 -32.06 0.97 -22.60
C ALA E 34 -33.42 0.86 -21.95
N LEU E 35 -34.47 0.94 -22.76
CA LEU E 35 -35.84 0.72 -22.31
C LEU E 35 -35.96 -0.59 -21.56
N ARG E 36 -35.59 -1.69 -22.22
CA ARG E 36 -35.61 -2.99 -21.58
C ARG E 36 -34.66 -3.09 -20.40
N THR E 37 -33.71 -2.18 -20.28
CA THR E 37 -32.84 -2.14 -19.11
C THR E 37 -33.40 -1.27 -18.00
N ALA E 38 -34.13 -0.21 -18.35
CA ALA E 38 -34.76 0.61 -17.33
C ALA E 38 -35.90 -0.14 -16.67
N GLU E 39 -36.67 -0.90 -17.46
CA GLU E 39 -37.77 -1.68 -16.93
C GLU E 39 -37.28 -2.68 -15.88
N GLU E 40 -36.09 -3.23 -16.07
CA GLU E 40 -35.48 -4.07 -15.03
C GLU E 40 -35.35 -3.32 -13.72
N ALA E 41 -34.80 -2.11 -13.77
CA ALA E 41 -34.60 -1.33 -12.55
C ALA E 41 -35.93 -0.97 -11.90
N ALA E 42 -36.97 -0.80 -12.70
CA ALA E 42 -38.30 -0.57 -12.15
C ALA E 42 -38.91 -1.83 -11.58
N ARG E 43 -38.41 -3.00 -11.97
CA ARG E 43 -38.86 -4.27 -11.43
C ARG E 43 -37.95 -4.82 -10.36
N GLU E 44 -36.66 -4.47 -10.39
CA GLU E 44 -35.75 -4.84 -9.33
C GLU E 44 -35.84 -3.92 -8.13
N ALA E 45 -36.49 -2.77 -8.28
CA ALA E 45 -36.67 -1.86 -7.16
C ALA E 45 -37.84 -2.28 -6.30
N VAL E 46 -38.92 -2.75 -6.91
CA VAL E 46 -40.03 -3.25 -6.12
C VAL E 46 -39.63 -4.49 -5.34
N LYS E 47 -38.71 -5.28 -5.86
CA LYS E 47 -38.20 -6.43 -5.12
C LYS E 47 -37.47 -6.00 -3.86
N VAL E 48 -36.95 -4.78 -3.84
CA VAL E 48 -36.29 -4.23 -2.66
C VAL E 48 -37.32 -3.75 -1.66
N LEU E 49 -38.12 -2.76 -2.10
CA LEU E 49 -39.17 -2.19 -1.29
C LEU E 49 -40.05 -3.25 -0.64
N VAL E 50 -40.44 -4.26 -1.41
CA VAL E 50 -41.32 -5.28 -0.87
C VAL E 50 -40.63 -6.07 0.23
N GLN E 51 -39.31 -6.23 0.15
CA GLN E 51 -38.59 -6.83 1.27
C GLN E 51 -38.53 -5.88 2.46
N ALA E 52 -38.55 -4.59 2.20
CA ALA E 52 -38.36 -3.59 3.25
C ALA E 52 -39.67 -3.14 3.88
N LEU E 53 -40.79 -3.31 3.20
CA LEU E 53 -42.08 -3.05 3.81
C LEU E 53 -42.47 -4.13 4.80
N LEU E 54 -41.89 -5.33 4.67
CA LEU E 54 -42.13 -6.38 5.65
C LEU E 54 -41.37 -6.10 6.93
N GLU E 55 -40.06 -5.86 6.81
CA GLU E 55 -39.32 -5.26 7.89
C GLU E 55 -39.83 -3.86 8.15
N GLY E 56 -39.41 -3.30 9.29
CA GLY E 56 -39.74 -1.93 9.62
C GLY E 56 -38.63 -0.97 9.21
N ASP E 57 -38.31 -0.97 7.92
CA ASP E 57 -37.21 -0.18 7.36
C ASP E 57 -37.76 0.72 6.26
N PRO E 58 -38.42 1.81 6.62
CA PRO E 58 -38.90 2.74 5.60
C PRO E 58 -37.82 3.64 5.05
N GLU E 59 -36.75 3.88 5.81
CA GLU E 59 -35.64 4.68 5.32
C GLU E 59 -35.00 4.04 4.09
N VAL E 60 -35.10 2.72 3.96
CA VAL E 60 -34.65 2.04 2.75
C VAL E 60 -35.72 2.10 1.67
N ALA E 61 -36.99 2.08 2.08
CA ALA E 61 -38.07 2.11 1.11
C ALA E 61 -38.04 3.38 0.28
N LEU E 62 -37.87 4.52 0.95
CA LEU E 62 -37.86 5.80 0.25
C LEU E 62 -36.66 5.92 -0.67
N ARG E 63 -35.57 5.22 -0.36
CA ARG E 63 -34.42 5.18 -1.24
C ARG E 63 -34.60 4.22 -2.40
N ALA E 64 -35.72 3.51 -2.45
CA ALA E 64 -36.10 2.70 -3.60
C ALA E 64 -37.12 3.39 -4.47
N VAL E 65 -38.13 4.01 -3.86
CA VAL E 65 -39.11 4.75 -4.63
C VAL E 65 -38.46 5.93 -5.30
N GLU E 66 -37.46 6.53 -4.65
CA GLU E 66 -36.70 7.59 -5.29
C GLU E 66 -35.96 7.10 -6.53
N LEU E 67 -35.69 5.79 -6.63
CA LEU E 67 -35.09 5.25 -7.84
C LEU E 67 -36.14 5.04 -8.91
N VAL E 68 -37.30 4.55 -8.51
CA VAL E 68 -38.35 4.23 -9.47
C VAL E 68 -38.84 5.50 -10.15
N VAL E 69 -38.76 6.64 -9.45
CA VAL E 69 -39.09 7.90 -10.07
C VAL E 69 -38.01 8.31 -11.05
N ARG E 70 -36.74 8.02 -10.72
CA ARG E 70 -35.67 8.33 -11.67
C ARG E 70 -35.73 7.48 -12.92
N VAL E 71 -36.45 6.37 -12.88
CA VAL E 71 -36.67 5.56 -14.06
C VAL E 71 -37.79 6.13 -14.90
N ALA E 72 -38.79 6.72 -14.27
CA ALA E 72 -39.88 7.34 -15.02
C ALA E 72 -39.42 8.62 -15.69
N GLU E 73 -38.54 9.38 -15.03
CA GLU E 73 -37.86 10.47 -15.70
C GLU E 73 -37.04 9.97 -16.87
N LEU E 74 -36.35 8.85 -16.68
CA LEU E 74 -35.53 8.28 -17.75
C LEU E 74 -36.37 7.86 -18.93
N LEU E 75 -37.44 7.10 -18.67
CA LEU E 75 -38.29 6.58 -19.72
C LEU E 75 -39.05 7.67 -20.44
N LEU E 76 -39.08 8.87 -19.90
CA LEU E 76 -39.56 10.03 -20.64
C LEU E 76 -38.51 10.58 -21.58
N ARG E 77 -37.24 10.51 -21.20
CA ARG E 77 -36.18 10.99 -22.06
C ARG E 77 -35.95 10.09 -23.26
N ILE E 78 -36.52 8.89 -23.25
CA ILE E 78 -36.45 8.01 -24.40
C ILE E 78 -37.56 8.35 -25.39
N ALA E 79 -38.77 8.52 -24.90
CA ALA E 79 -39.89 8.83 -25.78
C ALA E 79 -39.67 10.12 -26.56
N LYS E 80 -39.02 11.11 -25.95
CA LYS E 80 -38.67 12.31 -26.70
C LYS E 80 -37.70 11.99 -27.82
N GLU E 81 -36.83 11.00 -27.61
CA GLU E 81 -35.86 10.61 -28.62
C GLU E 81 -36.52 9.78 -29.72
N SER E 82 -37.06 8.63 -29.34
CA SER E 82 -37.65 7.73 -30.33
C SER E 82 -38.92 8.30 -30.93
N GLY E 83 -39.73 8.98 -30.11
CA GLY E 83 -41.07 9.32 -30.49
C GLY E 83 -42.05 8.19 -30.37
N SER E 84 -41.67 7.08 -29.74
CA SER E 84 -42.53 5.92 -29.62
C SER E 84 -43.65 6.18 -28.62
N ARG E 85 -44.62 5.27 -28.62
CA ARG E 85 -45.70 5.26 -27.66
C ARG E 85 -45.65 4.04 -26.74
N GLU E 86 -44.70 3.13 -26.95
CA GLU E 86 -44.54 1.98 -26.08
C GLU E 86 -43.55 2.22 -24.96
N ALA E 87 -42.75 3.28 -25.06
CA ALA E 87 -41.90 3.72 -23.96
C ALA E 87 -42.57 4.77 -23.12
N LEU E 88 -43.22 5.74 -23.76
CA LEU E 88 -43.97 6.75 -23.04
C LEU E 88 -45.05 6.11 -22.19
N LEU E 89 -45.73 5.11 -22.75
CA LEU E 89 -46.81 4.41 -22.07
C LEU E 89 -46.29 3.40 -21.06
N ARG E 90 -44.98 3.21 -20.98
CA ARG E 90 -44.35 2.48 -19.89
C ARG E 90 -44.05 3.38 -18.71
N ALA E 91 -43.79 4.66 -18.95
CA ALA E 91 -43.46 5.57 -17.87
C ALA E 91 -44.68 5.91 -17.03
N LEU E 92 -45.86 5.92 -17.63
CA LEU E 92 -47.07 6.15 -16.87
C LEU E 92 -47.41 4.96 -16.00
N ILE E 93 -46.81 3.80 -16.26
CA ILE E 93 -46.99 2.65 -15.41
C ILE E 93 -46.02 2.71 -14.24
N VAL E 94 -44.76 3.04 -14.51
CA VAL E 94 -43.80 3.19 -13.44
C VAL E 94 -44.16 4.38 -12.56
N ALA E 95 -44.83 5.38 -13.12
CA ALA E 95 -45.20 6.56 -12.35
C ALA E 95 -46.40 6.29 -11.47
N GLU E 96 -47.43 5.62 -11.99
CA GLU E 96 -48.48 5.10 -11.13
C GLU E 96 -47.91 4.12 -10.11
N GLU E 97 -46.94 3.32 -10.54
CA GLU E 97 -46.34 2.34 -9.66
C GLU E 97 -45.66 2.99 -8.47
N ALA E 98 -44.96 4.09 -8.69
CA ALA E 98 -44.28 4.77 -7.61
C ALA E 98 -45.18 5.63 -6.76
N ALA E 99 -46.43 5.82 -7.16
CA ALA E 99 -47.44 6.47 -6.33
C ALA E 99 -48.19 5.47 -5.49
N LYS E 100 -48.56 4.34 -6.10
CA LYS E 100 -49.18 3.24 -5.40
C LYS E 100 -48.23 2.58 -4.41
N LEU E 101 -46.93 2.87 -4.49
CA LEU E 101 -45.93 2.39 -3.55
C LEU E 101 -45.60 3.38 -2.45
N ALA E 102 -45.59 4.67 -2.76
CA ALA E 102 -45.37 5.67 -1.72
C ALA E 102 -46.48 5.63 -0.69
N LYS E 103 -47.72 5.41 -1.14
CA LYS E 103 -48.81 5.19 -0.22
C LYS E 103 -48.55 3.98 0.67
N MET E 104 -47.90 2.96 0.13
CA MET E 104 -47.64 1.75 0.88
C MET E 104 -46.56 1.92 1.94
N VAL E 105 -45.77 2.99 1.85
CA VAL E 105 -44.81 3.34 2.89
C VAL E 105 -45.46 4.21 3.95
N LEU E 106 -46.28 5.17 3.53
CA LEU E 106 -47.10 5.93 4.44
C LEU E 106 -47.88 5.02 5.37
N GLU E 107 -48.45 3.93 4.85
CA GLU E 107 -49.14 2.97 5.69
C GLU E 107 -48.20 2.37 6.72
N LEU E 108 -46.95 2.14 6.35
CA LEU E 108 -45.98 1.58 7.29
C LEU E 108 -45.63 2.55 8.39
N ALA E 109 -45.77 3.85 8.15
CA ALA E 109 -45.45 4.84 9.17
C ALA E 109 -46.59 5.03 10.15
N GLU E 110 -47.83 4.81 9.72
CA GLU E 110 -48.97 5.00 10.61
C GLU E 110 -48.92 4.02 11.76
N LYS E 111 -48.49 2.79 11.50
CA LYS E 111 -48.36 1.82 12.58
C LYS E 111 -47.11 2.09 13.41
N GLN E 112 -46.01 2.47 12.77
CA GLN E 112 -44.81 2.85 13.49
C GLN E 112 -44.90 4.23 14.12
N GLY E 113 -45.75 5.11 13.60
CA GLY E 113 -45.81 6.46 14.08
C GLY E 113 -44.56 7.25 13.77
N ASP E 114 -44.34 7.57 12.50
CA ASP E 114 -43.17 8.30 12.03
C ASP E 114 -43.59 9.37 11.05
N PRO E 115 -44.08 10.51 11.54
CA PRO E 115 -44.54 11.57 10.62
C PRO E 115 -43.47 12.12 9.71
N GLU E 116 -42.22 12.19 10.17
CA GLU E 116 -41.16 12.65 9.29
C GLU E 116 -40.89 11.65 8.17
N VAL E 117 -41.19 10.38 8.42
CA VAL E 117 -41.04 9.35 7.39
C VAL E 117 -42.30 9.22 6.55
N ALA E 118 -43.44 9.68 7.06
CA ALA E 118 -44.67 9.68 6.29
C ALA E 118 -44.74 10.88 5.35
N LEU E 119 -44.09 11.98 5.73
CA LEU E 119 -44.17 13.19 4.95
C LEU E 119 -43.21 13.15 3.77
N ARG E 120 -42.07 12.50 3.93
CA ARG E 120 -41.17 12.31 2.80
C ARG E 120 -41.84 11.52 1.69
N ALA E 121 -42.75 10.62 2.04
CA ALA E 121 -43.45 9.83 1.03
C ALA E 121 -44.35 10.70 0.18
N VAL E 122 -45.11 11.60 0.82
CA VAL E 122 -46.06 12.41 0.09
C VAL E 122 -45.33 13.37 -0.84
N GLU E 123 -44.11 13.76 -0.50
CA GLU E 123 -43.29 14.53 -1.43
C GLU E 123 -42.99 13.72 -2.68
N LEU E 124 -42.74 12.42 -2.52
CA LEU E 124 -42.46 11.59 -3.69
C LEU E 124 -43.67 11.48 -4.58
N VAL E 125 -44.86 11.45 -3.99
CA VAL E 125 -46.08 11.40 -4.79
C VAL E 125 -46.27 12.70 -5.53
N VAL E 126 -45.81 13.81 -4.97
CA VAL E 126 -45.93 15.10 -5.64
C VAL E 126 -44.87 15.23 -6.72
N ARG E 127 -43.72 14.58 -6.57
CA ARG E 127 -42.78 14.49 -7.68
C ARG E 127 -43.39 13.74 -8.85
N VAL E 128 -44.30 12.82 -8.58
CA VAL E 128 -44.94 12.06 -9.65
C VAL E 128 -46.00 12.90 -10.34
N ALA E 129 -46.86 13.57 -9.57
CA ALA E 129 -47.86 14.42 -10.16
C ALA E 129 -47.22 15.58 -10.90
N GLU E 130 -46.06 16.03 -10.44
CA GLU E 130 -45.31 17.06 -11.16
C GLU E 130 -44.55 16.49 -12.34
N LEU E 131 -44.36 15.17 -12.37
CA LEU E 131 -43.73 14.51 -13.50
C LEU E 131 -44.71 14.29 -14.63
N LEU E 132 -45.93 13.85 -14.31
CA LEU E 132 -46.91 13.54 -15.34
C LEU E 132 -47.32 14.79 -16.10
N LEU E 133 -47.21 15.96 -15.47
CA LEU E 133 -47.30 17.21 -16.21
C LEU E 133 -46.29 17.26 -17.33
N ARG E 134 -45.01 17.02 -17.01
CA ARG E 134 -43.97 17.09 -18.02
C ARG E 134 -44.19 16.06 -19.12
N ILE E 135 -44.88 14.97 -18.80
CA ILE E 135 -45.26 14.02 -19.83
C ILE E 135 -46.43 14.55 -20.64
N ALA E 136 -47.38 15.21 -19.96
CA ALA E 136 -48.59 15.67 -20.63
C ALA E 136 -48.36 16.94 -21.44
N LYS E 137 -47.54 17.85 -20.94
CA LYS E 137 -47.28 19.09 -21.67
C LYS E 137 -46.34 18.85 -22.84
N GLU E 138 -45.31 18.06 -22.62
CA GLU E 138 -44.40 17.68 -23.70
C GLU E 138 -45.14 16.91 -24.78
N SER E 139 -45.65 15.72 -24.43
CA SER E 139 -46.29 14.86 -25.41
C SER E 139 -47.58 15.46 -25.94
N GLY E 140 -48.28 16.21 -25.10
CA GLY E 140 -49.64 16.60 -25.40
C GLY E 140 -50.65 15.51 -25.10
N SER E 141 -50.25 14.45 -24.43
CA SER E 141 -51.15 13.34 -24.14
C SER E 141 -52.21 13.75 -23.12
N GLU E 142 -53.33 13.03 -23.16
CA GLU E 142 -54.45 13.29 -22.27
C GLU E 142 -54.57 12.25 -21.17
N GLU E 143 -54.09 11.04 -21.43
CA GLU E 143 -54.20 9.97 -20.45
C GLU E 143 -53.29 10.20 -19.25
N ALA E 144 -52.32 11.11 -19.36
CA ALA E 144 -51.49 11.48 -18.22
C ALA E 144 -52.23 12.45 -17.31
N LEU E 145 -52.83 13.49 -17.90
CA LEU E 145 -53.57 14.47 -17.10
C LEU E 145 -54.70 13.83 -16.32
N GLU E 146 -55.32 12.79 -16.88
CA GLU E 146 -56.30 12.03 -16.12
C GLU E 146 -55.66 11.39 -14.90
N ARG E 147 -54.39 11.04 -14.99
CA ARG E 147 -53.68 10.41 -13.88
C ARG E 147 -53.09 11.45 -12.93
N ALA E 148 -52.58 12.55 -13.46
CA ALA E 148 -52.00 13.58 -12.61
C ALA E 148 -53.04 14.14 -11.64
N LEU E 149 -54.29 14.23 -12.07
CA LEU E 149 -55.35 14.61 -11.16
C LEU E 149 -55.63 13.48 -10.17
N ARG E 150 -55.56 12.25 -10.65
CA ARG E 150 -55.73 11.09 -9.78
C ARG E 150 -54.65 11.04 -8.72
N VAL E 151 -53.39 11.17 -9.15
CA VAL E 151 -52.27 11.09 -8.22
C VAL E 151 -52.25 12.30 -7.30
N ALA E 152 -52.66 13.47 -7.79
CA ALA E 152 -52.58 14.67 -6.99
C ALA E 152 -53.59 14.64 -5.85
N GLU E 153 -54.85 14.32 -6.15
CA GLU E 153 -55.82 14.13 -5.08
C GLU E 153 -55.47 12.94 -4.22
N GLU E 154 -54.78 11.94 -4.78
CA GLU E 154 -54.25 10.83 -4.00
C GLU E 154 -53.17 11.26 -3.01
N ALA E 155 -52.70 12.51 -3.08
CA ALA E 155 -51.80 13.08 -2.09
C ALA E 155 -52.49 14.01 -1.12
N ALA E 156 -53.42 14.84 -1.60
CA ALA E 156 -54.14 15.72 -0.69
C ALA E 156 -54.97 14.94 0.30
N ARG E 157 -55.39 13.74 -0.06
CA ARG E 157 -56.01 12.84 0.89
C ARG E 157 -55.04 12.32 1.93
N LEU E 158 -53.73 12.36 1.64
CA LEU E 158 -52.72 11.85 2.53
C LEU E 158 -52.09 12.90 3.42
N ALA E 159 -51.95 14.14 2.93
CA ALA E 159 -51.51 15.22 3.79
C ALA E 159 -52.47 15.41 4.95
N LYS E 160 -53.77 15.27 4.67
CA LYS E 160 -54.75 15.22 5.74
C LYS E 160 -54.48 14.03 6.65
N ARG E 161 -54.11 12.90 6.06
CA ARG E 161 -53.89 11.68 6.82
C ARG E 161 -52.59 11.73 7.60
N VAL E 162 -51.62 12.48 7.12
CA VAL E 162 -50.40 12.73 7.88
C VAL E 162 -50.68 13.64 9.06
N LEU E 163 -51.59 14.59 8.88
CA LEU E 163 -51.91 15.53 9.93
C LEU E 163 -52.61 14.83 11.09
N GLU E 164 -53.29 13.73 10.81
CA GLU E 164 -53.94 12.94 11.86
C GLU E 164 -52.95 12.22 12.75
N LEU E 165 -51.67 12.19 12.38
CA LEU E 165 -50.63 11.59 13.22
C LEU E 165 -49.96 12.63 14.10
N ALA E 166 -49.56 13.76 13.50
CA ALA E 166 -49.04 14.88 14.26
C ALA E 166 -50.00 15.27 15.38
N GLU E 167 -51.27 15.45 15.05
CA GLU E 167 -52.28 15.73 16.06
C GLU E 167 -52.40 14.61 17.08
N GLU E 168 -52.03 13.39 16.72
CA GLU E 168 -52.12 12.26 17.63
C GLU E 168 -50.91 12.18 18.55
N GLN E 169 -49.74 12.58 18.07
CA GLN E 169 -48.49 12.45 18.82
C GLN E 169 -48.04 13.75 19.47
N GLY E 170 -48.77 14.84 19.28
CA GLY E 170 -48.38 16.11 19.86
C GLY E 170 -47.08 16.61 19.28
N ASP E 171 -46.98 16.58 17.95
CA ASP E 171 -45.85 17.13 17.21
C ASP E 171 -46.40 18.24 16.33
N PRO E 172 -46.62 19.43 16.88
CA PRO E 172 -47.39 20.45 16.14
C PRO E 172 -46.72 20.93 14.87
N LEU E 173 -45.44 20.67 14.69
CA LEU E 173 -44.67 21.29 13.62
C LEU E 173 -44.70 20.50 12.33
N VAL E 174 -44.76 19.17 12.41
CA VAL E 174 -44.86 18.40 11.17
C VAL E 174 -46.23 18.63 10.55
N ALA E 175 -47.23 18.91 11.36
CA ALA E 175 -48.52 19.34 10.86
C ALA E 175 -48.38 20.58 9.99
N LYS E 176 -47.78 21.64 10.54
CA LYS E 176 -47.39 22.80 9.74
C LYS E 176 -46.59 22.39 8.52
N MET E 177 -45.69 21.43 8.69
CA MET E 177 -44.85 20.97 7.60
C MET E 177 -45.66 20.14 6.60
N ALA E 178 -46.90 19.79 6.96
CA ALA E 178 -47.84 19.09 6.09
C ALA E 178 -48.98 19.98 5.60
N VAL E 179 -49.43 20.92 6.42
CA VAL E 179 -50.43 21.88 5.98
C VAL E 179 -49.91 22.68 4.80
N GLU E 180 -48.68 23.17 4.91
CA GLU E 180 -48.03 23.87 3.81
C GLU E 180 -47.76 22.96 2.61
N LEU E 181 -47.83 21.64 2.80
CA LEU E 181 -47.71 20.74 1.67
C LEU E 181 -48.94 20.82 0.78
N VAL E 182 -50.13 20.88 1.40
CA VAL E 182 -51.36 20.97 0.64
C VAL E 182 -51.39 22.23 -0.21
N LYS E 183 -50.71 23.28 0.25
CA LYS E 183 -50.54 24.47 -0.58
C LYS E 183 -49.74 24.14 -1.83
N ARG E 184 -48.76 23.26 -1.71
CA ARG E 184 -48.00 22.83 -2.87
C ARG E 184 -48.79 21.90 -3.75
N VAL E 185 -49.85 21.29 -3.22
CA VAL E 185 -50.77 20.53 -4.03
C VAL E 185 -51.74 21.44 -4.76
N ALA E 186 -52.38 22.34 -4.02
CA ALA E 186 -53.36 23.23 -4.61
C ALA E 186 -52.75 24.09 -5.70
N GLU E 187 -51.51 24.51 -5.52
CA GLU E 187 -50.80 25.21 -6.59
C GLU E 187 -50.62 24.31 -7.80
N LEU E 188 -50.49 23.00 -7.59
CA LEU E 188 -50.28 22.10 -8.70
C LEU E 188 -51.56 21.91 -9.49
N LEU E 189 -52.66 21.59 -8.80
CA LEU E 189 -53.93 21.37 -9.48
C LEU E 189 -54.38 22.59 -10.26
N GLU E 190 -54.09 23.79 -9.76
CA GLU E 190 -54.33 24.99 -10.55
C GLU E 190 -53.56 24.96 -11.85
N ARG E 191 -52.33 24.43 -11.81
CA ARG E 191 -51.52 24.37 -13.02
C ARG E 191 -52.14 23.42 -14.03
N ILE E 192 -52.90 22.43 -13.55
CA ILE E 192 -53.63 21.51 -14.43
C ILE E 192 -54.89 22.14 -15.00
N ALA E 193 -55.32 23.28 -14.47
CA ALA E 193 -56.39 24.06 -15.08
C ALA E 193 -55.84 25.10 -16.06
N ARG E 194 -54.74 25.75 -15.70
CA ARG E 194 -54.15 26.76 -16.59
C ARG E 194 -53.80 26.15 -17.94
N GLU E 195 -52.90 25.17 -17.94
CA GLU E 195 -52.74 24.28 -19.08
C GLU E 195 -53.74 23.16 -18.95
N SER E 196 -54.20 22.65 -20.10
CA SER E 196 -55.33 21.71 -20.15
C SER E 196 -56.59 22.37 -19.60
N GLY E 197 -57.01 23.44 -20.26
CA GLY E 197 -58.15 24.21 -19.84
C GLY E 197 -59.42 23.40 -19.73
N SER E 198 -60.02 23.40 -18.54
CA SER E 198 -61.24 22.66 -18.28
C SER E 198 -61.81 23.18 -16.97
N GLU E 199 -62.83 22.48 -16.46
CA GLU E 199 -63.48 22.82 -15.20
C GLU E 199 -63.17 21.86 -14.07
N GLU E 200 -62.95 20.58 -14.38
CA GLU E 200 -62.58 19.61 -13.35
C GLU E 200 -61.27 20.00 -12.68
N ALA E 201 -60.29 20.46 -13.47
CA ALA E 201 -59.05 20.95 -12.89
C ALA E 201 -59.30 22.13 -11.96
N LYS E 202 -60.01 23.15 -12.46
CA LYS E 202 -60.34 24.29 -11.62
C LYS E 202 -61.22 23.89 -10.45
N GLU E 203 -62.16 22.98 -10.69
CA GLU E 203 -63.04 22.51 -9.62
C GLU E 203 -62.25 21.75 -8.56
N ARG E 204 -61.59 20.67 -8.97
CA ARG E 204 -60.83 19.85 -8.03
C ARG E 204 -59.73 20.66 -7.35
N ALA E 205 -59.10 21.58 -8.08
CA ALA E 205 -58.16 22.50 -7.45
C ALA E 205 -58.85 23.37 -6.42
N GLU E 206 -60.12 23.71 -6.65
CA GLU E 206 -60.85 24.54 -5.70
C GLU E 206 -61.35 23.74 -4.51
N ARG E 207 -61.60 22.44 -4.70
CA ARG E 207 -61.98 21.59 -3.57
C ARG E 207 -60.82 21.47 -2.59
N VAL E 208 -59.59 21.51 -3.07
CA VAL E 208 -58.42 21.31 -2.23
C VAL E 208 -58.05 22.61 -1.51
N ARG E 209 -58.18 23.75 -2.19
CA ARG E 209 -57.87 25.02 -1.53
C ARG E 209 -58.81 25.27 -0.36
N GLU E 210 -60.01 24.71 -0.39
CA GLU E 210 -60.87 24.74 0.80
C GLU E 210 -60.42 23.72 1.83
N GLU E 211 -59.88 22.59 1.36
CA GLU E 211 -59.35 21.59 2.29
C GLU E 211 -58.01 22.03 2.88
N ALA E 212 -57.34 22.98 2.20
CA ALA E 212 -56.28 23.78 2.84
C ALA E 212 -56.87 24.68 3.92
N ARG E 213 -57.89 25.47 3.57
CA ARG E 213 -58.50 26.35 4.55
C ARG E 213 -59.21 25.58 5.64
N GLU E 214 -59.63 24.34 5.37
CA GLU E 214 -60.11 23.47 6.44
C GLU E 214 -58.99 23.22 7.45
N LEU E 215 -57.75 23.12 6.95
CA LEU E 215 -56.58 22.92 7.80
C LEU E 215 -56.06 24.28 8.24
N GLN E 216 -56.89 24.93 9.04
CA GLN E 216 -56.70 26.28 9.57
C GLN E 216 -55.82 26.18 10.81
N GLU E 217 -55.82 27.23 11.64
CA GLU E 217 -55.26 27.22 13.00
C GLU E 217 -55.89 26.18 13.93
N ARG E 218 -56.79 25.34 13.42
CA ARG E 218 -57.01 23.99 13.94
C ARG E 218 -55.71 23.38 14.44
N VAL E 219 -54.66 23.44 13.62
CA VAL E 219 -53.35 22.96 14.05
C VAL E 219 -52.84 23.76 15.26
N LYS E 220 -53.12 25.07 15.29
CA LYS E 220 -52.69 25.89 16.42
C LYS E 220 -53.43 25.56 17.72
N GLU E 221 -54.56 24.86 17.63
CA GLU E 221 -55.30 24.50 18.83
C GLU E 221 -54.54 23.56 19.75
N LEU E 222 -53.47 22.93 19.28
CA LEU E 222 -52.83 21.83 20.00
C LEU E 222 -51.75 22.31 20.96
N ARG E 223 -50.90 23.24 20.56
CA ARG E 223 -49.75 23.66 21.37
C ARG E 223 -50.10 24.77 22.35
N GLU E 224 -51.19 24.62 23.10
CA GLU E 224 -51.64 25.62 24.05
C GLU E 224 -51.61 25.12 25.49
N ARG E 225 -50.71 24.18 25.80
CA ARG E 225 -50.58 23.63 27.14
C ARG E 225 -49.48 24.35 27.91
N PRO F 1 -0.93 -18.56 25.92
CA PRO F 1 -0.01 -18.16 24.85
C PRO F 1 0.11 -16.64 24.69
N GLU F 2 0.66 -16.22 23.56
CA GLU F 2 0.98 -14.82 23.36
C GLU F 2 -0.28 -13.97 23.29
N ASP F 3 -1.21 -14.35 22.41
CA ASP F 3 -2.43 -13.58 22.23
C ASP F 3 -3.30 -13.58 23.47
N GLU F 4 -3.16 -14.58 24.34
CA GLU F 4 -3.93 -14.60 25.57
C GLU F 4 -3.32 -13.67 26.63
N LEU F 5 -2.00 -13.46 26.57
CA LEU F 5 -1.38 -12.49 27.47
C LEU F 5 -1.65 -11.07 27.02
N LYS F 6 -1.76 -10.84 25.72
CA LYS F 6 -2.05 -9.50 25.23
C LYS F 6 -3.40 -9.01 25.73
N ARG F 7 -4.33 -9.93 25.99
CA ARG F 7 -5.58 -9.54 26.61
C ARG F 7 -5.37 -9.10 28.05
N VAL F 8 -4.42 -9.72 28.74
CA VAL F 8 -4.19 -9.40 30.14
C VAL F 8 -3.40 -8.11 30.27
N GLU F 9 -2.39 -7.94 29.42
CA GLU F 9 -1.67 -6.68 29.38
C GLU F 9 -2.62 -5.53 29.00
N LYS F 10 -3.59 -5.82 28.13
CA LYS F 10 -4.61 -4.84 27.79
C LYS F 10 -5.45 -4.48 29.02
N LEU F 11 -5.94 -5.49 29.74
CA LEU F 11 -6.72 -5.24 30.94
C LEU F 11 -5.92 -4.45 31.97
N VAL F 12 -4.64 -4.79 32.13
CA VAL F 12 -3.78 -3.99 32.99
C VAL F 12 -3.65 -2.59 32.43
N LYS F 13 -3.30 -2.49 31.15
CA LYS F 13 -3.07 -1.20 30.52
C LYS F 13 -4.34 -0.35 30.52
N GLU F 14 -5.50 -0.97 30.49
CA GLU F 14 -6.76 -0.25 30.61
C GLU F 14 -7.08 0.16 32.03
N ALA F 15 -6.22 -0.14 33.00
CA ALA F 15 -6.45 0.20 34.39
C ALA F 15 -5.60 1.33 34.92
N GLU F 16 -4.36 1.48 34.46
CA GLU F 16 -3.63 2.69 34.78
C GLU F 16 -4.33 3.91 34.21
N ALA F 17 -4.93 3.75 33.03
CA ALA F 17 -5.69 4.85 32.43
C ALA F 17 -6.82 5.28 33.35
N LEU F 18 -7.64 4.34 33.77
CA LEU F 18 -8.72 4.63 34.71
C LEU F 18 -8.20 5.20 36.02
N LEU F 19 -6.94 4.94 36.36
CA LEU F 19 -6.38 5.49 37.59
C LEU F 19 -5.95 6.94 37.41
N ILE F 20 -5.23 7.23 36.34
CA ILE F 20 -4.71 8.59 36.17
C ILE F 20 -5.86 9.57 35.95
N VAL F 21 -6.89 9.16 35.21
CA VAL F 21 -8.05 10.03 35.05
C VAL F 21 -8.77 10.19 36.37
N ALA F 22 -8.66 9.19 37.25
CA ALA F 22 -9.24 9.29 38.58
C ALA F 22 -8.39 10.13 39.51
N LYS F 23 -7.09 10.23 39.25
CA LYS F 23 -6.24 11.12 40.02
C LYS F 23 -6.40 12.56 39.55
N ILE F 24 -6.62 12.73 38.25
CA ILE F 24 -6.95 14.05 37.71
C ILE F 24 -8.31 14.50 38.21
N LYS F 25 -9.35 13.76 37.83
CA LYS F 25 -10.73 14.16 38.07
C LYS F 25 -11.18 13.93 39.50
N GLY F 26 -10.43 13.16 40.29
CA GLY F 26 -10.86 12.84 41.64
C GLY F 26 -12.05 11.90 41.73
N SER F 27 -12.53 11.37 40.60
CA SER F 27 -13.70 10.52 40.63
C SER F 27 -13.40 9.22 41.36
N LYS F 28 -14.43 8.68 42.01
CA LYS F 28 -14.38 7.37 42.63
C LYS F 28 -15.16 6.32 41.86
N ARG F 29 -15.91 6.71 40.82
CA ARG F 29 -16.50 5.73 39.93
C ARG F 29 -15.42 4.93 39.20
N ASP F 30 -14.24 5.53 39.00
CA ASP F 30 -13.22 4.96 38.15
C ASP F 30 -12.27 4.04 38.90
N LEU F 31 -11.87 4.41 40.11
CA LEU F 31 -11.14 3.49 40.98
C LEU F 31 -11.91 2.20 41.15
N GLU F 32 -13.20 2.31 41.48
CA GLU F 32 -14.08 1.17 41.58
C GLU F 32 -14.21 0.40 40.27
N LYS F 33 -13.86 1.02 39.14
CA LYS F 33 -13.75 0.34 37.87
C LYS F 33 -12.33 -0.07 37.54
N ALA F 34 -11.33 0.57 38.15
CA ALA F 34 -9.94 0.18 37.96
C ALA F 34 -9.60 -1.03 38.81
N LEU F 35 -9.92 -0.95 40.10
CA LEU F 35 -9.77 -2.07 41.02
C LEU F 35 -10.45 -3.31 40.47
N ARG F 36 -11.74 -3.22 40.19
CA ARG F 36 -12.47 -4.33 39.61
C ARG F 36 -11.95 -4.72 38.24
N THR F 37 -11.18 -3.87 37.58
CA THR F 37 -10.55 -4.23 36.32
C THR F 37 -9.18 -4.85 36.51
N ALA F 38 -8.45 -4.44 37.55
CA ALA F 38 -7.17 -5.07 37.84
C ALA F 38 -7.37 -6.49 38.34
N GLU F 39 -8.39 -6.70 39.18
CA GLU F 39 -8.68 -8.03 39.69
C GLU F 39 -8.95 -9.01 38.58
N GLU F 40 -9.58 -8.56 37.49
CA GLU F 40 -9.73 -9.40 36.31
C GLU F 40 -8.39 -9.88 35.80
N ALA F 41 -7.45 -8.95 35.63
CA ALA F 41 -6.14 -9.32 35.10
C ALA F 41 -5.40 -10.27 36.03
N ALA F 42 -5.64 -10.14 37.33
CA ALA F 42 -5.08 -11.08 38.29
C ALA F 42 -5.76 -12.43 38.25
N ARG F 43 -6.98 -12.49 37.72
CA ARG F 43 -7.71 -13.74 37.56
C ARG F 43 -7.63 -14.30 36.16
N GLU F 44 -7.43 -13.45 35.16
CA GLU F 44 -7.20 -13.93 33.80
C GLU F 44 -5.76 -14.35 33.57
N ALA F 45 -4.85 -13.99 34.48
CA ALA F 45 -3.47 -14.42 34.34
C ALA F 45 -3.27 -15.83 34.86
N VAL F 46 -3.94 -16.18 35.95
CA VAL F 46 -3.86 -17.54 36.44
C VAL F 46 -4.47 -18.51 35.44
N LYS F 47 -5.48 -18.07 34.70
CA LYS F 47 -6.04 -18.92 33.66
C LYS F 47 -5.03 -19.22 32.57
N VAL F 48 -4.04 -18.35 32.40
CA VAL F 48 -2.96 -18.58 31.44
C VAL F 48 -1.95 -19.55 32.00
N LEU F 49 -1.33 -19.16 33.11
CA LEU F 49 -0.35 -19.96 33.79
C LEU F 49 -0.82 -21.39 34.01
N VAL F 50 -2.06 -21.56 34.44
CA VAL F 50 -2.57 -22.89 34.72
C VAL F 50 -2.65 -23.72 33.45
N GLN F 51 -2.89 -23.08 32.30
CA GLN F 51 -2.81 -23.80 31.04
C GLN F 51 -1.37 -24.13 30.68
N ALA F 52 -0.43 -23.31 31.11
CA ALA F 52 0.96 -23.44 30.74
C ALA F 52 1.76 -24.31 31.69
N LEU F 53 1.30 -24.49 32.92
CA LEU F 53 1.92 -25.44 33.81
C LEU F 53 1.60 -26.88 33.44
N LEU F 54 0.51 -27.10 32.72
CA LEU F 54 0.18 -28.43 32.24
C LEU F 54 1.09 -28.81 31.07
N GLU F 55 1.14 -27.94 30.07
CA GLU F 55 2.21 -28.03 29.08
C GLU F 55 3.54 -27.76 29.75
N GLY F 56 4.61 -28.06 29.01
CA GLY F 56 5.95 -27.78 29.47
C GLY F 56 6.45 -26.45 28.93
N ASP F 57 5.72 -25.38 29.24
CA ASP F 57 6.00 -24.03 28.73
C ASP F 57 6.17 -23.09 29.91
N PRO F 58 7.32 -23.12 30.58
CA PRO F 58 7.55 -22.18 31.67
C PRO F 58 7.93 -20.79 31.20
N GLU F 59 8.49 -20.67 30.00
CA GLU F 59 8.82 -19.36 29.46
C GLU F 59 7.58 -18.50 29.31
N VAL F 60 6.41 -19.12 29.12
CA VAL F 60 5.15 -18.39 29.11
C VAL F 60 4.67 -18.14 30.53
N ALA F 61 4.94 -19.08 31.44
CA ALA F 61 4.49 -18.93 32.82
C ALA F 61 5.09 -17.70 33.46
N LEU F 62 6.40 -17.51 33.30
CA LEU F 62 7.07 -16.37 33.90
C LEU F 62 6.59 -15.05 33.31
N ARG F 63 6.13 -15.08 32.07
CA ARG F 63 5.53 -13.89 31.45
C ARG F 63 4.10 -13.66 31.89
N ALA F 64 3.54 -14.54 32.71
CA ALA F 64 2.26 -14.33 33.36
C ALA F 64 2.40 -13.89 34.80
N VAL F 65 3.32 -14.51 35.54
CA VAL F 65 3.56 -14.10 36.90
C VAL F 65 4.13 -12.70 36.93
N GLU F 66 4.92 -12.35 35.92
CA GLU F 66 5.41 -10.99 35.81
C GLU F 66 4.27 -10.00 35.61
N LEU F 67 3.12 -10.45 35.10
CA LEU F 67 1.97 -9.57 35.00
C LEU F 67 1.26 -9.45 36.33
N VAL F 68 1.14 -10.56 37.04
CA VAL F 68 0.40 -10.58 38.29
C VAL F 68 1.10 -9.71 39.32
N VAL F 69 2.43 -9.59 39.21
CA VAL F 69 3.15 -8.69 40.09
C VAL F 69 2.88 -7.24 39.68
N ARG F 70 2.75 -6.98 38.38
CA ARG F 70 2.44 -5.63 37.95
C ARG F 70 1.04 -5.21 38.35
N VAL F 71 0.18 -6.16 38.70
CA VAL F 71 -1.14 -5.85 39.22
C VAL F 71 -1.07 -5.53 40.69
N ALA F 72 -0.17 -6.18 41.42
CA ALA F 72 -0.02 -5.90 42.84
C ALA F 72 0.66 -4.55 43.05
N GLU F 73 1.60 -4.19 42.17
CA GLU F 73 2.10 -2.83 42.16
C GLU F 73 0.99 -1.83 41.86
N LEU F 74 0.12 -2.18 40.91
CA LEU F 74 -0.99 -1.31 40.53
C LEU F 74 -1.95 -1.12 41.69
N LEU F 75 -2.38 -2.22 42.30
CA LEU F 75 -3.34 -2.17 43.39
C LEU F 75 -2.80 -1.50 44.63
N LEU F 76 -1.49 -1.29 44.70
CA LEU F 76 -0.92 -0.44 45.73
C LEU F 76 -1.04 1.03 45.37
N ARG F 77 -0.95 1.38 44.09
CA ARG F 77 -1.09 2.76 43.68
C ARG F 77 -2.52 3.26 43.80
N ILE F 78 -3.47 2.36 44.00
CA ILE F 78 -4.85 2.76 44.24
C ILE F 78 -5.06 3.07 45.71
N ALA F 79 -4.57 2.20 46.59
CA ALA F 79 -4.74 2.40 48.01
C ALA F 79 -4.11 3.71 48.49
N LYS F 80 -2.99 4.11 47.89
CA LYS F 80 -2.43 5.41 48.22
C LYS F 80 -3.38 6.53 47.80
N GLU F 81 -4.12 6.32 46.72
CA GLU F 81 -5.06 7.32 46.24
C GLU F 81 -6.33 7.35 47.11
N SER F 82 -7.05 6.23 47.13
CA SER F 82 -8.31 6.17 47.86
C SER F 82 -8.09 6.24 49.35
N GLY F 83 -7.04 5.60 49.84
CA GLY F 83 -6.89 5.36 51.26
C GLY F 83 -7.71 4.21 51.78
N SER F 84 -8.29 3.41 50.89
CA SER F 84 -9.13 2.30 51.30
C SER F 84 -8.31 1.17 51.89
N ARG F 85 -9.01 0.22 52.50
CA ARG F 85 -8.43 -1.00 53.01
C ARG F 85 -8.94 -2.23 52.26
N GLU F 86 -9.86 -2.06 51.32
CA GLU F 86 -10.34 -3.18 50.51
C GLU F 86 -9.57 -3.34 49.22
N ALA F 87 -8.79 -2.34 48.82
CA ALA F 87 -7.87 -2.45 47.70
C ALA F 87 -6.48 -2.86 48.16
N LEU F 88 -6.01 -2.24 49.24
CA LEU F 88 -4.72 -2.63 49.81
C LEU F 88 -4.73 -4.09 50.20
N LEU F 89 -5.82 -4.54 50.79
CA LEU F 89 -5.97 -5.91 51.25
C LEU F 89 -6.27 -6.87 50.11
N ARG F 90 -6.46 -6.36 48.90
CA ARG F 90 -6.50 -7.18 47.70
C ARG F 90 -5.12 -7.40 47.12
N ALA F 91 -4.20 -6.46 47.32
CA ALA F 91 -2.87 -6.59 46.77
C ALA F 91 -2.05 -7.62 47.53
N LEU F 92 -2.30 -7.79 48.81
CA LEU F 92 -1.63 -8.82 49.57
C LEU F 92 -2.11 -10.21 49.19
N ILE F 93 -3.25 -10.30 48.52
CA ILE F 93 -3.73 -11.57 48.00
C ILE F 93 -3.08 -11.87 46.67
N VAL F 94 -3.03 -10.87 45.79
CA VAL F 94 -2.37 -11.06 44.51
C VAL F 94 -0.87 -11.26 44.72
N ALA F 95 -0.31 -10.71 45.78
CA ALA F 95 1.12 -10.84 46.04
C ALA F 95 1.45 -12.20 46.62
N GLU F 96 0.66 -12.69 47.58
CA GLU F 96 0.77 -14.09 47.97
C GLU F 96 0.49 -15.01 46.80
N GLU F 97 -0.47 -14.62 45.96
CA GLU F 97 -0.83 -15.43 44.80
C GLU F 97 0.34 -15.60 43.85
N ALA F 98 1.08 -14.53 43.61
CA ALA F 98 2.21 -14.60 42.69
C ALA F 98 3.45 -15.23 43.31
N ALA F 99 3.45 -15.47 44.61
CA ALA F 99 4.51 -16.24 45.26
C ALA F 99 4.18 -17.71 45.29
N LYS F 100 2.93 -18.04 45.61
CA LYS F 100 2.43 -19.40 45.56
C LYS F 100 2.38 -19.95 44.14
N LEU F 101 2.51 -19.09 43.13
CA LEU F 101 2.58 -19.48 41.73
C LEU F 101 3.99 -19.59 41.20
N ALA F 102 4.90 -18.72 41.64
CA ALA F 102 6.28 -18.84 41.23
C ALA F 102 6.89 -20.14 41.71
N LYS F 103 6.52 -20.56 42.92
CA LYS F 103 6.91 -21.87 43.40
C LYS F 103 6.38 -22.97 42.49
N MET F 104 5.21 -22.78 41.92
CA MET F 104 4.60 -23.78 41.07
C MET F 104 5.27 -23.89 39.72
N VAL F 105 6.06 -22.89 39.33
CA VAL F 105 6.88 -22.97 38.12
C VAL F 105 8.22 -23.60 38.41
N LEU F 106 8.83 -23.23 39.54
CA LEU F 106 10.02 -23.91 40.01
C LEU F 106 9.82 -25.41 40.06
N GLU F 107 8.66 -25.87 40.52
CA GLU F 107 8.36 -27.29 40.51
C GLU F 107 8.38 -27.85 39.09
N LEU F 108 7.92 -27.07 38.13
CA LEU F 108 7.91 -27.52 36.74
C LEU F 108 9.31 -27.63 36.18
N ALA F 109 10.28 -26.88 36.73
CA ALA F 109 11.64 -26.94 36.23
C ALA F 109 12.41 -28.11 36.82
N GLU F 110 12.05 -28.54 38.03
CA GLU F 110 12.76 -29.64 38.65
C GLU F 110 12.59 -30.93 37.86
N LYS F 111 11.40 -31.14 37.31
CA LYS F 111 11.19 -32.32 36.48
C LYS F 111 11.80 -32.13 35.10
N GLN F 112 11.70 -30.94 34.53
CA GLN F 112 12.34 -30.64 33.26
C GLN F 112 13.84 -30.44 33.39
N GLY F 113 14.33 -30.07 34.57
CA GLY F 113 15.74 -29.75 34.72
C GLY F 113 16.14 -28.51 33.98
N ASP F 114 15.69 -27.34 34.44
CA ASP F 114 15.97 -26.06 33.80
C ASP F 114 16.34 -25.05 34.87
N PRO F 115 17.58 -25.05 35.35
CA PRO F 115 17.97 -24.12 36.41
C PRO F 115 17.88 -22.66 36.03
N GLU F 116 18.11 -22.31 34.77
CA GLU F 116 17.95 -20.93 34.36
C GLU F 116 16.49 -20.52 34.39
N VAL F 117 15.59 -21.48 34.23
CA VAL F 117 14.16 -21.20 34.31
C VAL F 117 13.65 -21.31 35.74
N ALA F 118 14.37 -22.01 36.60
CA ALA F 118 14.02 -22.08 38.01
C ALA F 118 14.49 -20.86 38.78
N LEU F 119 15.57 -20.25 38.31
CA LEU F 119 16.16 -19.13 39.02
C LEU F 119 15.42 -17.84 38.71
N ARG F 120 14.90 -17.70 37.50
CA ARG F 120 14.07 -16.56 37.19
C ARG F 120 12.84 -16.51 38.07
N ALA F 121 12.33 -17.67 38.48
CA ALA F 121 11.15 -17.70 39.35
C ALA F 121 11.46 -17.13 40.70
N VAL F 122 12.59 -17.51 41.29
CA VAL F 122 12.92 -17.06 42.63
C VAL F 122 13.16 -15.56 42.65
N GLU F 123 13.61 -15.00 41.54
CA GLU F 123 13.69 -13.54 41.44
C GLU F 123 12.30 -12.91 41.53
N LEU F 124 11.29 -13.55 40.94
CA LEU F 124 9.95 -13.02 41.02
C LEU F 124 9.43 -13.05 42.44
N VAL F 125 9.80 -14.08 43.19
CA VAL F 125 9.39 -14.16 44.59
C VAL F 125 10.06 -13.08 45.39
N VAL F 126 11.27 -12.69 45.02
CA VAL F 126 11.97 -11.63 45.73
C VAL F 126 11.42 -10.27 45.33
N ARG F 127 10.89 -10.12 44.12
CA ARG F 127 10.16 -8.92 43.78
C ARG F 127 8.91 -8.77 44.64
N VAL F 128 8.36 -9.88 45.10
CA VAL F 128 7.18 -9.85 45.94
C VAL F 128 7.54 -9.47 47.36
N ALA F 129 8.57 -10.11 47.91
CA ALA F 129 9.01 -9.77 49.25
C ALA F 129 9.51 -8.34 49.30
N GLU F 130 10.09 -7.85 48.21
CA GLU F 130 10.50 -6.46 48.13
C GLU F 130 9.33 -5.53 47.86
N LEU F 131 8.21 -6.08 47.40
CA LEU F 131 7.00 -5.29 47.21
C LEU F 131 6.23 -5.11 48.51
N LEU F 132 6.12 -6.17 49.29
CA LEU F 132 5.35 -6.10 50.53
C LEU F 132 5.99 -5.14 51.53
N LEU F 133 7.30 -4.94 51.43
CA LEU F 133 7.94 -3.84 52.14
C LEU F 133 7.29 -2.51 51.78
N ARG F 134 7.21 -2.22 50.48
CA ARG F 134 6.65 -0.94 50.05
C ARG F 134 5.19 -0.80 50.48
N ILE F 135 4.50 -1.92 50.67
CA ILE F 135 3.16 -1.87 51.24
C ILE F 135 3.23 -1.63 52.74
N ALA F 136 4.20 -2.25 53.41
CA ALA F 136 4.28 -2.16 54.86
C ALA F 136 4.87 -0.84 55.33
N LYS F 137 5.85 -0.32 54.62
CA LYS F 137 6.47 0.94 55.02
C LYS F 137 5.58 2.12 54.67
N GLU F 138 4.97 2.09 53.49
CA GLU F 138 4.01 3.12 53.10
C GLU F 138 2.81 3.12 54.04
N SER F 139 2.05 2.02 54.03
CA SER F 139 0.82 1.95 54.82
C SER F 139 1.10 1.96 56.31
N GLY F 140 2.23 1.40 56.72
CA GLY F 140 2.46 1.12 58.11
C GLY F 140 1.79 -0.14 58.60
N SER F 141 1.25 -0.95 57.69
CA SER F 141 0.54 -2.16 58.07
C SER F 141 1.50 -3.20 58.63
N GLU F 142 0.95 -4.11 59.42
CA GLU F 142 1.72 -5.17 60.06
C GLU F 142 1.47 -6.52 59.43
N GLU F 143 0.29 -6.70 58.83
CA GLU F 143 -0.04 -7.99 58.23
C GLU F 143 0.76 -8.25 56.97
N ALA F 144 1.39 -7.22 56.40
CA ALA F 144 2.29 -7.42 55.27
C ALA F 144 3.65 -7.95 55.74
N LEU F 145 4.22 -7.32 56.76
CA LEU F 145 5.51 -7.76 57.27
C LEU F 145 5.47 -9.19 57.75
N GLU F 146 4.35 -9.64 58.29
CA GLU F 146 4.19 -11.05 58.60
C GLU F 146 4.29 -11.91 57.36
N ARG F 147 3.88 -11.37 56.21
CA ARG F 147 3.94 -12.11 54.96
C ARG F 147 5.29 -11.96 54.27
N ALA F 148 5.89 -10.78 54.33
CA ALA F 148 7.18 -10.56 53.70
C ALA F 148 8.24 -11.49 54.29
N LEU F 149 8.14 -11.77 55.59
CA LEU F 149 9.03 -12.76 56.19
C LEU F 149 8.65 -14.16 55.72
N ARG F 150 7.36 -14.40 55.58
CA ARG F 150 6.89 -15.68 55.06
C ARG F 150 7.37 -15.90 53.64
N VAL F 151 7.18 -14.90 52.77
CA VAL F 151 7.56 -15.03 51.38
C VAL F 151 9.07 -15.05 51.24
N ALA F 152 9.79 -14.33 52.10
CA ALA F 152 11.23 -14.25 51.95
C ALA F 152 11.90 -15.57 52.31
N GLU F 153 11.54 -16.16 53.45
CA GLU F 153 12.02 -17.50 53.77
C GLU F 153 11.50 -18.53 52.78
N GLU F 154 10.32 -18.29 52.21
CA GLU F 154 9.80 -19.13 51.14
C GLU F 154 10.65 -19.06 49.87
N ALA F 155 11.61 -18.14 49.79
CA ALA F 155 12.58 -18.09 48.72
C ALA F 155 13.94 -18.66 49.11
N ALA F 156 14.41 -18.38 50.31
CA ALA F 156 15.68 -18.93 50.75
C ALA F 156 15.64 -20.44 50.82
N ARG F 157 14.46 -21.00 51.05
CA ARG F 157 14.28 -22.44 50.95
C ARG F 157 14.37 -22.93 49.52
N LEU F 158 14.17 -22.05 48.54
CA LEU F 158 14.18 -22.43 47.13
C LEU F 158 15.52 -22.20 46.46
N ALA F 159 16.25 -21.16 46.84
CA ALA F 159 17.61 -21.00 46.35
C ALA F 159 18.46 -22.21 46.71
N LYS F 160 18.27 -22.74 47.91
CA LYS F 160 18.88 -24.01 48.27
C LYS F 160 18.37 -25.11 47.34
N ARG F 161 17.08 -25.07 47.02
CA ARG F 161 16.47 -26.10 46.19
C ARG F 161 16.89 -25.98 44.74
N VAL F 162 17.19 -24.77 44.29
CA VAL F 162 17.75 -24.56 42.96
C VAL F 162 19.17 -25.07 42.90
N LEU F 163 19.91 -24.93 43.99
CA LEU F 163 21.29 -25.36 44.02
C LEU F 163 21.39 -26.88 43.94
N GLU F 164 20.36 -27.58 44.39
CA GLU F 164 20.33 -29.03 44.29
C GLU F 164 20.16 -29.52 42.85
N LEU F 165 19.86 -28.64 41.90
CA LEU F 165 19.78 -29.00 40.50
C LEU F 165 21.09 -28.75 39.78
N ALA F 166 21.67 -27.57 39.99
CA ALA F 166 23.00 -27.27 39.47
C ALA F 166 24.00 -28.34 39.88
N GLU F 167 24.03 -28.67 41.17
CA GLU F 167 24.88 -29.75 41.65
C GLU F 167 24.53 -31.09 41.03
N GLU F 168 23.29 -31.26 40.58
CA GLU F 168 22.86 -32.51 39.97
C GLU F 168 23.25 -32.59 38.50
N GLN F 169 23.24 -31.46 37.79
CA GLN F 169 23.48 -31.42 36.37
C GLN F 169 24.89 -30.99 36.00
N GLY F 170 25.74 -30.68 36.98
CA GLY F 170 27.09 -30.25 36.68
C GLY F 170 27.11 -28.94 35.94
N ASP F 171 26.35 -27.97 36.45
CA ASP F 171 26.32 -26.60 35.93
C ASP F 171 26.78 -25.71 37.07
N PRO F 172 28.09 -25.61 37.30
CA PRO F 172 28.58 -24.96 38.53
C PRO F 172 28.23 -23.50 38.65
N LEU F 173 27.84 -22.85 37.56
CA LEU F 173 27.73 -21.40 37.52
C LEU F 173 26.35 -20.90 37.93
N VAL F 174 25.30 -21.66 37.63
CA VAL F 174 23.98 -21.23 38.08
C VAL F 174 23.89 -21.37 39.59
N ALA F 175 24.64 -22.31 40.17
CA ALA F 175 24.79 -22.38 41.61
C ALA F 175 25.32 -21.08 42.17
N LYS F 176 26.47 -20.63 41.67
CA LYS F 176 26.97 -19.29 41.97
C LYS F 176 25.91 -18.23 41.72
N MET F 177 25.16 -18.38 40.64
CA MET F 177 24.12 -17.42 40.29
C MET F 177 22.93 -17.55 41.24
N ALA F 178 22.90 -18.60 42.06
CA ALA F 178 21.90 -18.82 43.09
C ALA F 178 22.42 -18.60 44.50
N VAL F 179 23.68 -18.93 44.75
CA VAL F 179 24.29 -18.65 46.05
C VAL F 179 24.28 -17.16 46.31
N GLU F 180 24.67 -16.36 45.32
CA GLU F 180 24.60 -14.91 45.42
C GLU F 180 23.18 -14.39 45.51
N LEU F 181 22.19 -15.22 45.17
CA LEU F 181 20.81 -14.82 45.36
C LEU F 181 20.45 -14.78 46.83
N VAL F 182 20.91 -15.78 47.59
CA VAL F 182 20.63 -15.82 49.01
C VAL F 182 21.21 -14.62 49.71
N LYS F 183 22.30 -14.07 49.18
CA LYS F 183 22.81 -12.80 49.70
C LYS F 183 21.80 -11.68 49.50
N ARG F 184 21.09 -11.71 48.37
CA ARG F 184 20.05 -10.73 48.13
C ARG F 184 18.82 -10.98 48.99
N VAL F 185 18.68 -12.19 49.51
CA VAL F 185 17.63 -12.47 50.48
C VAL F 185 18.05 -11.99 51.86
N ALA F 186 19.24 -12.38 52.30
CA ALA F 186 19.70 -12.01 53.63
C ALA F 186 19.78 -10.51 53.79
N GLU F 187 20.16 -9.79 52.74
CA GLU F 187 20.11 -8.33 52.78
C GLU F 187 18.68 -7.85 52.95
N LEU F 188 17.71 -8.59 52.43
CA LEU F 188 16.33 -8.16 52.53
C LEU F 188 15.80 -8.34 53.95
N LEU F 189 15.98 -9.54 54.50
CA LEU F 189 15.50 -9.82 55.84
C LEU F 189 16.09 -8.88 56.87
N GLU F 190 17.35 -8.48 56.69
CA GLU F 190 17.94 -7.45 57.54
C GLU F 190 17.14 -6.16 57.45
N ARG F 191 16.65 -5.83 56.24
CA ARG F 191 15.89 -4.61 56.07
C ARG F 191 14.57 -4.69 56.83
N ILE F 192 14.05 -5.91 57.03
CA ILE F 192 12.85 -6.12 57.82
C ILE F 192 13.12 -6.04 59.32
N ALA F 193 14.39 -6.06 59.72
CA ALA F 193 14.75 -5.77 61.11
C ALA F 193 15.04 -4.29 61.33
N ARG F 194 15.73 -3.66 60.39
CA ARG F 194 16.04 -2.23 60.51
C ARG F 194 14.76 -1.41 60.66
N GLU F 195 13.89 -1.45 59.66
CA GLU F 195 12.52 -1.01 59.82
C GLU F 195 11.70 -2.17 60.35
N SER F 196 10.68 -1.86 61.13
CA SER F 196 9.93 -2.86 61.90
C SER F 196 10.86 -3.56 62.90
N GLY F 197 11.40 -2.76 63.82
CA GLY F 197 12.34 -3.25 64.80
C GLY F 197 11.80 -4.37 65.64
N SER F 198 12.49 -5.50 65.63
CA SER F 198 12.09 -6.68 66.39
C SER F 198 13.28 -7.63 66.42
N GLU F 199 13.04 -8.86 66.89
CA GLU F 199 14.05 -9.89 66.98
C GLU F 199 13.86 -11.01 65.98
N GLU F 200 12.61 -11.32 65.61
CA GLU F 200 12.37 -12.35 64.61
C GLU F 200 12.99 -11.96 63.27
N ALA F 201 12.88 -10.69 62.89
CA ALA F 201 13.54 -10.22 61.67
C ALA F 201 15.04 -10.40 61.77
N LYS F 202 15.66 -9.90 62.84
CA LYS F 202 17.09 -10.08 63.02
C LYS F 202 17.45 -11.55 63.16
N GLU F 203 16.61 -12.31 63.86
CA GLU F 203 16.87 -13.74 64.03
C GLU F 203 16.78 -14.47 62.70
N ARG F 204 15.62 -14.39 62.04
CA ARG F 204 15.42 -15.08 60.78
C ARG F 204 16.41 -14.60 59.71
N ALA F 205 16.73 -13.30 59.73
CA ALA F 205 17.79 -12.81 58.85
C ALA F 205 19.12 -13.44 59.20
N GLU F 206 19.35 -13.75 60.47
CA GLU F 206 20.61 -14.37 60.89
C GLU F 206 20.63 -15.86 60.59
N ARG F 207 19.47 -16.51 60.58
CA ARG F 207 19.40 -17.91 60.19
C ARG F 207 19.79 -18.09 58.72
N VAL F 208 19.48 -17.10 57.89
CA VAL F 208 19.71 -17.20 56.47
C VAL F 208 21.16 -16.86 56.13
N ARG F 209 21.75 -15.88 56.81
CA ARG F 209 23.15 -15.55 56.57
C ARG F 209 24.06 -16.72 56.91
N GLU F 210 23.65 -17.59 57.83
CA GLU F 210 24.38 -18.83 58.04
C GLU F 210 24.08 -19.85 56.95
N GLU F 211 22.86 -19.82 56.41
CA GLU F 211 22.50 -20.70 55.31
C GLU F 211 23.12 -20.22 54.00
N ALA F 212 23.49 -18.93 53.94
CA ALA F 212 24.45 -18.44 52.95
C ALA F 212 25.84 -19.04 53.18
N ARG F 213 26.35 -18.91 54.41
CA ARG F 213 27.66 -19.46 54.71
C ARG F 213 27.66 -20.98 54.65
N GLU F 214 26.52 -21.63 54.84
CA GLU F 214 26.41 -23.06 54.55
C GLU F 214 26.70 -23.31 53.07
N LEU F 215 26.27 -22.40 52.21
CA LEU F 215 26.51 -22.51 50.77
C LEU F 215 27.86 -21.86 50.46
N GLN F 216 28.89 -22.52 50.98
CA GLN F 216 30.29 -22.12 50.90
C GLN F 216 30.85 -22.59 49.57
N GLU F 217 32.18 -22.65 49.44
CA GLU F 217 32.89 -23.32 48.35
C GLU F 217 32.58 -24.82 48.22
N ARG F 218 31.65 -25.34 49.02
CA ARG F 218 30.83 -26.49 48.66
C ARG F 218 30.53 -26.50 47.17
N VAL F 219 30.07 -25.36 46.64
CA VAL F 219 29.84 -25.24 45.21
C VAL F 219 31.14 -25.43 44.43
N LYS F 220 32.26 -24.93 44.97
CA LYS F 220 33.54 -25.10 44.28
C LYS F 220 34.02 -26.54 44.27
N GLU F 221 33.45 -27.41 45.10
CA GLU F 221 33.88 -28.81 45.13
C GLU F 221 33.56 -29.54 43.83
N LEU F 222 32.71 -28.98 42.97
CA LEU F 222 32.17 -29.72 41.83
C LEU F 222 33.04 -29.61 40.59
N ARG F 223 33.53 -28.43 40.26
CA ARG F 223 34.26 -28.21 39.00
C ARG F 223 35.75 -28.51 39.13
N GLU F 224 36.10 -29.67 39.70
CA GLU F 224 37.49 -30.05 39.90
C GLU F 224 37.86 -31.30 39.11
N ARG F 225 37.21 -31.54 37.98
CA ARG F 225 37.49 -32.69 37.13
C ARG F 225 38.46 -32.31 36.01
N PRO G 1 -8.20 -7.36 -22.63
CA PRO G 1 -8.20 -5.98 -22.13
C PRO G 1 -6.85 -5.28 -22.27
N GLU G 2 -6.71 -4.16 -21.56
CA GLU G 2 -5.53 -3.32 -21.73
C GLU G 2 -4.28 -4.02 -21.24
N ASP G 3 -4.31 -4.51 -20.00
CA ASP G 3 -3.13 -5.16 -19.43
C ASP G 3 -2.77 -6.44 -20.16
N GLU G 4 -3.72 -7.07 -20.85
CA GLU G 4 -3.41 -8.26 -21.61
C GLU G 4 -2.75 -7.92 -22.94
N LEU G 5 -3.05 -6.75 -23.49
CA LEU G 5 -2.37 -6.31 -24.70
C LEU G 5 -0.95 -5.83 -24.40
N LYS G 6 -0.75 -5.24 -23.23
CA LYS G 6 0.59 -4.78 -22.87
C LYS G 6 1.58 -5.95 -22.79
N ARG G 7 1.08 -7.15 -22.49
CA ARG G 7 1.94 -8.33 -22.55
C ARG G 7 2.30 -8.65 -23.99
N VAL G 8 1.39 -8.40 -24.93
CA VAL G 8 1.65 -8.74 -26.32
C VAL G 8 2.54 -7.70 -26.96
N GLU G 9 2.30 -6.43 -26.67
CA GLU G 9 3.20 -5.38 -27.12
C GLU G 9 4.59 -5.58 -26.55
N LYS G 10 4.66 -6.08 -25.32
CA LYS G 10 5.94 -6.41 -24.72
C LYS G 10 6.63 -7.53 -25.50
N LEU G 11 5.91 -8.62 -25.78
CA LEU G 11 6.48 -9.72 -26.54
C LEU G 11 6.94 -9.25 -27.92
N VAL G 12 6.15 -8.40 -28.56
CA VAL G 12 6.58 -7.80 -29.83
C VAL G 12 7.81 -6.95 -29.59
N LYS G 13 7.72 -6.05 -28.62
CA LYS G 13 8.82 -5.12 -28.34
C LYS G 13 10.09 -5.86 -27.91
N GLU G 14 9.95 -7.02 -27.29
CA GLU G 14 11.10 -7.85 -26.97
C GLU G 14 11.65 -8.62 -28.16
N ALA G 15 11.07 -8.45 -29.34
CA ALA G 15 11.53 -9.16 -30.52
C ALA G 15 12.26 -8.31 -31.54
N GLU G 16 11.91 -7.02 -31.67
CA GLU G 16 12.77 -6.15 -32.47
C GLU G 16 14.14 -6.04 -31.83
N ALA G 17 14.19 -6.05 -30.50
CA ALA G 17 15.46 -6.01 -29.79
C ALA G 17 16.33 -7.20 -30.19
N LEU G 18 15.79 -8.41 -30.06
CA LEU G 18 16.50 -9.60 -30.48
C LEU G 18 16.86 -9.58 -31.96
N LEU G 19 16.15 -8.79 -32.76
CA LEU G 19 16.49 -8.70 -34.17
C LEU G 19 17.66 -7.76 -34.41
N ILE G 20 17.63 -6.57 -33.82
CA ILE G 20 18.68 -5.61 -34.08
C ILE G 20 20.01 -6.10 -33.54
N VAL G 21 20.00 -6.75 -32.38
CA VAL G 21 21.23 -7.32 -31.86
C VAL G 21 21.70 -8.46 -32.75
N ALA G 22 20.77 -9.12 -33.43
CA ALA G 22 21.12 -10.16 -34.38
C ALA G 22 21.60 -9.60 -35.70
N LYS G 23 21.19 -8.37 -36.04
CA LYS G 23 21.72 -7.72 -37.23
C LYS G 23 23.09 -7.14 -36.95
N ILE G 24 23.30 -6.66 -35.73
CA ILE G 24 24.62 -6.22 -35.30
C ILE G 24 25.57 -7.41 -35.22
N LYS G 25 25.27 -8.34 -34.31
CA LYS G 25 26.16 -9.44 -34.00
C LYS G 25 26.17 -10.54 -35.05
N GLY G 26 25.21 -10.57 -35.96
CA GLY G 26 25.12 -11.64 -36.92
C GLY G 26 24.70 -12.99 -36.35
N SER G 27 24.36 -13.05 -35.06
CA SER G 27 24.01 -14.31 -34.45
C SER G 27 22.71 -14.85 -35.03
N LYS G 28 22.63 -16.19 -35.09
CA LYS G 28 21.42 -16.89 -35.48
C LYS G 28 20.72 -17.54 -34.30
N ARG G 29 21.33 -17.54 -33.11
CA ARG G 29 20.62 -17.95 -31.91
C ARG G 29 19.44 -17.03 -31.62
N ASP G 30 19.55 -15.77 -32.03
CA ASP G 30 18.60 -14.74 -31.64
C ASP G 30 17.42 -14.62 -32.58
N LEU G 31 17.65 -14.72 -33.90
CA LEU G 31 16.55 -14.84 -34.84
C LEU G 31 15.65 -16.01 -34.47
N GLU G 32 16.26 -17.16 -34.22
CA GLU G 32 15.54 -18.34 -33.76
C GLU G 32 14.83 -18.11 -32.43
N LYS G 33 15.24 -17.10 -31.67
CA LYS G 33 14.52 -16.66 -30.48
C LYS G 33 13.59 -15.49 -30.75
N ALA G 34 13.83 -14.74 -31.82
CA ALA G 34 12.93 -13.65 -32.19
C ALA G 34 11.71 -14.18 -32.92
N LEU G 35 11.95 -15.00 -33.93
CA LEU G 35 10.89 -15.69 -34.65
C LEU G 35 9.98 -16.43 -33.70
N ARG G 36 10.55 -17.31 -32.90
CA ARG G 36 9.78 -18.04 -31.90
C ARG G 36 9.17 -17.14 -30.85
N THR G 37 9.64 -15.91 -30.72
CA THR G 37 9.02 -14.94 -29.82
C THR G 37 7.94 -14.13 -30.49
N ALA G 38 8.08 -13.87 -31.79
CA ALA G 38 7.03 -13.17 -32.52
C ALA G 38 5.80 -14.05 -32.67
N GLU G 39 6.03 -15.34 -32.94
CA GLU G 39 4.92 -16.29 -33.08
C GLU G 39 4.08 -16.34 -31.82
N GLU G 40 4.71 -16.21 -30.65
CA GLU G 40 3.95 -16.09 -29.41
C GLU G 40 2.98 -14.92 -29.46
N ALA G 41 3.47 -13.75 -29.86
CA ALA G 41 2.62 -12.57 -29.90
C ALA G 41 1.49 -12.73 -30.91
N ALA G 42 1.75 -13.47 -31.98
CA ALA G 42 0.69 -13.77 -32.94
C ALA G 42 -0.30 -14.79 -32.41
N ARG G 43 0.10 -15.57 -31.40
CA ARG G 43 -0.79 -16.53 -30.76
C ARG G 43 -1.39 -16.01 -29.47
N GLU G 44 -0.71 -15.10 -28.79
CA GLU G 44 -1.28 -14.46 -27.62
C GLU G 44 -2.23 -13.33 -27.96
N ALA G 45 -2.21 -12.87 -29.21
CA ALA G 45 -3.13 -11.83 -29.64
C ALA G 45 -4.49 -12.39 -29.98
N VAL G 46 -4.52 -13.57 -30.60
CA VAL G 46 -5.80 -14.20 -30.87
C VAL G 46 -6.51 -14.58 -29.58
N LYS G 47 -5.74 -14.91 -28.53
CA LYS G 47 -6.34 -15.19 -27.24
C LYS G 47 -7.04 -13.97 -26.67
N VAL G 48 -6.61 -12.79 -27.09
CA VAL G 48 -7.26 -11.54 -26.66
C VAL G 48 -8.53 -11.31 -27.45
N LEU G 49 -8.36 -11.18 -28.76
CA LEU G 49 -9.46 -10.96 -29.68
C LEU G 49 -10.59 -11.94 -29.46
N VAL G 50 -10.27 -13.22 -29.28
CA VAL G 50 -11.30 -14.23 -29.11
C VAL G 50 -12.07 -14.01 -27.82
N GLN G 51 -11.43 -13.45 -26.80
CA GLN G 51 -12.16 -13.07 -25.60
C GLN G 51 -13.02 -11.85 -25.86
N ALA G 52 -12.60 -10.99 -26.77
CA ALA G 52 -13.27 -9.72 -27.02
C ALA G 52 -14.35 -9.81 -28.08
N LEU G 53 -14.30 -10.81 -28.95
CA LEU G 53 -15.39 -11.03 -29.88
C LEU G 53 -16.61 -11.63 -29.20
N LEU G 54 -16.42 -12.28 -28.05
CA LEU G 54 -17.55 -12.79 -27.28
C LEU G 54 -18.27 -11.65 -26.59
N GLU G 55 -17.53 -10.84 -25.84
CA GLU G 55 -18.03 -9.56 -25.41
C GLU G 55 -18.28 -8.67 -26.62
N GLY G 56 -18.97 -7.57 -26.39
CA GLY G 56 -19.21 -6.58 -27.42
C GLY G 56 -18.19 -5.46 -27.35
N ASP G 57 -16.91 -5.82 -27.46
CA ASP G 57 -15.79 -4.88 -27.32
C ASP G 57 -14.95 -4.95 -28.59
N PRO G 58 -15.39 -4.32 -29.67
CA PRO G 58 -14.57 -4.31 -30.88
C PRO G 58 -13.45 -3.30 -30.83
N GLU G 59 -13.58 -2.26 -30.03
CA GLU G 59 -12.51 -1.28 -29.87
C GLU G 59 -11.25 -1.92 -29.33
N VAL G 60 -11.39 -3.01 -28.57
CA VAL G 60 -10.23 -3.77 -28.13
C VAL G 60 -9.78 -4.73 -29.21
N ALA G 61 -10.71 -5.25 -30.01
CA ALA G 61 -10.36 -6.20 -31.06
C ALA G 61 -9.43 -5.56 -32.07
N LEU G 62 -9.75 -4.36 -32.51
CA LEU G 62 -8.94 -3.69 -33.50
C LEU G 62 -7.56 -3.35 -32.97
N ARG G 63 -7.44 -3.17 -31.66
CA ARG G 63 -6.15 -2.96 -31.03
C ARG G 63 -5.37 -4.25 -30.84
N ALA G 64 -5.95 -5.39 -31.20
CA ALA G 64 -5.25 -6.66 -31.25
C ALA G 64 -4.86 -7.04 -32.65
N VAL G 65 -5.75 -6.85 -33.61
CA VAL G 65 -5.42 -7.13 -35.00
C VAL G 65 -4.35 -6.18 -35.47
N GLU G 66 -4.35 -4.95 -34.98
CA GLU G 66 -3.28 -4.02 -35.28
C GLU G 66 -1.94 -4.51 -34.75
N LEU G 67 -1.94 -5.38 -33.75
CA LEU G 67 -0.69 -5.97 -33.28
C LEU G 67 -0.26 -7.12 -34.18
N VAL G 68 -1.22 -7.93 -34.59
CA VAL G 68 -0.92 -9.11 -35.39
C VAL G 68 -0.35 -8.70 -36.72
N VAL G 69 -0.74 -7.53 -37.23
CA VAL G 69 -0.15 -7.00 -38.44
C VAL G 69 1.27 -6.54 -38.18
N ARG G 70 1.52 -5.96 -37.01
CA ARG G 70 2.88 -5.56 -36.68
C ARG G 70 3.81 -6.74 -36.49
N VAL G 71 3.27 -7.93 -36.29
CA VAL G 71 4.07 -9.13 -36.23
C VAL G 71 4.38 -9.64 -37.62
N ALA G 72 3.46 -9.46 -38.56
CA ALA G 72 3.71 -9.88 -39.93
C ALA G 72 4.72 -8.96 -40.61
N GLU G 73 4.67 -7.66 -40.29
CA GLU G 73 5.72 -6.76 -40.69
C GLU G 73 7.06 -7.19 -40.08
N LEU G 74 7.04 -7.59 -38.82
CA LEU G 74 8.24 -8.02 -38.13
C LEU G 74 8.83 -9.26 -38.78
N LEU G 75 7.99 -10.28 -38.96
CA LEU G 75 8.43 -11.55 -39.52
C LEU G 75 8.88 -11.43 -40.97
N LEU G 76 8.59 -10.32 -41.62
CA LEU G 76 9.20 -10.02 -42.91
C LEU G 76 10.59 -9.45 -42.76
N ARG G 77 10.83 -8.67 -41.71
CA ARG G 77 12.16 -8.11 -41.48
C ARG G 77 13.16 -9.15 -41.04
N ILE G 78 12.69 -10.34 -40.68
CA ILE G 78 13.59 -11.44 -40.35
C ILE G 78 14.00 -12.18 -41.61
N ALA G 79 13.03 -12.48 -42.49
CA ALA G 79 13.35 -13.20 -43.71
C ALA G 79 14.32 -12.43 -44.59
N LYS G 80 14.25 -11.11 -44.61
CA LYS G 80 15.25 -10.34 -45.33
C LYS G 80 16.63 -10.53 -44.72
N GLU G 81 16.69 -10.73 -43.40
CA GLU G 81 17.96 -10.93 -42.72
C GLU G 81 18.49 -12.34 -42.94
N SER G 82 17.72 -13.33 -42.48
CA SER G 82 18.17 -14.72 -42.57
C SER G 82 18.20 -15.20 -44.01
N GLY G 83 17.23 -14.79 -44.81
CA GLY G 83 17.00 -15.39 -46.10
C GLY G 83 16.26 -16.70 -46.04
N SER G 84 15.71 -17.06 -44.89
CA SER G 84 15.02 -18.32 -44.72
C SER G 84 13.67 -18.30 -45.43
N ARG G 85 13.08 -19.50 -45.54
CA ARG G 85 11.74 -19.68 -46.05
C ARG G 85 10.78 -20.19 -45.00
N GLU G 86 11.25 -20.46 -43.77
CA GLU G 86 10.38 -20.88 -42.70
C GLU G 86 9.91 -19.71 -41.84
N ALA G 87 10.52 -18.54 -41.98
CA ALA G 87 10.03 -17.31 -41.37
C ALA G 87 9.14 -16.53 -42.31
N LEU G 88 9.56 -16.42 -43.57
CA LEU G 88 8.74 -15.76 -44.58
C LEU G 88 7.40 -16.46 -44.71
N LEU G 89 7.42 -17.79 -44.70
CA LEU G 89 6.23 -18.59 -44.84
C LEU G 89 5.41 -18.65 -43.56
N ARG G 90 5.91 -18.08 -42.47
CA ARG G 90 5.14 -17.85 -41.26
C ARG G 90 4.39 -16.53 -41.31
N ALA G 91 4.92 -15.55 -42.03
CA ALA G 91 4.27 -14.25 -42.10
C ALA G 91 3.03 -14.28 -42.97
N LEU G 92 3.02 -15.14 -43.99
CA LEU G 92 1.83 -15.30 -44.80
C LEU G 92 0.72 -16.00 -44.05
N ILE G 93 1.04 -16.66 -42.94
CA ILE G 93 0.03 -17.26 -42.09
C ILE G 93 -0.53 -16.23 -41.14
N VAL G 94 0.35 -15.43 -40.52
CA VAL G 94 -0.12 -14.37 -39.64
C VAL G 94 -0.86 -13.31 -40.44
N ALA G 95 -0.53 -13.15 -41.72
CA ALA G 95 -1.18 -12.15 -42.54
C ALA G 95 -2.56 -12.61 -43.01
N GLU G 96 -2.68 -13.87 -43.45
CA GLU G 96 -4.00 -14.46 -43.64
C GLU G 96 -4.77 -14.47 -42.33
N GLU G 97 -4.08 -14.74 -41.23
CA GLU G 97 -4.73 -14.79 -39.93
C GLU G 97 -5.36 -13.45 -39.56
N ALA G 98 -4.66 -12.35 -39.82
CA ALA G 98 -5.19 -11.04 -39.49
C ALA G 98 -6.22 -10.53 -40.48
N ALA G 99 -6.40 -11.22 -41.61
CA ALA G 99 -7.49 -10.91 -42.52
C ALA G 99 -8.73 -11.71 -42.20
N LYS G 100 -8.54 -12.99 -41.90
CA LYS G 100 -9.61 -13.86 -41.43
C LYS G 100 -10.15 -13.44 -40.07
N LEU G 101 -9.43 -12.58 -39.35
CA LEU G 101 -9.87 -12.02 -38.08
C LEU G 101 -10.52 -10.66 -38.20
N ALA G 102 -10.04 -9.82 -39.12
CA ALA G 102 -10.69 -8.53 -39.32
C ALA G 102 -12.11 -8.72 -39.82
N LYS G 103 -12.32 -9.72 -40.69
CA LYS G 103 -13.67 -10.07 -41.09
C LYS G 103 -14.51 -10.47 -39.89
N MET G 104 -13.90 -11.11 -38.89
CA MET G 104 -14.63 -11.57 -37.73
C MET G 104 -15.03 -10.44 -36.81
N VAL G 105 -14.42 -9.27 -36.95
CA VAL G 105 -14.84 -8.08 -36.22
C VAL G 105 -15.92 -7.33 -36.97
N LEU G 106 -15.78 -7.22 -38.28
CA LEU G 106 -16.84 -6.71 -39.12
C LEU G 106 -18.16 -7.40 -38.86
N GLU G 107 -18.12 -8.73 -38.70
CA GLU G 107 -19.33 -9.47 -38.35
C GLU G 107 -19.89 -8.99 -37.02
N LEU G 108 -19.03 -8.67 -36.07
CA LEU G 108 -19.49 -8.20 -34.78
C LEU G 108 -20.13 -6.82 -34.85
N ALA G 109 -19.79 -6.03 -35.86
CA ALA G 109 -20.38 -4.71 -36.01
C ALA G 109 -21.73 -4.76 -36.69
N GLU G 110 -21.96 -5.75 -37.55
CA GLU G 110 -23.22 -5.84 -38.25
C GLU G 110 -24.37 -6.08 -37.29
N LYS G 111 -24.14 -6.87 -36.24
CA LYS G 111 -25.16 -7.09 -35.25
C LYS G 111 -25.28 -5.89 -34.31
N GLN G 112 -24.15 -5.29 -33.94
CA GLN G 112 -24.17 -4.08 -33.14
C GLN G 112 -24.54 -2.84 -33.93
N GLY G 113 -24.34 -2.85 -35.24
CA GLY G 113 -24.57 -1.66 -36.02
C GLY G 113 -23.59 -0.55 -35.73
N ASP G 114 -22.33 -0.73 -36.11
CA ASP G 114 -21.28 0.24 -35.85
C ASP G 114 -20.44 0.41 -37.11
N PRO G 115 -20.92 1.22 -38.07
CA PRO G 115 -20.16 1.38 -39.33
C PRO G 115 -18.78 1.98 -39.15
N GLU G 116 -18.60 2.87 -38.19
CA GLU G 116 -17.26 3.41 -37.96
C GLU G 116 -16.33 2.35 -37.42
N VAL G 117 -16.88 1.34 -36.73
CA VAL G 117 -16.08 0.23 -36.23
C VAL G 117 -15.95 -0.87 -37.27
N ALA G 118 -16.84 -0.92 -38.25
CA ALA G 118 -16.73 -1.87 -39.33
C ALA G 118 -15.75 -1.41 -40.39
N LEU G 119 -15.61 -0.10 -40.55
CA LEU G 119 -14.76 0.46 -41.59
C LEU G 119 -13.31 0.45 -41.19
N ARG G 120 -13.03 0.62 -39.90
CA ARG G 120 -11.66 0.48 -39.43
C ARG G 120 -11.12 -0.92 -39.69
N ALA G 121 -11.99 -1.92 -39.66
CA ALA G 121 -11.55 -3.29 -39.93
C ALA G 121 -11.09 -3.46 -41.35
N VAL G 122 -11.85 -2.93 -42.31
CA VAL G 122 -11.52 -3.12 -43.71
C VAL G 122 -10.22 -2.41 -44.04
N GLU G 123 -9.90 -1.33 -43.34
CA GLU G 123 -8.59 -0.71 -43.49
C GLU G 123 -7.49 -1.67 -43.07
N LEU G 124 -7.71 -2.45 -42.00
CA LEU G 124 -6.70 -3.40 -41.58
C LEU G 124 -6.50 -4.48 -42.61
N VAL G 125 -7.57 -4.88 -43.30
CA VAL G 125 -7.44 -5.88 -44.34
C VAL G 125 -6.66 -5.33 -45.52
N VAL G 126 -6.77 -4.02 -45.75
CA VAL G 126 -6.03 -3.40 -46.84
C VAL G 126 -4.58 -3.19 -46.46
N ARG G 127 -4.29 -3.02 -45.16
CA ARG G 127 -2.90 -3.05 -44.73
C ARG G 127 -2.26 -4.40 -44.98
N VAL G 128 -3.07 -5.46 -44.97
CA VAL G 128 -2.57 -6.79 -45.22
C VAL G 128 -2.31 -7.01 -46.70
N ALA G 129 -3.28 -6.64 -47.54
CA ALA G 129 -3.08 -6.77 -48.97
C ALA G 129 -1.95 -5.88 -49.45
N GLU G 130 -1.75 -4.75 -48.79
CA GLU G 130 -0.62 -3.88 -49.10
C GLU G 130 0.67 -4.39 -48.50
N LEU G 131 0.58 -5.30 -47.52
CA LEU G 131 1.75 -5.92 -46.93
C LEU G 131 2.25 -7.07 -47.80
N LEU G 132 1.34 -7.90 -48.29
CA LEU G 132 1.74 -9.07 -49.07
C LEU G 132 2.41 -8.66 -50.37
N LEU G 133 2.10 -7.47 -50.88
CA LEU G 133 2.90 -6.89 -51.95
C LEU G 133 4.35 -6.79 -51.54
N ARG G 134 4.62 -6.17 -50.40
CA ARG G 134 6.00 -5.98 -49.97
C ARG G 134 6.69 -7.31 -49.73
N ILE G 135 5.93 -8.36 -49.43
CA ILE G 135 6.51 -9.70 -49.37
C ILE G 135 6.74 -10.24 -50.76
N ALA G 136 5.83 -9.97 -51.69
CA ALA G 136 5.92 -10.53 -53.03
C ALA G 136 6.93 -9.80 -53.89
N LYS G 137 7.02 -8.49 -53.77
CA LYS G 137 7.97 -7.73 -54.58
C LYS G 137 9.39 -7.89 -54.05
N GLU G 138 9.55 -7.85 -52.73
CA GLU G 138 10.85 -8.11 -52.13
C GLU G 138 11.34 -9.51 -52.43
N SER G 139 10.60 -10.51 -51.94
CA SER G 139 11.03 -11.90 -52.10
C SER G 139 10.98 -12.35 -53.55
N GLY G 140 10.06 -11.80 -54.33
CA GLY G 140 9.75 -12.36 -55.62
C GLY G 140 8.85 -13.57 -55.57
N SER G 141 8.28 -13.88 -54.41
CA SER G 141 7.45 -15.05 -54.27
C SER G 141 6.14 -14.88 -55.03
N GLU G 142 5.53 -16.02 -55.37
CA GLU G 142 4.29 -16.05 -56.12
C GLU G 142 3.11 -16.44 -55.24
N GLU G 143 3.36 -17.20 -54.17
CA GLU G 143 2.27 -17.65 -53.31
C GLU G 143 1.69 -16.51 -52.50
N ALA G 144 2.38 -15.37 -52.42
CA ALA G 144 1.82 -14.19 -51.77
C ALA G 144 0.84 -13.47 -52.69
N LEU G 145 1.23 -13.26 -53.94
CA LEU G 145 0.36 -12.59 -54.90
C LEU G 145 -0.94 -13.34 -55.09
N GLU G 146 -0.91 -14.66 -55.01
CA GLU G 146 -2.14 -15.43 -55.02
C GLU G 146 -3.02 -15.08 -53.83
N ARG G 147 -2.40 -14.69 -52.72
CA ARG G 147 -3.16 -14.34 -51.52
C ARG G 147 -3.54 -12.87 -51.51
N ALA G 148 -2.67 -12.00 -52.00
CA ALA G 148 -2.98 -10.58 -52.03
C ALA G 148 -4.22 -10.31 -52.88
N LEU G 149 -4.41 -11.07 -53.95
CA LEU G 149 -5.63 -10.97 -54.72
C LEU G 149 -6.80 -11.55 -53.93
N ARG G 150 -6.55 -12.63 -53.20
CA ARG G 150 -7.57 -13.23 -52.36
C ARG G 150 -7.99 -12.26 -51.27
N VAL G 151 -7.03 -11.67 -50.57
CA VAL G 151 -7.34 -10.77 -49.47
C VAL G 151 -7.94 -9.48 -50.00
N ALA G 152 -7.51 -9.03 -51.18
CA ALA G 152 -7.98 -7.76 -51.68
C ALA G 152 -9.45 -7.84 -52.10
N GLU G 153 -9.82 -8.86 -52.87
CA GLU G 153 -11.23 -9.08 -53.16
C GLU G 153 -12.02 -9.42 -51.91
N GLU G 154 -11.36 -10.04 -50.92
CA GLU G 154 -11.98 -10.27 -49.62
C GLU G 154 -12.27 -8.98 -48.87
N ALA G 155 -11.79 -7.83 -49.36
CA ALA G 155 -12.15 -6.52 -48.82
C ALA G 155 -13.18 -5.79 -49.67
N ALA G 156 -13.06 -5.86 -50.99
CA ALA G 156 -14.04 -5.20 -51.85
C ALA G 156 -15.41 -5.80 -51.67
N ARG G 157 -15.48 -7.08 -51.29
CA ARG G 157 -16.74 -7.68 -50.91
C ARG G 157 -17.29 -7.13 -49.61
N LEU G 158 -16.43 -6.53 -48.77
CA LEU G 158 -16.81 -6.02 -47.47
C LEU G 158 -17.13 -4.53 -47.49
N ALA G 159 -16.44 -3.75 -48.30
CA ALA G 159 -16.82 -2.36 -48.47
C ALA G 159 -18.25 -2.25 -48.97
N LYS G 160 -18.63 -3.13 -49.89
CA LYS G 160 -20.02 -3.25 -50.28
C LYS G 160 -20.89 -3.62 -49.08
N ARG G 161 -20.37 -4.51 -48.23
CA ARG G 161 -21.12 -5.00 -47.09
C ARG G 161 -21.21 -3.96 -45.99
N VAL G 162 -20.20 -3.08 -45.91
CA VAL G 162 -20.28 -1.95 -44.99
C VAL G 162 -21.29 -0.93 -45.48
N LEU G 163 -21.39 -0.76 -46.79
CA LEU G 163 -22.32 0.19 -47.35
C LEU G 163 -23.76 -0.22 -47.09
N GLU G 164 -24.02 -1.51 -46.95
CA GLU G 164 -25.34 -2.01 -46.63
C GLU G 164 -25.78 -1.66 -45.22
N LEU G 165 -24.88 -1.17 -44.37
CA LEU G 165 -25.23 -0.72 -43.02
C LEU G 165 -25.52 0.78 -42.99
N ALA G 166 -24.63 1.56 -43.60
CA ALA G 166 -24.88 2.99 -43.76
C ALA G 166 -26.24 3.24 -44.39
N GLU G 167 -26.51 2.57 -45.51
CA GLU G 167 -27.81 2.66 -46.15
C GLU G 167 -28.94 2.19 -45.25
N GLU G 168 -28.64 1.32 -44.28
CA GLU G 168 -29.66 0.81 -43.38
C GLU G 168 -29.92 1.77 -42.23
N GLN G 169 -28.90 2.49 -41.76
CA GLN G 169 -29.00 3.35 -40.59
C GLN G 169 -29.15 4.82 -40.94
N GLY G 170 -29.15 5.17 -42.23
CA GLY G 170 -29.28 6.56 -42.60
C GLY G 170 -28.09 7.38 -42.15
N ASP G 171 -26.89 6.86 -42.41
CA ASP G 171 -25.63 7.55 -42.14
C ASP G 171 -24.94 7.72 -43.50
N PRO G 172 -25.34 8.73 -44.28
CA PRO G 172 -24.89 8.79 -45.68
C PRO G 172 -23.40 8.97 -45.85
N LEU G 173 -22.68 9.37 -44.80
CA LEU G 173 -21.31 9.81 -44.93
C LEU G 173 -20.31 8.66 -44.78
N VAL G 174 -20.61 7.68 -43.94
CA VAL G 174 -19.71 6.54 -43.83
C VAL G 174 -19.76 5.73 -45.12
N ALA G 175 -20.89 5.76 -45.81
CA ALA G 175 -20.96 5.19 -47.15
C ALA G 175 -19.94 5.84 -48.07
N LYS G 176 -19.99 7.16 -48.19
CA LYS G 176 -18.93 7.90 -48.88
C LYS G 176 -17.56 7.52 -48.35
N MET G 177 -17.44 7.35 -47.04
CA MET G 177 -16.17 6.99 -46.41
C MET G 177 -15.80 5.54 -46.72
N ALA G 178 -16.74 4.77 -47.29
CA ALA G 178 -16.52 3.40 -47.74
C ALA G 178 -16.49 3.27 -49.25
N VAL G 179 -17.26 4.07 -49.98
CA VAL G 179 -17.18 4.07 -51.43
C VAL G 179 -15.78 4.47 -51.89
N GLU G 180 -15.23 5.51 -51.29
CA GLU G 180 -13.87 5.92 -51.57
C GLU G 180 -12.84 4.90 -51.09
N LEU G 181 -13.25 3.95 -50.25
CA LEU G 181 -12.35 2.88 -49.86
C LEU G 181 -12.13 1.93 -51.03
N VAL G 182 -13.20 1.61 -51.76
CA VAL G 182 -13.09 0.72 -52.90
C VAL G 182 -12.17 1.30 -53.96
N LYS G 183 -12.09 2.63 -54.04
CA LYS G 183 -11.10 3.25 -54.90
C LYS G 183 -9.70 2.91 -54.44
N ARG G 184 -9.47 2.83 -53.13
CA ARG G 184 -8.18 2.43 -52.61
C ARG G 184 -7.93 0.95 -52.81
N VAL G 185 -8.98 0.17 -53.03
CA VAL G 185 -8.81 -1.23 -53.40
C VAL G 185 -8.48 -1.35 -54.88
N ALA G 186 -9.28 -0.71 -55.73
CA ALA G 186 -9.07 -0.81 -57.17
C ALA G 186 -7.70 -0.30 -57.57
N GLU G 187 -7.22 0.75 -56.90
CA GLU G 187 -5.85 1.20 -57.12
C GLU G 187 -4.85 0.13 -56.73
N LEU G 188 -5.19 -0.69 -55.74
CA LEU G 188 -4.26 -1.72 -55.29
C LEU G 188 -4.19 -2.85 -56.29
N LEU G 189 -5.34 -3.38 -56.69
CA LEU G 189 -5.38 -4.49 -57.63
C LEU G 189 -4.70 -4.14 -58.95
N GLU G 190 -4.82 -2.89 -59.39
CA GLU G 190 -4.05 -2.44 -60.56
C GLU G 190 -2.57 -2.59 -60.31
N ARG G 191 -2.12 -2.33 -59.08
CA ARG G 191 -0.70 -2.44 -58.78
C ARG G 191 -0.25 -3.90 -58.85
N ILE G 192 -1.17 -4.83 -58.65
CA ILE G 192 -0.89 -6.25 -58.80
C ILE G 192 -0.87 -6.68 -60.26
N ALA G 193 -1.35 -5.85 -61.17
CA ALA G 193 -1.19 -6.08 -62.60
C ALA G 193 0.08 -5.42 -63.14
N ARG G 194 0.39 -4.20 -62.68
CA ARG G 194 1.59 -3.51 -63.14
C ARG G 194 2.83 -4.34 -62.83
N GLU G 195 3.09 -4.61 -61.57
CA GLU G 195 4.02 -5.65 -61.17
C GLU G 195 3.27 -6.96 -61.13
N SER G 196 3.98 -8.05 -61.42
CA SER G 196 3.36 -9.36 -61.64
C SER G 196 2.40 -9.30 -62.82
N GLY G 197 2.96 -9.00 -63.99
CA GLY G 197 2.18 -8.85 -65.21
C GLY G 197 1.38 -10.07 -65.56
N SER G 198 0.06 -9.90 -65.68
CA SER G 198 -0.85 -10.98 -66.01
C SER G 198 -2.18 -10.35 -66.40
N GLU G 199 -3.21 -11.20 -66.55
CA GLU G 199 -4.54 -10.77 -66.91
C GLU G 199 -5.54 -10.86 -65.76
N GLU G 200 -5.37 -11.83 -64.87
CA GLU G 200 -6.25 -11.93 -63.71
C GLU G 200 -6.17 -10.67 -62.84
N ALA G 201 -4.97 -10.15 -62.65
CA ALA G 201 -4.81 -8.89 -61.92
C ALA G 201 -5.56 -7.76 -62.63
N LYS G 202 -5.30 -7.58 -63.92
CA LYS G 202 -5.99 -6.56 -64.67
C LYS G 202 -7.49 -6.83 -64.74
N GLU G 203 -7.85 -8.10 -64.89
CA GLU G 203 -9.26 -8.47 -64.93
C GLU G 203 -9.95 -8.19 -63.61
N ARG G 204 -9.45 -8.81 -62.54
CA ARG G 204 -10.06 -8.64 -61.22
C ARG G 204 -10.02 -7.18 -60.78
N ALA G 205 -8.95 -6.47 -61.11
CA ALA G 205 -8.91 -5.03 -60.86
C ALA G 205 -9.99 -4.31 -61.65
N GLU G 206 -10.33 -4.82 -62.85
CA GLU G 206 -11.36 -4.20 -63.66
C GLU G 206 -12.75 -4.57 -63.19
N ARG G 207 -12.91 -5.75 -62.58
CA ARG G 207 -14.21 -6.11 -62.00
C ARG G 207 -14.56 -5.19 -60.84
N VAL G 208 -13.55 -4.72 -60.12
CA VAL G 208 -13.78 -3.90 -58.94
C VAL G 208 -14.02 -2.45 -59.31
N ARG G 209 -13.32 -1.93 -60.32
CA ARG G 209 -13.56 -0.57 -60.75
C ARG G 209 -14.97 -0.38 -61.28
N GLU G 210 -15.58 -1.45 -61.79
CA GLU G 210 -17.01 -1.38 -62.11
C GLU G 210 -17.86 -1.49 -60.87
N GLU G 211 -17.39 -2.24 -59.87
CA GLU G 211 -18.10 -2.33 -58.60
C GLU G 211 -17.95 -1.06 -57.77
N ALA G 212 -16.89 -0.28 -58.07
CA ALA G 212 -16.83 1.15 -57.67
C ALA G 212 -17.90 1.95 -58.39
N ARG G 213 -17.94 1.86 -59.72
CA ARG G 213 -18.93 2.60 -60.48
C ARG G 213 -20.35 2.10 -60.21
N GLU G 214 -20.50 0.84 -59.78
CA GLU G 214 -21.79 0.40 -59.27
C GLU G 214 -22.19 1.20 -58.05
N LEU G 215 -21.21 1.57 -57.23
CA LEU G 215 -21.44 2.38 -56.04
C LEU G 215 -21.37 3.85 -56.43
N GLN G 216 -22.35 4.23 -57.24
CA GLN G 216 -22.51 5.55 -57.83
C GLN G 216 -23.20 6.45 -56.81
N GLU G 217 -23.77 7.58 -57.28
CA GLU G 217 -24.69 8.42 -56.52
C GLU G 217 -25.96 7.70 -56.05
N ARG G 218 -26.07 6.39 -56.29
CA ARG G 218 -26.83 5.48 -55.43
C ARG G 218 -26.77 5.91 -53.97
N VAL G 219 -25.57 6.18 -53.48
CA VAL G 219 -25.41 6.68 -52.11
C VAL G 219 -26.10 8.03 -51.96
N LYS G 220 -26.05 8.89 -52.99
CA LYS G 220 -26.71 10.18 -52.92
C LYS G 220 -28.22 10.08 -52.90
N GLU G 221 -28.79 8.93 -53.27
CA GLU G 221 -30.24 8.77 -53.28
C GLU G 221 -30.84 8.84 -51.87
N LEU G 222 -30.02 8.74 -50.82
CA LEU G 222 -30.54 8.55 -49.47
C LEU G 222 -30.81 9.87 -48.74
N ARG G 223 -29.92 10.85 -48.85
CA ARG G 223 -30.03 12.09 -48.08
C ARG G 223 -30.87 13.14 -48.80
N GLU G 224 -32.06 12.77 -49.28
CA GLU G 224 -32.93 13.67 -50.01
C GLU G 224 -34.25 13.90 -49.28
N ARG G 225 -34.26 13.79 -47.95
CA ARG G 225 -35.47 14.01 -47.15
C ARG G 225 -35.51 15.44 -46.63
N PRO H 1 -18.20 8.05 15.40
CA PRO H 1 -16.79 8.40 15.52
C PRO H 1 -16.36 9.52 14.59
N GLU H 2 -15.04 9.66 14.42
CA GLU H 2 -14.50 10.79 13.68
C GLU H 2 -14.88 10.73 12.21
N ASP H 3 -14.60 9.60 11.57
CA ASP H 3 -14.89 9.46 10.14
C ASP H 3 -16.37 9.51 9.84
N GLU H 4 -17.22 9.20 10.82
CA GLU H 4 -18.66 9.29 10.61
C GLU H 4 -19.15 10.73 10.71
N LEU H 5 -18.47 11.56 11.51
CA LEU H 5 -18.80 12.97 11.56
C LEU H 5 -18.32 13.71 10.32
N LYS H 6 -17.19 13.29 9.76
CA LYS H 6 -16.68 13.94 8.56
C LYS H 6 -17.66 13.80 7.40
N ARG H 7 -18.47 12.73 7.40
CA ARG H 7 -19.53 12.62 6.40
C ARG H 7 -20.62 13.65 6.65
N VAL H 8 -20.88 13.98 7.91
CA VAL H 8 -21.95 14.91 8.23
C VAL H 8 -21.49 16.34 8.00
N GLU H 9 -20.25 16.64 8.40
CA GLU H 9 -19.69 17.94 8.07
C GLU H 9 -19.61 18.15 6.57
N LYS H 10 -19.35 17.07 5.84
CA LYS H 10 -19.36 17.12 4.38
C LYS H 10 -20.76 17.46 3.87
N LEU H 11 -21.78 16.74 4.35
CA LEU H 11 -23.16 17.02 3.94
C LEU H 11 -23.56 18.45 4.27
N VAL H 12 -23.16 18.93 5.44
CA VAL H 12 -23.39 20.33 5.78
C VAL H 12 -22.62 21.22 4.82
N LYS H 13 -21.33 20.94 4.67
CA LYS H 13 -20.46 21.76 3.83
C LYS H 13 -20.91 21.74 2.38
N GLU H 14 -21.52 20.65 1.93
CA GLU H 14 -22.10 20.58 0.60
C GLU H 14 -23.42 21.31 0.47
N ALA H 15 -23.91 21.93 1.54
CA ALA H 15 -25.18 22.64 1.51
C ALA H 15 -25.07 24.14 1.54
N GLU H 16 -24.06 24.72 2.21
CA GLU H 16 -23.83 26.13 2.04
C GLU H 16 -23.46 26.44 0.59
N ALA H 17 -22.73 25.52 -0.05
CA ALA H 17 -22.38 25.69 -1.45
C ALA H 17 -23.63 25.81 -2.31
N LEU H 18 -24.53 24.84 -2.18
CA LEU H 18 -25.80 24.89 -2.90
C LEU H 18 -26.61 26.12 -2.54
N LEU H 19 -26.37 26.72 -1.39
CA LEU H 19 -27.10 27.93 -1.02
C LEU H 19 -26.52 29.16 -1.70
N ILE H 20 -25.20 29.33 -1.65
CA ILE H 20 -24.60 30.53 -2.21
C ILE H 20 -24.78 30.57 -3.72
N VAL H 21 -24.68 29.42 -4.37
CA VAL H 21 -24.93 29.40 -5.82
C VAL H 21 -26.40 29.68 -6.09
N ALA H 22 -27.27 29.36 -5.15
CA ALA H 22 -28.68 29.68 -5.27
C ALA H 22 -28.98 31.14 -4.96
N LYS H 23 -28.12 31.78 -4.16
CA LYS H 23 -28.27 33.21 -3.93
C LYS H 23 -27.71 34.00 -5.10
N ILE H 24 -26.65 33.48 -5.71
CA ILE H 24 -26.11 34.07 -6.94
C ILE H 24 -27.10 33.89 -8.07
N LYS H 25 -27.37 32.64 -8.44
CA LYS H 25 -28.15 32.32 -9.61
C LYS H 25 -29.65 32.50 -9.42
N GLY H 26 -30.12 32.65 -8.18
CA GLY H 26 -31.54 32.73 -7.94
C GLY H 26 -32.31 31.44 -8.16
N SER H 27 -31.64 30.34 -8.45
CA SER H 27 -32.33 29.10 -8.73
C SER H 27 -33.04 28.58 -7.48
N LYS H 28 -34.16 27.91 -7.71
CA LYS H 28 -34.89 27.22 -6.66
C LYS H 28 -34.74 25.71 -6.74
N ARG H 29 -34.12 25.18 -7.79
CA ARG H 29 -33.76 23.78 -7.82
C ARG H 29 -32.76 23.44 -6.72
N ASP H 30 -31.95 24.42 -6.32
CA ASP H 30 -30.83 24.18 -5.43
C ASP H 30 -31.19 24.31 -3.97
N LEU H 31 -32.01 25.30 -3.60
CA LEU H 31 -32.57 25.34 -2.26
C LEU H 31 -33.28 24.05 -1.92
N GLU H 32 -34.13 23.59 -2.85
CA GLU H 32 -34.82 22.31 -2.72
C GLU H 32 -33.85 21.14 -2.64
N LYS H 33 -32.61 21.32 -3.09
CA LYS H 33 -31.55 20.35 -2.90
C LYS H 33 -30.67 20.65 -1.70
N ALA H 34 -30.65 21.90 -1.23
CA ALA H 34 -29.90 22.25 -0.04
C ALA H 34 -30.69 21.89 1.21
N LEU H 35 -31.95 22.31 1.25
CA LEU H 35 -32.86 21.93 2.33
C LEU H 35 -32.89 20.42 2.51
N ARG H 36 -33.21 19.71 1.44
CA ARG H 36 -33.22 18.25 1.49
C ARG H 36 -31.85 17.67 1.76
N THR H 37 -30.78 18.43 1.59
CA THR H 37 -29.45 17.97 1.95
C THR H 37 -29.09 18.30 3.39
N ALA H 38 -29.60 19.42 3.91
CA ALA H 38 -29.36 19.75 5.31
C ALA H 38 -30.11 18.79 6.22
N GLU H 39 -31.34 18.45 5.84
CA GLU H 39 -32.14 17.51 6.63
C GLU H 39 -31.45 16.17 6.77
N GLU H 40 -30.72 15.73 5.75
CA GLU H 40 -29.89 14.54 5.88
C GLU H 40 -28.89 14.68 7.01
N ALA H 41 -28.17 15.79 7.05
CA ALA H 41 -27.16 15.99 8.08
C ALA H 41 -27.79 16.05 9.47
N ALA H 42 -29.02 16.56 9.56
CA ALA H 42 -29.74 16.54 10.82
C ALA H 42 -30.24 15.16 11.18
N ARG H 43 -30.34 14.26 10.21
CA ARG H 43 -30.74 12.88 10.45
C ARG H 43 -29.56 11.93 10.52
N GLU H 44 -28.46 12.25 9.85
CA GLU H 44 -27.25 11.46 9.96
C GLU H 44 -26.45 11.80 11.21
N ALA H 45 -26.76 12.92 11.86
CA ALA H 45 -26.08 13.27 13.09
C ALA H 45 -26.67 12.54 14.29
N VAL H 46 -27.99 12.38 14.31
CA VAL H 46 -28.59 11.60 15.38
C VAL H 46 -28.15 10.15 15.31
N LYS H 47 -27.89 9.63 14.11
CA LYS H 47 -27.38 8.29 13.98
C LYS H 47 -26.00 8.14 14.62
N VAL H 48 -25.26 9.24 14.73
CA VAL H 48 -23.97 9.24 15.39
C VAL H 48 -24.15 9.28 16.90
N LEU H 49 -24.77 10.35 17.37
CA LEU H 49 -25.03 10.55 18.78
C LEU H 49 -25.66 9.33 19.42
N VAL H 50 -26.64 8.72 18.75
CA VAL H 50 -27.33 7.58 19.32
C VAL H 50 -26.39 6.40 19.47
N GLN H 51 -25.40 6.28 18.58
CA GLN H 51 -24.38 5.26 18.77
C GLN H 51 -23.45 5.62 19.93
N ALA H 52 -23.27 6.90 20.18
CA ALA H 52 -22.32 7.38 21.17
C ALA H 52 -22.92 7.53 22.55
N LEU H 53 -24.24 7.67 22.65
CA LEU H 53 -24.88 7.66 23.96
C LEU H 53 -24.92 6.26 24.55
N LEU H 54 -24.84 5.23 23.73
CA LEU H 54 -24.78 3.86 24.24
C LEU H 54 -23.41 3.59 24.82
N GLU H 55 -22.35 3.84 24.04
CA GLU H 55 -21.02 3.93 24.59
C GLU H 55 -20.94 5.10 25.56
N GLY H 56 -19.86 5.14 26.33
CA GLY H 56 -19.60 6.24 27.22
C GLY H 56 -18.69 7.28 26.58
N ASP H 57 -19.12 7.81 25.44
CA ASP H 57 -18.33 8.76 24.64
C ASP H 57 -19.13 10.03 24.46
N PRO H 58 -19.19 10.89 25.48
CA PRO H 58 -19.90 12.15 25.32
C PRO H 58 -19.09 13.20 24.58
N GLU H 59 -17.77 13.09 24.59
CA GLU H 59 -16.93 14.00 23.83
C GLU H 59 -17.24 13.94 22.34
N VAL H 60 -17.72 12.79 21.87
CA VAL H 60 -18.16 12.69 20.48
C VAL H 60 -19.59 13.19 20.34
N ALA H 61 -20.40 13.01 21.38
CA ALA H 61 -21.79 13.45 21.32
C ALA H 61 -21.88 14.95 21.11
N LEU H 62 -21.11 15.71 21.89
CA LEU H 62 -21.15 17.15 21.80
C LEU H 62 -20.64 17.64 20.45
N ARG H 63 -19.78 16.87 19.80
CA ARG H 63 -19.32 17.19 18.45
C ARG H 63 -20.34 16.80 17.39
N ALA H 64 -21.45 16.18 17.78
CA ALA H 64 -22.57 15.93 16.89
C ALA H 64 -23.69 16.93 17.08
N VAL H 65 -24.01 17.25 18.33
CA VAL H 65 -25.03 18.24 18.59
C VAL H 65 -24.56 19.59 18.11
N GLU H 66 -23.27 19.86 18.19
CA GLU H 66 -22.72 21.08 17.63
C GLU H 66 -22.91 21.14 16.12
N LEU H 67 -23.08 20.00 15.45
CA LEU H 67 -23.38 20.01 14.03
C LEU H 67 -24.85 20.27 13.79
N VAL H 68 -25.70 19.67 14.61
CA VAL H 68 -27.14 19.79 14.42
C VAL H 68 -27.57 21.23 14.63
N VAL H 69 -26.86 21.97 15.47
CA VAL H 69 -27.13 23.39 15.63
C VAL H 69 -26.68 24.15 14.40
N ARG H 70 -25.56 23.74 13.79
CA ARG H 70 -25.12 24.40 12.58
C ARG H 70 -26.05 24.15 11.41
N VAL H 71 -26.89 23.13 11.50
CA VAL H 71 -27.91 22.89 10.49
C VAL H 71 -29.12 23.78 10.73
N ALA H 72 -29.43 24.06 11.98
CA ALA H 72 -30.56 24.93 12.27
C ALA H 72 -30.22 26.38 11.93
N GLU H 73 -28.97 26.78 12.14
CA GLU H 73 -28.50 28.05 11.62
C GLU H 73 -28.59 28.08 10.11
N LEU H 74 -28.22 26.97 9.46
CA LEU H 74 -28.26 26.89 8.01
C LEU H 74 -29.69 27.01 7.50
N LEU H 75 -30.59 26.21 8.06
CA LEU H 75 -31.98 26.19 7.63
C LEU H 75 -32.71 27.49 7.91
N LEU H 76 -32.14 28.36 8.72
CA LEU H 76 -32.63 29.72 8.84
C LEU H 76 -32.15 30.61 7.72
N ARG H 77 -30.93 30.38 7.23
CA ARG H 77 -30.41 31.17 6.12
C ARG H 77 -31.09 30.85 4.80
N ILE H 78 -31.86 29.75 4.75
CA ILE H 78 -32.64 29.43 3.58
C ILE H 78 -33.97 30.15 3.61
N ALA H 79 -34.65 30.12 4.76
CA ALA H 79 -35.94 30.77 4.87
C ALA H 79 -35.86 32.27 4.60
N LYS H 80 -34.75 32.91 4.99
CA LYS H 80 -34.58 34.32 4.63
C LYS H 80 -34.47 34.48 3.12
N GLU H 81 -33.91 33.49 2.44
CA GLU H 81 -33.77 33.55 0.99
C GLU H 81 -35.09 33.25 0.30
N SER H 82 -35.62 32.05 0.51
CA SER H 82 -36.85 31.65 -0.17
C SER H 82 -38.05 32.43 0.33
N GLY H 83 -38.09 32.71 1.63
CA GLY H 83 -39.29 33.19 2.26
C GLY H 83 -40.31 32.12 2.55
N SER H 84 -39.93 30.85 2.43
CA SER H 84 -40.85 29.75 2.64
C SER H 84 -41.16 29.59 4.12
N ARG H 85 -42.18 28.76 4.39
CA ARG H 85 -42.53 28.35 5.73
C ARG H 85 -42.31 26.87 5.96
N GLU H 86 -41.89 26.12 4.95
CA GLU H 86 -41.58 24.71 5.12
C GLU H 86 -40.12 24.45 5.43
N ALA H 87 -39.26 25.45 5.24
CA ALA H 87 -37.88 25.39 5.68
C ALA H 87 -37.70 25.99 7.06
N LEU H 88 -38.33 27.15 7.28
CA LEU H 88 -38.30 27.77 8.60
C LEU H 88 -38.88 26.84 9.65
N LEU H 89 -39.97 26.17 9.30
CA LEU H 89 -40.65 25.27 10.21
C LEU H 89 -39.94 23.92 10.31
N ARG H 90 -38.90 23.70 9.54
CA ARG H 90 -37.99 22.58 9.73
C ARG H 90 -36.89 22.90 10.71
N ALA H 91 -36.49 24.17 10.81
CA ALA H 91 -35.42 24.54 11.70
C ALA H 91 -35.86 24.51 13.15
N LEU H 92 -37.13 24.78 13.41
CA LEU H 92 -37.65 24.67 14.77
C LEU H 92 -37.76 23.24 15.22
N ILE H 93 -37.71 22.29 14.28
CA ILE H 93 -37.68 20.88 14.63
C ILE H 93 -36.26 20.45 14.93
N VAL H 94 -35.31 20.86 14.10
CA VAL H 94 -33.91 20.54 14.36
C VAL H 94 -33.43 21.25 15.61
N ALA H 95 -34.03 22.40 15.94
CA ALA H 95 -33.62 23.15 17.12
C ALA H 95 -34.18 22.55 18.39
N GLU H 96 -35.46 22.17 18.40
CA GLU H 96 -35.98 21.34 19.48
C GLU H 96 -35.22 20.03 19.56
N GLU H 97 -34.87 19.47 18.41
CA GLU H 97 -34.16 18.20 18.37
C GLU H 97 -32.81 18.29 19.06
N ALA H 98 -32.08 19.39 18.83
CA ALA H 98 -30.79 19.55 19.46
C ALA H 98 -30.85 19.98 20.92
N ALA H 99 -32.03 20.34 21.42
CA ALA H 99 -32.22 20.58 22.83
C ALA H 99 -32.64 19.33 23.56
N LYS H 100 -33.54 18.56 22.96
CA LYS H 100 -33.94 17.26 23.47
C LYS H 100 -32.82 16.25 23.42
N LEU H 101 -31.74 16.53 22.69
CA LEU H 101 -30.55 15.70 22.63
C LEU H 101 -29.45 16.14 23.58
N ALA H 102 -29.28 17.45 23.78
CA ALA H 102 -28.30 17.91 24.74
C ALA H 102 -28.65 17.46 26.14
N LYS H 103 -29.94 17.45 26.47
CA LYS H 103 -30.39 16.88 27.72
C LYS H 103 -30.01 15.41 27.81
N MET H 104 -30.02 14.70 26.69
CA MET H 104 -29.72 13.28 26.69
C MET H 104 -28.24 13.00 26.88
N VAL H 105 -27.39 14.00 26.71
CA VAL H 105 -25.97 13.87 27.02
C VAL H 105 -25.70 14.22 28.48
N LEU H 106 -26.35 15.28 28.96
CA LEU H 106 -26.33 15.59 30.38
C LEU H 106 -26.69 14.38 31.22
N GLU H 107 -27.70 13.63 30.80
CA GLU H 107 -28.05 12.40 31.52
C GLU H 107 -26.89 11.42 31.52
N LEU H 108 -26.14 11.35 30.42
CA LEU H 108 -25.00 10.45 30.36
C LEU H 108 -23.88 10.88 31.28
N ALA H 109 -23.80 12.15 31.63
CA ALA H 109 -22.74 12.62 32.52
C ALA H 109 -23.10 12.40 33.98
N GLU H 110 -24.38 12.39 34.32
CA GLU H 110 -24.77 12.19 35.70
C GLU H 110 -24.37 10.82 36.20
N LYS H 111 -24.47 9.81 35.34
CA LYS H 111 -24.03 8.48 35.74
C LYS H 111 -22.51 8.37 35.70
N GLN H 112 -21.87 8.97 34.70
CA GLN H 112 -20.42 9.01 34.65
C GLN H 112 -19.81 10.00 35.62
N GLY H 113 -20.55 11.02 36.04
CA GLY H 113 -19.99 12.05 36.87
C GLY H 113 -18.95 12.89 36.17
N ASP H 114 -19.39 13.71 35.21
CA ASP H 114 -18.50 14.55 34.41
C ASP H 114 -19.10 15.94 34.30
N PRO H 115 -18.94 16.78 35.33
CA PRO H 115 -19.55 18.12 35.28
C PRO H 115 -19.02 19.00 34.16
N GLU H 116 -17.76 18.86 33.78
CA GLU H 116 -17.26 19.64 32.66
C GLU H 116 -17.89 19.20 31.36
N VAL H 117 -18.31 17.94 31.28
CA VAL H 117 -19.01 17.43 30.11
C VAL H 117 -20.50 17.67 30.18
N ALA H 118 -21.04 17.89 31.38
CA ALA H 118 -22.44 18.22 31.54
C ALA H 118 -22.69 19.69 31.28
N LEU H 119 -21.70 20.54 31.55
CA LEU H 119 -21.87 21.98 31.43
C LEU H 119 -21.73 22.42 29.99
N ARG H 120 -20.89 21.74 29.21
CA ARG H 120 -20.82 22.03 27.79
C ARG H 120 -22.15 21.78 27.10
N ALA H 121 -22.93 20.82 27.60
CA ALA H 121 -24.23 20.54 27.00
C ALA H 121 -25.20 21.69 27.21
N VAL H 122 -25.24 22.24 28.42
CA VAL H 122 -26.18 23.29 28.71
C VAL H 122 -25.85 24.54 27.92
N GLU H 123 -24.59 24.75 27.58
CA GLU H 123 -24.24 25.83 26.67
C GLU H 123 -24.86 25.62 25.31
N LEU H 124 -24.90 24.36 24.83
CA LEU H 124 -25.50 24.09 23.54
C LEU H 124 -27.00 24.38 23.56
N VAL H 125 -27.65 24.12 24.70
CA VAL H 125 -29.06 24.41 24.81
C VAL H 125 -29.29 25.91 24.80
N VAL H 126 -28.34 26.67 25.31
CA VAL H 126 -28.47 28.12 25.31
C VAL H 126 -28.16 28.68 23.94
N ARG H 127 -27.32 28.02 23.16
CA ARG H 127 -27.18 28.40 21.76
C ARG H 127 -28.47 28.22 21.00
N VAL H 128 -29.30 27.27 21.44
CA VAL H 128 -30.58 27.02 20.79
C VAL H 128 -31.59 28.08 21.18
N ALA H 129 -31.70 28.37 22.47
CA ALA H 129 -32.61 29.41 22.91
C ALA H 129 -32.20 30.77 22.37
N GLU H 130 -30.91 30.98 22.17
CA GLU H 130 -30.42 32.20 21.55
C GLU H 130 -30.58 32.16 20.05
N LEU H 131 -30.78 30.98 19.47
CA LEU H 131 -31.05 30.86 18.05
C LEU H 131 -32.50 31.13 17.72
N LEU H 132 -33.42 30.60 18.53
CA LEU H 132 -34.84 30.76 18.25
C LEU H 132 -35.26 32.21 18.35
N LEU H 133 -34.54 33.01 19.13
CA LEU H 133 -34.70 34.46 19.07
C LEU H 133 -34.47 34.96 17.66
N ARG H 134 -33.33 34.60 17.06
CA ARG H 134 -33.01 35.09 15.73
C ARG H 134 -34.03 34.60 14.70
N ILE H 135 -34.69 33.49 14.97
CA ILE H 135 -35.79 33.05 14.13
C ILE H 135 -37.04 33.89 14.42
N ALA H 136 -37.27 34.21 15.68
CA ALA H 136 -38.49 34.91 16.07
C ALA H 136 -38.42 36.40 15.76
N LYS H 137 -37.26 37.01 15.94
CA LYS H 137 -37.13 38.44 15.66
C LYS H 137 -37.05 38.71 14.17
N GLU H 138 -36.29 37.88 13.45
CA GLU H 138 -36.25 37.99 12.00
C GLU H 138 -37.61 37.74 11.38
N SER H 139 -38.13 36.52 11.55
CA SER H 139 -39.39 36.15 10.92
C SER H 139 -40.56 36.92 11.50
N GLY H 140 -40.49 37.27 12.78
CA GLY H 140 -41.65 37.74 13.49
C GLY H 140 -42.58 36.65 13.94
N SER H 141 -42.16 35.39 13.85
CA SER H 141 -43.01 34.28 14.22
C SER H 141 -43.22 34.24 15.73
N GLU H 142 -44.32 33.60 16.13
CA GLU H 142 -44.69 33.48 17.53
C GLU H 142 -44.46 32.07 18.06
N GLU H 143 -44.51 31.07 17.18
CA GLU H 143 -44.34 29.69 17.63
C GLU H 143 -42.91 29.39 18.03
N ALA H 144 -41.97 30.26 17.68
CA ALA H 144 -40.60 30.12 18.15
C ALA H 144 -40.45 30.63 19.58
N LEU H 145 -40.99 31.81 19.85
CA LEU H 145 -40.92 32.38 21.20
C LEU H 145 -41.57 31.48 22.22
N GLU H 146 -42.63 30.78 21.84
CA GLU H 146 -43.21 29.78 22.72
C GLU H 146 -42.21 28.68 23.03
N ARG H 147 -41.31 28.40 22.09
CA ARG H 147 -40.31 27.35 22.29
C ARG H 147 -39.06 27.89 22.98
N ALA H 148 -38.65 29.11 22.65
CA ALA H 148 -37.47 29.69 23.28
C ALA H 148 -37.65 29.80 24.79
N LEU H 149 -38.87 30.07 25.24
CA LEU H 149 -39.14 30.04 26.67
C LEU H 149 -39.13 28.61 27.18
N ARG H 150 -39.63 27.68 26.38
CA ARG H 150 -39.60 26.28 26.73
C ARG H 150 -38.17 25.78 26.85
N VAL H 151 -37.35 26.08 25.84
CA VAL H 151 -35.97 25.60 25.84
C VAL H 151 -35.15 26.32 26.90
N ALA H 152 -35.46 27.59 27.17
CA ALA H 152 -34.66 28.35 28.12
C ALA H 152 -34.87 27.85 29.54
N GLU H 153 -36.13 27.69 29.96
CA GLU H 153 -36.40 27.08 31.25
C GLU H 153 -35.93 25.63 31.29
N GLU H 154 -35.94 24.96 30.14
CA GLU H 154 -35.38 23.62 30.03
C GLU H 154 -33.87 23.59 30.26
N ALA H 155 -33.22 24.75 30.34
CA ALA H 155 -31.82 24.85 30.72
C ALA H 155 -31.62 25.30 32.16
N ALA H 156 -32.41 26.25 32.63
CA ALA H 156 -32.29 26.69 34.01
C ALA H 156 -32.62 25.57 34.98
N ARG H 157 -33.46 24.63 34.56
CA ARG H 157 -33.68 23.42 35.33
C ARG H 157 -32.46 22.51 35.35
N LEU H 158 -31.56 22.66 34.38
CA LEU H 158 -30.39 21.80 34.26
C LEU H 158 -29.14 22.41 34.89
N ALA H 159 -28.99 23.72 34.85
CA ALA H 159 -27.90 24.34 35.59
C ALA H 159 -28.02 24.04 37.07
N LYS H 160 -29.23 24.04 37.59
CA LYS H 160 -29.47 23.55 38.94
C LYS H 160 -29.07 22.09 39.05
N ARG H 161 -29.37 21.31 38.02
CA ARG H 161 -29.09 19.88 38.04
C ARG H 161 -27.61 19.59 37.87
N VAL H 162 -26.89 20.48 37.19
CA VAL H 162 -25.44 20.36 37.11
C VAL H 162 -24.81 20.70 38.45
N LEU H 163 -25.39 21.66 39.16
CA LEU H 163 -24.86 22.07 40.44
C LEU H 163 -24.98 20.95 41.47
N GLU H 164 -25.96 20.07 41.31
CA GLU H 164 -26.12 18.93 42.20
C GLU H 164 -25.02 17.89 42.02
N LEU H 165 -24.19 18.00 40.99
CA LEU H 165 -23.06 17.11 40.80
C LEU H 165 -21.78 17.69 41.39
N ALA H 166 -21.51 18.96 41.09
CA ALA H 166 -20.40 19.66 41.72
C ALA H 166 -20.47 19.55 43.24
N GLU H 167 -21.63 19.86 43.80
CA GLU H 167 -21.83 19.70 45.23
C GLU H 167 -21.67 18.26 45.69
N GLU H 168 -21.87 17.30 44.79
CA GLU H 168 -21.73 15.89 45.13
C GLU H 168 -20.28 15.42 45.08
N GLN H 169 -19.49 15.98 44.16
CA GLN H 169 -18.12 15.54 43.94
C GLN H 169 -17.08 16.44 44.58
N GLY H 170 -17.51 17.53 45.23
CA GLY H 170 -16.55 18.43 45.85
C GLY H 170 -15.69 19.12 44.82
N ASP H 171 -16.33 19.65 43.77
CA ASP H 171 -15.68 20.44 42.74
C ASP H 171 -16.32 21.82 42.79
N PRO H 172 -15.90 22.67 43.72
CA PRO H 172 -16.65 23.92 43.98
C PRO H 172 -16.68 24.88 42.81
N LEU H 173 -15.81 24.71 41.82
CA LEU H 173 -15.59 25.71 40.80
C LEU H 173 -16.50 25.53 39.60
N VAL H 174 -16.85 24.30 39.25
CA VAL H 174 -17.79 24.11 38.15
C VAL H 174 -19.17 24.58 38.57
N ALA H 175 -19.47 24.51 39.86
CA ALA H 175 -20.67 25.12 40.39
C ALA H 175 -20.71 26.61 40.07
N LYS H 176 -19.67 27.34 40.48
CA LYS H 176 -19.49 28.72 40.05
C LYS H 176 -19.60 28.85 38.54
N MET H 177 -19.01 27.90 37.82
CA MET H 177 -19.04 27.93 36.37
C MET H 177 -20.44 27.60 35.84
N ALA H 178 -21.34 27.14 36.71
CA ALA H 178 -22.74 26.88 36.40
C ALA H 178 -23.69 27.89 37.01
N VAL H 179 -23.38 28.41 38.19
CA VAL H 179 -24.19 29.48 38.77
C VAL H 179 -24.19 30.70 37.87
N GLU H 180 -23.02 31.08 37.38
CA GLU H 180 -22.91 32.17 36.42
C GLU H 180 -23.56 31.84 35.09
N LEU H 181 -23.85 30.57 34.82
CA LEU H 181 -24.58 30.22 33.62
C LEU H 181 -26.03 30.66 33.73
N VAL H 182 -26.64 30.47 34.90
CA VAL H 182 -28.01 30.88 35.09
C VAL H 182 -28.17 32.38 34.92
N LYS H 183 -27.11 33.15 35.20
CA LYS H 183 -27.13 34.56 34.88
C LYS H 183 -27.24 34.78 33.38
N ARG H 184 -26.58 33.93 32.60
CA ARG H 184 -26.70 34.01 31.15
C ARG H 184 -28.06 33.54 30.66
N VAL H 185 -28.78 32.77 31.48
CA VAL H 185 -30.15 32.42 31.17
C VAL H 185 -31.09 33.56 31.51
N ALA H 186 -30.98 34.08 32.73
CA ALA H 186 -31.87 35.14 33.18
C ALA H 186 -31.74 36.37 32.29
N GLU H 187 -30.54 36.67 31.83
CA GLU H 187 -30.36 37.75 30.86
C GLU H 187 -31.09 37.43 29.56
N LEU H 188 -31.20 36.15 29.22
CA LEU H 188 -31.86 35.79 27.97
C LEU H 188 -33.35 35.96 28.08
N LEU H 189 -33.95 35.40 29.12
CA LEU H 189 -35.39 35.48 29.31
C LEU H 189 -35.87 36.92 29.40
N GLU H 190 -35.07 37.80 30.00
CA GLU H 190 -35.38 39.22 29.97
C GLU H 190 -35.46 39.73 28.54
N ARG H 191 -34.59 39.23 27.67
CA ARG H 191 -34.59 39.67 26.28
C ARG H 191 -35.87 39.22 25.59
N ILE H 192 -36.47 38.14 26.06
CA ILE H 192 -37.75 37.68 25.54
C ILE H 192 -38.92 38.49 26.07
N ALA H 193 -38.71 39.31 27.10
CA ALA H 193 -39.70 40.28 27.55
C ALA H 193 -39.52 41.63 26.85
N ARG H 194 -38.27 42.07 26.67
CA ARG H 194 -38.03 43.35 26.00
C ARG H 194 -38.61 43.35 24.61
N GLU H 195 -38.14 42.45 23.75
CA GLU H 195 -38.84 42.12 22.52
C GLU H 195 -39.86 41.05 22.83
N SER H 196 -40.97 41.07 22.09
CA SER H 196 -42.14 40.25 22.40
C SER H 196 -42.70 40.62 23.77
N GLY H 197 -43.13 41.88 23.89
CA GLY H 197 -43.63 42.42 25.14
C GLY H 197 -44.79 41.64 25.70
N SER H 198 -44.65 41.15 26.92
CA SER H 198 -45.67 40.37 27.60
C SER H 198 -45.30 40.30 29.07
N GLU H 199 -46.02 39.45 29.81
CA GLU H 199 -45.80 39.25 31.23
C GLU H 199 -45.19 37.91 31.56
N GLU H 200 -45.49 36.87 30.77
CA GLU H 200 -44.88 35.56 31.00
C GLU H 200 -43.37 35.63 30.83
N ALA H 201 -42.89 36.36 29.83
CA ALA H 201 -41.45 36.55 29.68
C ALA H 201 -40.87 37.24 30.91
N LYS H 202 -41.45 38.38 31.31
CA LYS H 202 -40.97 39.07 32.50
C LYS H 202 -41.17 38.23 33.74
N GLU H 203 -42.28 37.50 33.81
CA GLU H 203 -42.53 36.64 34.97
C GLU H 203 -41.52 35.50 35.03
N ARG H 204 -41.47 34.69 33.97
CA ARG H 204 -40.57 33.55 33.95
C ARG H 204 -39.11 33.99 34.06
N ALA H 205 -38.77 35.12 33.47
CA ALA H 205 -37.43 35.69 33.67
C ALA H 205 -37.22 36.06 35.13
N GLU H 206 -38.28 36.47 35.83
CA GLU H 206 -38.17 36.84 37.23
C GLU H 206 -38.13 35.61 38.14
N ARG H 207 -38.76 34.52 37.72
CA ARG H 207 -38.67 33.27 38.48
C ARG H 207 -37.24 32.74 38.49
N VAL H 208 -36.50 32.98 37.41
CA VAL H 208 -35.16 32.45 37.28
C VAL H 208 -34.14 33.32 38.00
N ARG H 209 -34.32 34.64 37.97
CA ARG H 209 -33.41 35.51 38.70
C ARG H 209 -33.47 35.26 40.19
N GLU H 210 -34.60 34.77 40.70
CA GLU H 210 -34.66 34.32 42.08
C GLU H 210 -34.00 32.95 42.24
N GLU H 211 -34.09 32.11 41.21
CA GLU H 211 -33.43 30.82 41.23
C GLU H 211 -31.92 30.96 41.03
N ALA H 212 -31.50 32.10 40.44
CA ALA H 212 -30.10 32.56 40.56
C ALA H 212 -29.77 32.93 41.99
N ARG H 213 -30.58 33.79 42.60
CA ARG H 213 -30.33 34.20 43.97
C ARG H 213 -30.51 33.04 44.94
N GLU H 214 -31.31 32.03 44.59
CA GLU H 214 -31.33 30.80 45.36
C GLU H 214 -29.96 30.14 45.35
N LEU H 215 -29.25 30.25 44.23
CA LEU H 215 -27.91 29.70 44.09
C LEU H 215 -26.91 30.76 44.56
N GLN H 216 -26.98 31.02 45.86
CA GLN H 216 -26.21 32.02 46.58
C GLN H 216 -24.86 31.41 46.94
N GLU H 217 -24.16 32.02 47.90
CA GLU H 217 -22.98 31.44 48.56
C GLU H 217 -23.24 30.11 49.28
N ARG H 218 -24.46 29.56 49.15
CA ARG H 218 -24.70 28.12 49.22
C ARG H 218 -23.54 27.34 48.61
N VAL H 219 -23.11 27.74 47.41
CA VAL H 219 -21.95 27.11 46.80
C VAL H 219 -20.69 27.33 47.64
N LYS H 220 -20.56 28.51 48.26
CA LYS H 220 -19.40 28.78 49.12
C LYS H 220 -19.39 27.95 50.39
N GLU H 221 -20.53 27.35 50.77
CA GLU H 221 -20.58 26.54 51.98
C GLU H 221 -19.71 25.29 51.88
N LEU H 222 -19.25 24.91 50.69
CA LEU H 222 -18.64 23.61 50.49
C LEU H 222 -17.12 23.63 50.72
N ARG H 223 -16.42 24.64 50.22
CA ARG H 223 -14.95 24.67 50.28
C ARG H 223 -14.43 25.27 51.57
N GLU H 224 -14.95 24.83 52.71
CA GLU H 224 -14.54 25.35 54.02
C GLU H 224 -13.88 24.29 54.88
N ARG H 225 -13.24 23.30 54.27
CA ARG H 225 -12.54 22.24 55.00
C ARG H 225 -11.06 22.57 55.15
N PRO I 1 16.24 -15.95 10.74
CA PRO I 1 16.51 -15.14 9.55
C PRO I 1 16.90 -13.71 9.86
N GLU I 2 16.85 -12.86 8.83
CA GLU I 2 17.35 -11.49 8.97
C GLU I 2 16.51 -10.68 9.95
N ASP I 3 15.20 -10.66 9.72
CA ASP I 3 14.31 -9.87 10.57
C ASP I 3 14.27 -10.39 12.00
N GLU I 4 14.60 -11.66 12.22
CA GLU I 4 14.63 -12.19 13.57
C GLU I 4 15.92 -11.78 14.29
N LEU I 5 17.01 -11.58 13.55
CA LEU I 5 18.23 -11.08 14.16
C LEU I 5 18.13 -9.60 14.47
N LYS I 6 17.41 -8.84 13.64
CA LYS I 6 17.25 -7.42 13.91
C LYS I 6 16.55 -7.17 15.23
N ARG I 7 15.70 -8.11 15.67
CA ARG I 7 15.12 -8.00 17.00
C ARG I 7 16.17 -8.21 18.07
N VAL I 8 17.16 -9.07 17.81
CA VAL I 8 18.17 -9.36 18.82
C VAL I 8 19.20 -8.25 18.87
N GLU I 9 19.60 -7.74 17.71
CA GLU I 9 20.48 -6.58 17.67
C GLU I 9 19.80 -5.39 18.33
N LYS I 10 18.49 -5.28 18.17
CA LYS I 10 17.73 -4.24 18.85
C LYS I 10 17.80 -4.42 20.36
N LEU I 11 17.53 -5.63 20.85
CA LEU I 11 17.60 -5.90 22.28
C LEU I 11 18.99 -5.61 22.82
N VAL I 12 20.03 -5.99 22.08
CA VAL I 12 21.39 -5.64 22.46
C VAL I 12 21.54 -4.13 22.44
N LYS I 13 21.16 -3.51 21.32
CA LYS I 13 21.34 -2.07 21.16
C LYS I 13 20.53 -1.29 22.18
N GLU I 14 19.42 -1.84 22.65
CA GLU I 14 18.65 -1.22 23.72
C GLU I 14 19.26 -1.44 25.09
N ALA I 15 20.39 -2.12 25.19
CA ALA I 15 21.04 -2.39 26.47
C ALA I 15 22.29 -1.59 26.72
N GLU I 16 23.09 -1.27 25.69
CA GLU I 16 24.16 -0.31 25.92
C GLU I 16 23.58 1.04 26.30
N ALA I 17 22.43 1.39 25.74
CA ALA I 17 21.78 2.64 26.12
C ALA I 17 21.47 2.67 27.61
N LEU I 18 20.78 1.64 28.10
CA LEU I 18 20.50 1.53 29.52
C LEU I 18 21.76 1.49 30.35
N LEU I 19 22.88 1.11 29.77
CA LEU I 19 24.13 1.08 30.53
C LEU I 19 24.75 2.47 30.63
N ILE I 20 24.84 3.19 29.51
CA ILE I 20 25.50 4.48 29.53
C ILE I 20 24.70 5.47 30.37
N VAL I 21 23.38 5.41 30.30
CA VAL I 21 22.56 6.28 31.15
C VAL I 21 22.74 5.87 32.61
N ALA I 22 23.04 4.61 32.87
CA ALA I 22 23.31 4.15 34.21
C ALA I 22 24.71 4.51 34.67
N LYS I 23 25.64 4.70 33.74
CA LYS I 23 26.97 5.19 34.10
C LYS I 23 26.95 6.69 34.33
N ILE I 24 26.12 7.39 33.57
CA ILE I 24 25.90 8.82 33.80
C ILE I 24 25.18 9.03 35.12
N LYS I 25 23.94 8.52 35.21
CA LYS I 25 23.06 8.79 36.33
C LYS I 25 23.41 7.99 37.58
N GLY I 26 24.24 6.96 37.46
CA GLY I 26 24.53 6.11 38.60
C GLY I 26 23.38 5.23 39.06
N SER I 27 22.27 5.22 38.34
CA SER I 27 21.12 4.44 38.76
C SER I 27 21.42 2.95 38.69
N LYS I 28 20.80 2.20 39.59
CA LYS I 28 20.85 0.75 39.58
C LYS I 28 19.54 0.12 39.14
N ARG I 29 18.49 0.91 38.94
CA ARG I 29 17.28 0.41 38.30
C ARG I 29 17.56 -0.03 36.88
N ASP I 30 18.56 0.59 36.23
CA ASP I 30 18.78 0.42 34.81
C ASP I 30 19.72 -0.73 34.49
N LEU I 31 20.79 -0.91 35.27
CA LEU I 31 21.61 -2.12 35.16
C LEU I 31 20.75 -3.36 35.32
N GLU I 32 19.91 -3.36 36.36
CA GLU I 32 18.97 -4.45 36.58
C GLU I 32 17.98 -4.60 35.43
N LYS I 33 17.81 -3.57 34.61
CA LYS I 33 17.04 -3.66 33.38
C LYS I 33 17.91 -3.91 32.16
N ALA I 34 19.21 -3.59 32.23
CA ALA I 34 20.12 -3.87 31.14
C ALA I 34 20.56 -5.33 31.17
N LEU I 35 21.00 -5.79 32.33
CA LEU I 35 21.32 -7.19 32.55
C LEU I 35 20.18 -8.09 32.14
N ARG I 36 19.02 -7.87 32.71
CA ARG I 36 17.83 -8.63 32.35
C ARG I 36 17.42 -8.43 30.90
N THR I 37 17.90 -7.38 30.24
CA THR I 37 17.64 -7.20 28.82
C THR I 37 18.70 -7.85 27.95
N ALA I 38 19.94 -7.91 28.42
CA ALA I 38 20.97 -8.61 27.67
C ALA I 38 20.73 -10.11 27.68
N GLU I 39 20.30 -10.64 28.83
CA GLU I 39 20.00 -12.07 28.94
C GLU I 39 18.93 -12.49 27.96
N GLU I 40 17.96 -11.62 27.69
CA GLU I 40 17.00 -11.90 26.63
C GLU I 40 17.69 -12.12 25.29
N ALA I 41 18.59 -11.22 24.92
CA ALA I 41 19.27 -11.34 23.64
C ALA I 41 20.12 -12.60 23.58
N ALA I 42 20.66 -13.02 24.71
CA ALA I 42 21.39 -14.28 24.77
C ALA I 42 20.47 -15.48 24.70
N ARG I 43 19.20 -15.31 25.01
CA ARG I 43 18.21 -16.37 24.91
C ARG I 43 17.38 -16.30 23.64
N GLU I 44 17.22 -15.11 23.07
CA GLU I 44 16.56 -14.98 21.78
C GLU I 44 17.49 -15.28 20.62
N ALA I 45 18.80 -15.33 20.87
CA ALA I 45 19.74 -15.68 19.82
C ALA I 45 19.82 -17.18 19.60
N VAL I 46 19.77 -17.95 20.69
CA VAL I 46 19.75 -19.38 20.55
C VAL I 46 18.49 -19.85 19.84
N LYS I 47 17.38 -19.13 20.03
CA LYS I 47 16.16 -19.46 19.33
C LYS I 47 16.32 -19.29 17.83
N VAL I 48 17.25 -18.44 17.41
CA VAL I 48 17.54 -18.25 15.99
C VAL I 48 18.42 -19.38 15.48
N LEU I 49 19.61 -19.49 16.06
CA LEU I 49 20.57 -20.51 15.72
C LEU I 49 19.95 -21.89 15.68
N VAL I 50 19.13 -22.22 16.68
CA VAL I 50 18.53 -23.54 16.73
C VAL I 50 17.58 -23.77 15.57
N GLN I 51 16.94 -22.70 15.09
CA GLN I 51 16.14 -22.83 13.88
C GLN I 51 17.03 -23.00 12.65
N ALA I 52 18.23 -22.44 12.69
CA ALA I 52 19.11 -22.41 11.54
C ALA I 52 20.04 -23.61 11.48
N LEU I 53 20.28 -24.28 12.60
CA LEU I 53 21.04 -25.52 12.57
C LEU I 53 20.21 -26.67 12.00
N LEU I 54 18.89 -26.56 12.05
CA LEU I 54 18.03 -27.57 11.45
C LEU I 54 18.04 -27.43 9.92
N GLU I 55 17.77 -26.22 9.44
CA GLU I 55 18.08 -25.89 8.07
C GLU I 55 19.58 -25.94 7.85
N GLY I 56 19.97 -25.91 6.59
CA GLY I 56 21.37 -25.86 6.22
C GLY I 56 21.82 -24.43 5.97
N ASP I 57 21.66 -23.58 6.98
CA ASP I 57 21.96 -22.14 6.88
C ASP I 57 22.96 -21.78 7.97
N PRO I 58 24.24 -22.09 7.76
CA PRO I 58 25.24 -21.70 8.75
C PRO I 58 25.65 -20.25 8.64
N GLU I 59 25.49 -19.64 7.47
CA GLU I 59 25.79 -18.23 7.30
C GLU I 59 24.93 -17.37 8.22
N VAL I 60 23.73 -17.85 8.57
CA VAL I 60 22.90 -17.16 9.54
C VAL I 60 23.32 -17.53 10.95
N ALA I 61 23.80 -18.76 11.16
CA ALA I 61 24.21 -19.20 12.48
C ALA I 61 25.35 -18.34 13.02
N LEU I 62 26.36 -18.12 12.19
CA LEU I 62 27.50 -17.34 12.60
C LEU I 62 27.14 -15.90 12.89
N ARG I 63 26.09 -15.40 12.25
CA ARG I 63 25.59 -14.06 12.54
C ARG I 63 24.73 -14.02 13.79
N ALA I 64 24.49 -15.16 14.43
CA ALA I 64 23.86 -15.23 15.73
C ALA I 64 24.85 -15.43 16.85
N VAL I 65 25.82 -16.31 16.64
CA VAL I 65 26.86 -16.51 17.65
C VAL I 65 27.68 -15.25 17.79
N GLU I 66 27.87 -14.52 16.69
CA GLU I 66 28.55 -13.24 16.77
C GLU I 66 27.77 -12.24 17.63
N LEU I 67 26.46 -12.43 17.80
CA LEU I 67 25.69 -11.58 18.68
C LEU I 67 25.86 -12.02 20.13
N VAL I 68 25.87 -13.33 20.35
CA VAL I 68 25.93 -13.86 21.70
C VAL I 68 27.27 -13.51 22.32
N VAL I 69 28.31 -13.36 21.51
CA VAL I 69 29.59 -12.90 22.02
C VAL I 69 29.52 -11.43 22.36
N ARG I 70 28.79 -10.65 21.57
CA ARG I 70 28.64 -9.24 21.89
C ARG I 70 27.84 -9.01 23.16
N VAL I 71 27.08 -10.01 23.60
CA VAL I 71 26.38 -9.94 24.86
C VAL I 71 27.31 -10.26 26.02
N ALA I 72 28.25 -11.16 25.80
CA ALA I 72 29.21 -11.50 26.84
C ALA I 72 30.20 -10.36 27.05
N GLU I 73 30.58 -9.68 25.98
CA GLU I 73 31.32 -8.44 26.11
C GLU I 73 30.52 -7.41 26.88
N LEU I 74 29.22 -7.32 26.58
CA LEU I 74 28.34 -6.36 27.25
C LEU I 74 28.24 -6.66 28.73
N LEU I 75 27.94 -7.92 29.07
CA LEU I 75 27.76 -8.32 30.45
C LEU I 75 29.04 -8.24 31.26
N LEU I 76 30.17 -8.08 30.62
CA LEU I 76 31.40 -7.73 31.32
C LEU I 76 31.48 -6.25 31.62
N ARG I 77 30.95 -5.40 30.74
CA ARG I 77 30.98 -3.97 30.98
C ARG I 77 30.01 -3.55 32.07
N ILE I 78 29.11 -4.45 32.48
CA ILE I 78 28.24 -4.18 33.61
C ILE I 78 28.93 -4.52 34.92
N ALA I 79 29.58 -5.68 34.98
CA ALA I 79 30.26 -6.08 36.20
C ALA I 79 31.34 -5.10 36.60
N LYS I 80 32.03 -4.49 35.64
CA LYS I 80 32.98 -3.44 35.98
C LYS I 80 32.28 -2.25 36.61
N GLU I 81 31.05 -1.99 36.18
CA GLU I 81 30.29 -0.87 36.73
C GLU I 81 29.73 -1.20 38.10
N SER I 82 28.88 -2.22 38.18
CA SER I 82 28.24 -2.56 39.44
C SER I 82 29.24 -3.13 40.44
N GLY I 83 30.19 -3.92 39.96
CA GLY I 83 31.00 -4.73 40.84
C GLY I 83 30.33 -5.98 41.32
N SER I 84 29.18 -6.34 40.75
CA SER I 84 28.45 -7.51 41.18
C SER I 84 29.15 -8.79 40.74
N ARG I 85 28.66 -9.90 41.30
CA ARG I 85 29.09 -11.23 40.91
C ARG I 85 27.97 -12.03 40.26
N GLU I 86 26.76 -11.48 40.16
CA GLU I 86 25.66 -12.15 39.49
C GLU I 86 25.56 -11.77 38.03
N ALA I 87 26.22 -10.69 37.61
CA ALA I 87 26.34 -10.34 36.21
C ALA I 87 27.60 -10.91 35.59
N LEU I 88 28.72 -10.81 36.30
CA LEU I 88 29.96 -11.40 35.84
C LEU I 88 29.81 -12.89 35.64
N LEU I 89 29.12 -13.54 36.57
CA LEU I 89 28.90 -14.97 36.55
C LEU I 89 27.81 -15.37 35.57
N ARG I 90 27.13 -14.40 34.95
CA ARG I 90 26.25 -14.64 33.83
C ARG I 90 27.01 -14.62 32.51
N ALA I 91 28.09 -13.85 32.42
CA ALA I 91 28.84 -13.75 31.19
C ALA I 91 29.64 -15.01 30.92
N LEU I 92 30.09 -15.70 31.96
CA LEU I 92 30.78 -16.96 31.78
C LEU I 92 29.83 -18.05 31.32
N ILE I 93 28.53 -17.84 31.47
CA ILE I 93 27.55 -18.78 30.95
C ILE I 93 27.28 -18.50 29.48
N VAL I 94 27.10 -17.22 29.14
CA VAL I 94 26.91 -16.87 27.74
C VAL I 94 28.17 -17.14 26.94
N ALA I 95 29.33 -17.10 27.58
CA ALA I 95 30.59 -17.34 26.89
C ALA I 95 30.82 -18.82 26.65
N GLU I 96 30.58 -19.66 27.67
CA GLU I 96 30.52 -21.09 27.43
C GLU I 96 29.44 -21.43 26.43
N GLU I 97 28.31 -20.73 26.50
CA GLU I 97 27.20 -20.98 25.60
C GLU I 97 27.59 -20.74 24.16
N ALA I 98 28.34 -19.67 23.89
CA ALA I 98 28.74 -19.37 22.53
C ALA I 98 29.91 -20.20 22.04
N ALA I 99 30.54 -20.97 22.92
CA ALA I 99 31.55 -21.94 22.51
C ALA I 99 30.93 -23.29 22.24
N LYS I 100 30.02 -23.71 23.10
CA LYS I 100 29.24 -24.92 22.90
C LYS I 100 28.30 -24.83 21.71
N LEU I 101 28.08 -23.63 21.19
CA LEU I 101 27.29 -23.40 19.98
C LEU I 101 28.12 -23.29 18.73
N ALA I 102 29.30 -22.69 18.80
CA ALA I 102 30.17 -22.63 17.63
C ALA I 102 30.59 -24.03 17.21
N LYS I 103 30.83 -24.91 18.17
CA LYS I 103 31.08 -26.31 17.85
C LYS I 103 29.89 -26.92 17.13
N MET I 104 28.68 -26.49 17.48
CA MET I 104 27.48 -27.05 16.87
C MET I 104 27.28 -26.58 15.44
N VAL I 105 27.96 -25.53 15.03
CA VAL I 105 27.95 -25.10 13.64
C VAL I 105 29.03 -25.80 12.83
N LEU I 106 30.21 -25.94 13.43
CA LEU I 106 31.26 -26.77 12.85
C LEU I 106 30.75 -28.15 12.49
N GLU I 107 29.95 -28.75 13.38
CA GLU I 107 29.34 -30.04 13.06
C GLU I 107 28.46 -29.95 11.82
N LEU I 108 27.76 -28.84 11.66
CA LEU I 108 26.91 -28.67 10.48
C LEU I 108 27.71 -28.54 9.20
N ALA I 109 28.96 -28.10 9.29
CA ALA I 109 29.78 -27.95 8.10
C ALA I 109 30.42 -29.27 7.69
N GLU I 110 30.68 -30.16 8.65
CA GLU I 110 31.31 -31.43 8.32
C GLU I 110 30.42 -32.26 7.42
N LYS I 111 29.10 -32.22 7.64
CA LYS I 111 28.20 -32.94 6.77
C LYS I 111 28.00 -32.21 5.45
N GLN I 112 27.91 -30.88 5.49
CA GLN I 112 27.83 -30.09 4.27
C GLN I 112 29.17 -29.97 3.55
N GLY I 113 30.28 -30.12 4.25
CA GLY I 113 31.57 -29.91 3.65
C GLY I 113 31.82 -28.47 3.26
N ASP I 114 31.99 -27.60 4.27
CA ASP I 114 32.20 -26.17 4.05
C ASP I 114 33.32 -25.70 4.95
N PRO I 115 34.58 -25.92 4.57
CA PRO I 115 35.70 -25.51 5.43
C PRO I 115 35.78 -24.03 5.69
N GLU I 116 35.39 -23.19 4.73
CA GLU I 116 35.38 -21.75 4.99
C GLU I 116 34.33 -21.38 6.02
N VAL I 117 33.26 -22.18 6.12
CA VAL I 117 32.23 -21.96 7.12
C VAL I 117 32.56 -22.65 8.43
N ALA I 118 33.43 -23.65 8.40
CA ALA I 118 33.87 -24.30 9.62
C ALA I 118 34.97 -23.51 10.31
N LEU I 119 35.76 -22.77 9.53
CA LEU I 119 36.89 -22.04 10.08
C LEU I 119 36.46 -20.74 10.71
N ARG I 120 35.42 -20.11 10.18
CA ARG I 120 34.86 -18.93 10.82
C ARG I 120 34.36 -19.25 12.22
N ALA I 121 33.87 -20.47 12.43
CA ALA I 121 33.38 -20.85 13.75
C ALA I 121 34.51 -20.91 14.76
N VAL I 122 35.63 -21.50 14.39
CA VAL I 122 36.73 -21.66 15.33
C VAL I 122 37.30 -20.30 15.71
N GLU I 123 37.22 -19.32 14.82
CA GLU I 123 37.59 -17.96 15.17
C GLU I 123 36.68 -17.42 16.27
N LEU I 124 35.38 -17.75 16.21
CA LEU I 124 34.48 -17.28 17.25
C LEU I 124 34.81 -17.91 18.59
N VAL I 125 35.26 -19.16 18.58
CA VAL I 125 35.65 -19.81 19.82
C VAL I 125 36.90 -19.17 20.38
N VAL I 126 37.77 -18.66 19.52
CA VAL I 126 38.97 -18.00 19.98
C VAL I 126 38.67 -16.59 20.46
N ARG I 127 37.63 -15.95 19.93
CA ARG I 127 37.17 -14.71 20.52
C ARG I 127 36.66 -14.92 21.94
N VAL I 128 36.16 -16.13 22.22
CA VAL I 128 35.67 -16.43 23.56
C VAL I 128 36.83 -16.69 24.51
N ALA I 129 37.78 -17.51 24.09
CA ALA I 129 38.94 -17.76 24.93
C ALA I 129 39.75 -16.48 25.14
N GLU I 130 39.74 -15.59 24.17
CA GLU I 130 40.38 -14.29 24.33
C GLU I 130 39.53 -13.33 25.14
N LEU I 131 38.24 -13.63 25.28
CA LEU I 131 37.36 -12.82 26.11
C LEU I 131 37.48 -13.19 27.58
N LEU I 132 37.54 -14.48 27.88
CA LEU I 132 37.60 -14.92 29.26
C LEU I 132 38.89 -14.48 29.93
N LEU I 133 39.95 -14.26 29.16
CA LEU I 133 41.12 -13.57 29.67
C LEU I 133 40.74 -12.21 30.22
N ARG I 134 40.06 -11.40 29.42
CA ARG I 134 39.69 -10.05 29.85
C ARG I 134 38.79 -10.10 31.08
N ILE I 135 38.04 -11.18 31.25
CA ILE I 135 37.28 -11.36 32.48
C ILE I 135 38.19 -11.77 33.62
N ALA I 136 39.18 -12.62 33.34
CA ALA I 136 40.04 -13.15 34.38
C ALA I 136 41.10 -12.15 34.82
N LYS I 137 41.65 -11.38 33.88
CA LYS I 137 42.67 -10.40 34.24
C LYS I 137 42.06 -9.19 34.91
N GLU I 138 40.93 -8.71 34.38
CA GLU I 138 40.21 -7.61 35.01
C GLU I 138 39.74 -7.99 36.41
N SER I 139 38.85 -8.98 36.48
CA SER I 139 38.26 -9.36 37.76
C SER I 139 39.29 -9.98 38.69
N GLY I 140 40.29 -10.66 38.14
CA GLY I 140 41.14 -11.51 38.95
C GLY I 140 40.53 -12.85 39.28
N SER I 141 39.42 -13.20 38.66
CA SER I 141 38.75 -14.45 38.96
C SER I 141 39.56 -15.64 38.44
N GLU I 142 39.31 -16.79 39.06
CA GLU I 142 40.00 -18.02 38.73
C GLU I 142 39.12 -18.99 37.96
N GLU I 143 37.80 -18.90 38.15
CA GLU I 143 36.90 -19.82 37.48
C GLU I 143 36.80 -19.54 35.99
N ALA I 144 37.27 -18.37 35.53
CA ALA I 144 37.34 -18.09 34.11
C ALA I 144 38.55 -18.76 33.47
N LEU I 145 39.71 -18.63 34.11
CA LEU I 145 40.92 -19.25 33.58
C LEU I 145 40.78 -20.75 33.46
N GLU I 146 40.04 -21.37 34.38
CA GLU I 146 39.74 -22.78 34.24
C GLU I 146 38.94 -23.04 32.97
N ARG I 147 38.13 -22.07 32.54
CA ARG I 147 37.32 -22.23 31.34
C ARG I 147 38.08 -21.82 30.09
N ALA I 148 38.89 -20.77 30.18
CA ALA I 148 39.65 -20.32 29.02
C ALA I 148 40.59 -21.41 28.53
N LEU I 149 41.14 -22.21 29.44
CA LEU I 149 41.91 -23.37 29.03
C LEU I 149 41.01 -24.44 28.45
N ARG I 150 39.83 -24.60 29.02
CA ARG I 150 38.85 -25.54 28.49
C ARG I 150 38.42 -25.14 27.09
N VAL I 151 38.07 -23.88 26.90
CA VAL I 151 37.60 -23.42 25.61
C VAL I 151 38.73 -23.39 24.60
N ALA I 152 39.95 -23.10 25.05
CA ALA I 152 41.06 -22.97 24.11
C ALA I 152 41.46 -24.33 23.55
N GLU I 153 41.62 -25.33 24.41
CA GLU I 153 41.84 -26.69 23.90
C GLU I 153 40.63 -27.20 23.15
N GLU I 154 39.44 -26.74 23.51
CA GLU I 154 38.24 -27.06 22.75
C GLU I 154 38.26 -26.47 21.34
N ALA I 155 39.23 -25.61 21.01
CA ALA I 155 39.45 -25.13 19.66
C ALA I 155 40.60 -25.81 18.96
N ALA I 156 41.70 -26.06 19.67
CA ALA I 156 42.83 -26.75 19.04
C ALA I 156 42.45 -28.15 18.62
N ARG I 157 41.48 -28.76 19.31
CA ARG I 157 40.92 -30.02 18.86
C ARG I 157 40.10 -29.88 17.59
N LEU I 158 39.64 -28.66 17.28
CA LEU I 158 38.80 -28.42 16.12
C LEU I 158 39.57 -27.93 14.90
N ALA I 159 40.64 -27.16 15.10
CA ALA I 159 41.51 -26.82 13.99
C ALA I 159 42.08 -28.07 13.35
N LYS I 160 42.43 -29.05 14.17
CA LYS I 160 42.79 -30.36 13.65
C LYS I 160 41.62 -30.97 12.90
N ARG I 161 40.41 -30.79 13.44
CA ARG I 161 39.22 -31.39 12.84
C ARG I 161 38.81 -30.67 11.58
N VAL I 162 39.13 -29.37 11.48
CA VAL I 162 38.90 -28.65 10.22
C VAL I 162 39.90 -29.10 9.17
N LEU I 163 41.12 -29.41 9.59
CA LEU I 163 42.13 -29.83 8.65
C LEU I 163 41.79 -31.18 8.03
N GLU I 164 41.02 -32.00 8.73
CA GLU I 164 40.57 -33.28 8.20
C GLU I 164 39.55 -33.13 7.07
N LEU I 165 39.03 -31.92 6.85
CA LEU I 165 38.11 -31.66 5.74
C LEU I 165 38.85 -31.15 4.52
N ALA I 166 39.73 -30.16 4.73
CA ALA I 166 40.59 -29.69 3.66
C ALA I 166 41.35 -30.84 3.02
N GLU I 167 41.98 -31.67 3.83
CA GLU I 167 42.65 -32.86 3.33
C GLU I 167 41.70 -33.82 2.64
N GLU I 168 40.42 -33.78 2.98
CA GLU I 168 39.44 -34.66 2.37
C GLU I 168 38.94 -34.12 1.04
N GLN I 169 38.85 -32.80 0.90
CA GLN I 169 38.28 -32.17 -0.28
C GLN I 169 39.33 -31.64 -1.25
N GLY I 170 40.62 -31.77 -0.92
CA GLY I 170 41.65 -31.27 -1.80
C GLY I 170 41.61 -29.76 -1.91
N ASP I 171 41.50 -29.08 -0.77
CA ASP I 171 41.55 -27.63 -0.67
C ASP I 171 42.75 -27.29 0.18
N PRO I 172 43.96 -27.31 -0.39
CA PRO I 172 45.17 -27.24 0.45
C PRO I 172 45.32 -25.95 1.22
N LEU I 173 44.59 -24.91 0.87
CA LEU I 173 44.85 -23.58 1.39
C LEU I 173 44.08 -23.29 2.67
N VAL I 174 42.88 -23.83 2.82
CA VAL I 174 42.16 -23.63 4.07
C VAL I 174 42.87 -24.38 5.19
N ALA I 175 43.54 -25.48 4.85
CA ALA I 175 44.42 -26.15 5.81
C ALA I 175 45.48 -25.19 6.33
N LYS I 176 46.25 -24.60 5.43
CA LYS I 176 47.15 -23.51 5.80
C LYS I 176 46.42 -22.44 6.60
N MET I 177 45.20 -22.11 6.20
CA MET I 177 44.42 -21.09 6.88
C MET I 177 43.93 -21.59 8.23
N ALA I 178 44.08 -22.89 8.51
CA ALA I 178 43.77 -23.51 9.79
C ALA I 178 45.00 -23.90 10.58
N VAL I 179 46.08 -24.32 9.91
CA VAL I 179 47.32 -24.60 10.60
C VAL I 179 47.84 -23.35 11.30
N GLU I 180 47.81 -22.22 10.60
CA GLU I 180 48.18 -20.95 11.20
C GLU I 180 47.21 -20.51 12.28
N LEU I 181 46.02 -21.11 12.33
CA LEU I 181 45.11 -20.81 13.42
C LEU I 181 45.61 -21.38 14.73
N VAL I 182 46.14 -22.62 14.69
CA VAL I 182 46.67 -23.24 15.89
C VAL I 182 47.82 -22.44 16.46
N LYS I 183 48.55 -21.72 15.60
CA LYS I 183 49.55 -20.79 16.10
C LYS I 183 48.91 -19.69 16.92
N ARG I 184 47.73 -19.23 16.51
CA ARG I 184 47.00 -18.24 17.27
C ARG I 184 46.41 -18.81 18.55
N VAL I 185 46.27 -20.13 18.61
CA VAL I 185 45.88 -20.79 19.84
C VAL I 185 47.07 -20.93 20.78
N ALA I 186 48.17 -21.47 20.26
CA ALA I 186 49.35 -21.70 21.09
C ALA I 186 49.88 -20.40 21.67
N GLU I 187 49.80 -19.32 20.90
CA GLU I 187 50.15 -18.00 21.44
C GLU I 187 49.21 -17.62 22.58
N LEU I 188 47.96 -18.07 22.52
CA LEU I 188 47.00 -17.71 23.55
C LEU I 188 47.29 -18.46 24.85
N LEU I 189 47.43 -19.78 24.75
CA LEU I 189 47.69 -20.59 25.93
C LEU I 189 48.96 -20.18 26.65
N GLU I 190 49.98 -19.75 25.91
CA GLU I 190 51.16 -19.17 26.53
C GLU I 190 50.79 -17.95 27.36
N ARG I 191 49.84 -17.15 26.87
CA ARG I 191 49.43 -15.96 27.60
C ARG I 191 48.76 -16.34 28.91
N ILE I 192 48.15 -17.52 28.96
CA ILE I 192 47.55 -18.04 30.18
C ILE I 192 48.59 -18.59 31.14
N ALA I 193 49.82 -18.79 30.69
CA ALA I 193 50.93 -19.12 31.58
C ALA I 193 51.65 -17.86 32.07
N ARG I 194 51.86 -16.88 31.18
CA ARG I 194 52.53 -15.65 31.57
C ARG I 194 51.79 -14.96 32.71
N GLU I 195 50.54 -14.57 32.46
CA GLU I 195 49.63 -14.23 33.53
C GLU I 195 48.97 -15.50 34.02
N SER I 196 48.64 -15.53 35.31
CA SER I 196 48.18 -16.76 35.98
C SER I 196 49.29 -17.81 35.94
N GLY I 197 50.42 -17.47 36.56
CA GLY I 197 51.59 -18.34 36.57
C GLY I 197 51.33 -19.71 37.13
N SER I 198 51.58 -20.73 36.34
CA SER I 198 51.37 -22.12 36.74
C SER I 198 52.11 -23.00 35.74
N GLU I 199 51.85 -24.31 35.83
CA GLU I 199 52.46 -25.30 34.94
C GLU I 199 51.49 -25.89 33.95
N GLU I 200 50.21 -26.02 34.32
CA GLU I 200 49.21 -26.52 33.38
C GLU I 200 49.10 -25.62 32.16
N ALA I 201 49.13 -24.30 32.37
CA ALA I 201 49.13 -23.38 31.24
C ALA I 201 50.34 -23.60 30.36
N LYS I 202 51.54 -23.59 30.96
CA LYS I 202 52.75 -23.84 30.19
C LYS I 202 52.74 -25.23 29.58
N GLU I 203 52.25 -26.22 30.33
CA GLU I 203 52.18 -27.58 29.83
C GLU I 203 51.22 -27.68 28.66
N ARG I 204 49.96 -27.33 28.89
CA ARG I 204 48.94 -27.43 27.85
C ARG I 204 49.29 -26.56 26.65
N ALA I 205 49.88 -25.39 26.89
CA ALA I 205 50.40 -24.58 25.79
C ALA I 205 51.50 -25.31 25.04
N GLU I 206 52.28 -26.13 25.75
CA GLU I 206 53.36 -26.87 25.10
C GLU I 206 52.85 -28.10 24.38
N ARG I 207 51.73 -28.68 24.84
CA ARG I 207 51.13 -29.79 24.12
C ARG I 207 50.61 -29.35 22.76
N VAL I 208 50.17 -28.09 22.67
CA VAL I 208 49.58 -27.59 21.44
C VAL I 208 50.64 -27.15 20.45
N ARG I 209 51.74 -26.56 20.94
CA ARG I 209 52.81 -26.17 20.04
C ARG I 209 53.43 -27.37 19.35
N GLU I 210 53.38 -28.55 19.99
CA GLU I 210 53.76 -29.77 19.31
C GLU I 210 52.68 -30.24 18.34
N GLU I 211 51.42 -29.98 18.68
CA GLU I 211 50.32 -30.31 17.79
C GLU I 211 50.24 -29.34 16.61
N ALA I 212 50.84 -28.14 16.79
CA ALA I 212 51.20 -27.28 15.64
C ALA I 212 52.29 -27.94 14.80
N ARG I 213 53.39 -28.34 15.44
CA ARG I 213 54.47 -28.98 14.71
C ARG I 213 54.06 -30.33 14.15
N GLU I 214 53.07 -30.99 14.77
CA GLU I 214 52.48 -32.16 14.13
C GLU I 214 51.85 -31.79 12.79
N LEU I 215 51.27 -30.59 12.72
CA LEU I 215 50.66 -30.09 11.48
C LEU I 215 51.75 -29.39 10.67
N GLN I 216 52.70 -30.21 10.22
CA GLN I 216 53.88 -29.82 9.47
C GLN I 216 53.50 -29.70 8.00
N GLU I 217 54.50 -29.71 7.11
CA GLU I 217 54.32 -29.88 5.66
C GLU I 217 53.62 -31.17 5.25
N ARG I 218 53.16 -31.98 6.22
CA ARG I 218 52.02 -32.87 6.05
C ARG I 218 50.97 -32.25 5.13
N VAL I 219 50.62 -31.00 5.39
CA VAL I 219 49.68 -30.28 4.51
C VAL I 219 50.27 -30.14 3.11
N LYS I 220 51.59 -29.92 3.01
CA LYS I 220 52.22 -29.80 1.69
C LYS I 220 52.23 -31.10 0.91
N GLU I 221 52.01 -32.24 1.58
CA GLU I 221 52.01 -33.52 0.89
C GLU I 221 50.87 -33.64 -0.13
N LEU I 222 49.87 -32.77 -0.08
CA LEU I 222 48.64 -32.97 -0.83
C LEU I 222 48.70 -32.35 -2.23
N ARG I 223 49.23 -31.15 -2.37
CA ARG I 223 49.20 -30.43 -3.65
C ARG I 223 50.39 -30.77 -4.53
N GLU I 224 50.69 -32.06 -4.71
CA GLU I 224 51.82 -32.51 -5.51
C GLU I 224 51.38 -33.31 -6.72
N ARG I 225 50.19 -33.05 -7.25
CA ARG I 225 49.67 -33.75 -8.42
C ARG I 225 49.95 -32.94 -9.69
#